data_7ZJ7
#
_entry.id   7ZJ7
#
loop_
_entity.id
_entity.type
_entity.pdbx_description
1 polymer Hemagglutinin,Fibritin
2 branched 2-acetamido-2-deoxy-beta-D-glucopyranose-(1-4)-2-acetamido-2-deoxy-beta-D-glucopyranose
3 branched beta-D-mannopyranose-(1-4)-2-acetamido-2-deoxy-beta-D-glucopyranose-(1-4)-[alpha-L-fucopyranose-(1-6)]2-acetamido-2-deoxy-beta-D-glucopyranose
4 branched beta-D-mannopyranose-(1-4)-2-acetamido-2-deoxy-beta-D-glucopyranose-(1-4)-2-acetamido-2-deoxy-beta-D-glucopyranose
5 non-polymer 2-acetamido-2-deoxy-beta-D-glucopyranose
#
_entity_poly.entity_id   1
_entity_poly.type   'polypeptide(L)'
_entity_poly.pdbx_seq_one_letter_code
;QDLPGNDNSTATLCLGHHAVPNGTLVKTITDDQIEVTNATELVQSSSTGKICNNPHRILDGIDCTLIDALLGDPHCDVFQ
NETWDLFVERSKAFSNCYPYDVPDYASLRSLVASSGTLEFITEGFTWTGVTQNGGSNACKRGPGSGFFSRLNWLTKSGST
YPVLNVTMPNNDNFDKLYIWGIHHPSTNQEQTSLYVQASGRVTVSTRRSQQTIIPNIGSRPWVRGLSSRISIYWTIVKPG
DVLVINSNGNLIAPRGYFKMRTGKSSIMRSDAPIDTCISECITPNGSIPNDKPFQNVNKITYGACPKYVKQNTLKLATGM
RNVPEKQTRGLFGAIAGFIENGWEGMIDGWYGFRHQNSEGTGQAADLKSTQAAIDQINGKLNRVIEKTNEKFHQIEKEFS
EVEGRIQDLEKYVEDTKIDLWSYNAELLVALENQHTIDLTDSEMNKLFEKTRRQLRENAEEMGNGCFKIYHKCDNACIES
IRNGTYDHDVYRDEALNNRFQIKGGGRENLYFQGGGGSGYIPEAPRDGQAYVRKDGEWVLLSTFLGHHHHHHHH
;
_entity_poly.pdbx_strand_id   A,B,C
#
# COMPACT_ATOMS: atom_id res chain seq x y z
N CYS A 14 35.17 36.91 28.39
CA CYS A 14 34.50 36.01 27.40
C CYS A 14 33.03 35.73 27.77
N LEU A 15 32.30 35.13 26.82
CA LEU A 15 31.00 34.46 27.02
C LEU A 15 31.11 33.06 26.39
N GLY A 16 32.24 32.37 26.61
CA GLY A 16 32.75 31.31 25.73
C GLY A 16 32.13 29.93 25.96
N HIS A 17 30.97 29.83 26.61
CA HIS A 17 30.16 28.58 26.73
C HIS A 17 30.91 27.45 27.46
N HIS A 18 32.06 27.72 28.09
CA HIS A 18 32.71 26.85 29.12
C HIS A 18 33.09 25.45 28.60
N ALA A 19 33.27 25.24 27.29
CA ALA A 19 34.11 24.19 26.68
C ALA A 19 33.73 22.77 27.14
N VAL A 20 32.43 22.48 27.27
CA VAL A 20 31.93 21.22 27.93
C VAL A 20 32.64 20.01 27.33
N PRO A 21 33.30 19.16 28.15
CA PRO A 21 34.13 18.09 27.63
C PRO A 21 33.27 16.92 27.13
N ASN A 22 33.73 16.27 26.08
CA ASN A 22 33.13 14.98 25.65
C ASN A 22 31.64 15.15 25.32
N GLY A 23 31.29 16.21 24.58
CA GLY A 23 29.99 16.33 23.90
C GLY A 23 29.84 15.32 22.76
N THR A 24 28.77 15.39 21.98
CA THR A 24 28.49 14.33 20.96
C THR A 24 27.93 14.91 19.66
N LEU A 25 27.76 14.00 18.69
CA LEU A 25 27.26 14.25 17.32
C LEU A 25 25.73 14.43 17.25
N VAL A 26 25.30 15.25 16.29
CA VAL A 26 23.88 15.45 15.90
C VAL A 26 23.89 15.57 14.38
N LYS A 27 22.87 15.07 13.69
CA LYS A 27 22.75 15.22 12.22
C LYS A 27 22.14 16.59 11.94
N THR A 28 22.63 17.28 10.91
CA THR A 28 22.02 18.53 10.37
C THR A 28 21.66 18.28 8.91
N ILE A 29 20.92 19.19 8.29
CA ILE A 29 20.43 19.00 6.91
C ILE A 29 21.60 19.07 5.92
N THR A 30 22.60 19.89 6.23
CA THR A 30 23.69 20.32 5.31
C THR A 30 25.03 19.70 5.68
N ASP A 31 25.53 20.02 6.88
CA ASP A 31 26.72 19.40 7.51
C ASP A 31 26.27 18.07 8.12
N ASP A 32 27.19 17.15 8.37
CA ASP A 32 26.91 15.89 9.10
C ASP A 32 27.92 15.81 10.25
N GLN A 33 27.54 15.11 11.32
CA GLN A 33 28.43 14.85 12.48
C GLN A 33 29.08 16.15 12.94
N ILE A 34 28.34 17.25 12.97
CA ILE A 34 28.73 18.46 13.76
C ILE A 34 28.53 18.08 15.24
N GLU A 35 29.28 18.73 16.15
CA GLU A 35 29.27 18.40 17.60
C GLU A 35 28.58 19.53 18.37
N VAL A 36 27.97 19.20 19.52
CA VAL A 36 27.18 20.14 20.37
C VAL A 36 27.54 19.89 21.84
N THR A 37 27.34 20.92 22.68
CA THR A 37 27.71 20.96 24.12
C THR A 37 27.07 19.80 24.86
N ASN A 38 25.75 19.74 24.85
CA ASN A 38 24.98 18.74 25.64
C ASN A 38 23.79 18.28 24.80
N ALA A 39 23.76 17.00 24.46
CA ALA A 39 22.76 16.41 23.55
C ALA A 39 21.85 15.47 24.34
N THR A 40 20.66 15.27 23.79
CA THR A 40 19.63 14.35 24.30
C THR A 40 19.42 13.23 23.29
N GLU A 41 19.19 12.01 23.78
CA GLU A 41 18.75 10.82 22.98
C GLU A 41 17.23 10.78 22.91
N LEU A 42 16.72 10.19 21.83
CA LEU A 42 15.29 10.23 21.53
C LEU A 42 14.81 8.87 21.12
N VAL A 43 15.58 7.81 21.32
CA VAL A 43 15.00 6.47 21.03
C VAL A 43 15.40 5.52 22.14
N GLN A 44 14.49 5.27 23.07
CA GLN A 44 14.67 4.32 24.19
C GLN A 44 14.85 2.92 23.61
N SER A 45 16.10 2.42 23.54
CA SER A 45 16.50 1.24 22.71
C SER A 45 16.74 -0.02 23.57
N SER A 46 16.57 0.08 24.88
CA SER A 46 17.06 -0.90 25.89
C SER A 46 15.89 -1.44 26.70
N SER A 47 15.97 -2.70 27.13
CA SER A 47 14.91 -3.39 27.92
C SER A 47 15.51 -4.13 29.13
N THR A 48 14.77 -4.14 30.25
CA THR A 48 15.13 -4.89 31.48
C THR A 48 14.99 -6.39 31.19
N GLY A 49 13.92 -6.75 30.47
CA GLY A 49 13.59 -8.15 30.13
C GLY A 49 12.37 -8.67 30.89
N LYS A 50 11.75 -7.87 31.76
CA LYS A 50 10.65 -8.32 32.65
C LYS A 50 9.39 -7.48 32.42
N ILE A 51 8.22 -8.04 32.75
CA ILE A 51 6.91 -7.34 32.70
C ILE A 51 6.48 -7.03 34.13
N CYS A 52 6.28 -5.74 34.43
CA CYS A 52 5.64 -5.22 35.66
C CYS A 52 4.28 -5.88 35.89
N ASN A 53 3.84 -5.98 37.15
CA ASN A 53 2.54 -6.55 37.55
C ASN A 53 1.53 -5.44 37.87
N ASN A 54 1.87 -4.18 37.56
CA ASN A 54 1.00 -2.99 37.79
C ASN A 54 1.36 -1.93 36.75
N PRO A 55 0.43 -1.02 36.35
CA PRO A 55 -0.91 -0.93 36.91
C PRO A 55 -1.91 -1.84 36.16
N HIS A 56 -1.48 -2.48 35.08
CA HIS A 56 -2.33 -3.42 34.32
C HIS A 56 -2.45 -4.75 35.06
N ARG A 57 -3.51 -5.47 34.72
CA ARG A 57 -3.81 -6.83 35.20
C ARG A 57 -3.22 -7.81 34.18
N ILE A 58 -2.02 -8.31 34.43
CA ILE A 58 -1.31 -9.24 33.50
C ILE A 58 -1.53 -10.66 33.98
N LEU A 59 -1.90 -11.56 33.07
CA LEU A 59 -2.22 -12.98 33.37
C LEU A 59 -1.22 -13.88 32.65
N ASP A 60 -0.60 -14.79 33.39
CA ASP A 60 0.46 -15.68 32.87
C ASP A 60 -0.16 -17.03 32.54
N GLY A 61 -0.38 -17.29 31.26
CA GLY A 61 -0.71 -18.64 30.73
C GLY A 61 0.52 -19.53 30.74
N ILE A 62 0.83 -20.10 31.92
CA ILE A 62 2.12 -20.79 32.20
C ILE A 62 2.30 -21.93 31.19
N ASP A 63 1.36 -22.87 31.13
CA ASP A 63 1.49 -24.04 30.22
C ASP A 63 0.26 -24.19 29.32
N CYS A 64 -0.63 -23.20 29.25
CA CYS A 64 -1.79 -23.19 28.33
C CYS A 64 -1.78 -21.98 27.40
N THR A 65 -2.51 -22.11 26.29
CA THR A 65 -2.82 -21.04 25.30
C THR A 65 -4.19 -20.46 25.65
N LEU A 66 -4.67 -19.44 24.95
CA LEU A 66 -5.99 -18.87 25.32
C LEU A 66 -7.07 -19.89 24.97
N ILE A 67 -6.95 -20.55 23.82
CA ILE A 67 -7.91 -21.58 23.37
C ILE A 67 -8.02 -22.71 24.43
N ASP A 68 -6.92 -23.13 25.06
CA ASP A 68 -6.92 -24.29 26.00
C ASP A 68 -7.59 -23.92 27.33
N ALA A 69 -7.42 -22.67 27.77
CA ALA A 69 -8.09 -22.10 28.95
C ALA A 69 -9.59 -21.96 28.67
N LEU A 70 -9.93 -21.69 27.41
CA LEU A 70 -11.33 -21.51 26.97
C LEU A 70 -12.05 -22.85 27.09
N LEU A 71 -11.47 -23.90 26.48
CA LEU A 71 -12.10 -25.25 26.41
C LEU A 71 -12.14 -25.90 27.80
N GLY A 72 -11.17 -25.58 28.68
CA GLY A 72 -11.13 -26.05 30.08
C GLY A 72 -10.11 -27.18 30.31
N ASP A 73 -8.86 -27.00 29.85
CA ASP A 73 -7.82 -28.07 29.92
C ASP A 73 -7.68 -28.50 31.39
N PRO A 74 -7.57 -29.81 31.69
CA PRO A 74 -7.50 -30.30 33.07
C PRO A 74 -6.40 -29.69 33.93
N HIS A 75 -5.32 -29.19 33.31
CA HIS A 75 -4.15 -28.59 34.00
C HIS A 75 -4.21 -27.06 33.89
N CYS A 76 -5.35 -26.48 33.52
CA CYS A 76 -5.56 -25.01 33.48
C CYS A 76 -6.93 -24.66 34.07
N ASP A 77 -7.39 -25.47 35.01
CA ASP A 77 -8.64 -25.22 35.78
C ASP A 77 -8.40 -24.08 36.78
N VAL A 78 -7.17 -23.51 36.83
CA VAL A 78 -6.83 -22.33 37.67
C VAL A 78 -7.22 -21.03 36.94
N PHE A 79 -7.67 -21.09 35.69
CA PHE A 79 -8.03 -19.91 34.87
C PHE A 79 -9.55 -19.71 34.78
N GLN A 80 -10.34 -20.42 35.59
CA GLN A 80 -11.83 -20.38 35.52
C GLN A 80 -12.32 -19.05 36.08
N ASN A 81 -13.23 -18.38 35.35
CA ASN A 81 -13.69 -17.00 35.65
C ASN A 81 -12.47 -16.13 35.94
N GLU A 82 -11.49 -16.12 35.03
CA GLU A 82 -10.28 -15.29 35.18
C GLU A 82 -10.45 -14.03 34.33
N THR A 83 -9.96 -12.91 34.84
CA THR A 83 -10.12 -11.55 34.28
C THR A 83 -8.74 -10.99 33.97
N TRP A 84 -8.46 -10.73 32.71
CA TRP A 84 -7.18 -10.13 32.26
C TRP A 84 -7.42 -8.77 31.61
N ASP A 85 -6.46 -7.89 31.74
CA ASP A 85 -6.31 -6.71 30.87
C ASP A 85 -5.58 -7.17 29.61
N LEU A 86 -4.56 -8.02 29.76
CA LEU A 86 -3.67 -8.48 28.67
C LEU A 86 -3.33 -9.95 28.87
N PHE A 87 -3.47 -10.75 27.83
CA PHE A 87 -3.11 -12.19 27.88
C PHE A 87 -1.71 -12.41 27.31
N VAL A 88 -0.88 -13.17 28.01
CA VAL A 88 0.50 -13.52 27.55
C VAL A 88 0.56 -15.04 27.36
N GLU A 89 0.88 -15.48 26.14
CA GLU A 89 1.11 -16.91 25.82
C GLU A 89 2.61 -17.19 25.92
N ARG A 90 2.96 -18.35 26.46
CA ARG A 90 4.35 -18.89 26.47
C ARG A 90 4.49 -19.90 25.32
N SER A 91 5.72 -20.08 24.82
CA SER A 91 6.08 -21.07 23.78
C SER A 91 6.13 -22.48 24.38
N LYS A 92 6.47 -22.58 25.68
CA LYS A 92 6.61 -23.87 26.41
C LYS A 92 5.23 -24.46 26.73
N ALA A 93 4.14 -23.88 26.20
CA ALA A 93 2.75 -24.37 26.39
C ALA A 93 2.44 -25.45 25.36
N PHE A 94 1.51 -26.32 25.71
CA PHE A 94 1.08 -27.51 24.93
C PHE A 94 -0.33 -27.89 25.36
N SER A 95 -0.95 -28.85 24.67
CA SER A 95 -2.23 -29.50 25.06
C SER A 95 -1.93 -30.87 25.69
N ASN A 96 -2.64 -31.20 26.76
CA ASN A 96 -2.63 -32.56 27.39
C ASN A 96 -4.09 -32.97 27.59
N CYS A 97 -4.79 -33.12 26.46
CA CYS A 97 -6.20 -33.55 26.33
C CYS A 97 -6.41 -34.10 24.92
N TYR A 98 -7.66 -34.33 24.52
CA TYR A 98 -8.03 -34.85 23.18
C TYR A 98 -7.37 -33.99 22.11
N PRO A 99 -6.73 -34.58 21.07
CA PRO A 99 -6.17 -33.79 19.96
C PRO A 99 -7.28 -33.11 19.14
N TYR A 100 -7.14 -31.80 18.84
CA TYR A 100 -8.24 -30.99 18.25
C TYR A 100 -7.73 -30.12 17.09
N ASP A 101 -8.68 -29.45 16.44
CA ASP A 101 -8.50 -28.67 15.19
C ASP A 101 -9.53 -27.52 15.17
N VAL A 102 -9.09 -26.32 14.79
CA VAL A 102 -9.95 -25.10 14.69
C VAL A 102 -9.78 -24.51 13.30
N PRO A 103 -10.79 -24.67 12.41
CA PRO A 103 -10.82 -23.95 11.13
C PRO A 103 -11.02 -22.44 11.34
N ASP A 104 -10.09 -21.64 10.83
CA ASP A 104 -10.00 -20.17 11.08
C ASP A 104 -9.78 -19.98 12.58
N TYR A 105 -8.68 -20.54 13.08
CA TYR A 105 -8.22 -20.52 14.49
C TYR A 105 -8.04 -19.06 14.93
N ALA A 106 -7.42 -18.27 14.06
CA ALA A 106 -6.98 -16.87 14.33
C ALA A 106 -8.19 -15.99 14.69
N SER A 107 -9.29 -16.12 13.95
CA SER A 107 -10.50 -15.29 14.12
C SER A 107 -11.10 -15.51 15.52
N LEU A 108 -11.29 -16.78 15.89
CA LEU A 108 -11.86 -17.16 17.21
C LEU A 108 -11.02 -16.51 18.32
N ARG A 109 -9.69 -16.65 18.22
CA ARG A 109 -8.72 -16.24 19.28
C ARG A 109 -8.82 -14.72 19.48
N SER A 110 -8.85 -13.95 18.39
CA SER A 110 -8.89 -12.47 18.43
C SER A 110 -10.19 -12.00 19.08
N LEU A 111 -11.28 -12.76 18.91
CA LEU A 111 -12.60 -12.45 19.54
C LEU A 111 -12.50 -12.62 21.05
N VAL A 112 -11.97 -13.76 21.49
CA VAL A 112 -11.86 -14.10 22.93
C VAL A 112 -10.90 -13.10 23.56
N ALA A 113 -9.86 -12.75 22.82
CA ALA A 113 -8.76 -11.89 23.31
C ALA A 113 -9.32 -10.50 23.63
N SER A 114 -10.13 -9.97 22.72
CA SER A 114 -10.64 -8.57 22.77
C SER A 114 -11.70 -8.41 23.85
N SER A 115 -12.29 -9.52 24.34
CA SER A 115 -13.35 -9.55 25.38
C SER A 115 -12.77 -9.18 26.75
N GLY A 116 -11.72 -9.89 27.17
CA GLY A 116 -11.00 -9.64 28.43
C GLY A 116 -11.52 -10.47 29.58
N THR A 117 -12.33 -11.52 29.33
CA THR A 117 -12.98 -12.31 30.39
C THR A 117 -13.18 -13.76 29.97
N LEU A 118 -13.24 -14.66 30.94
CA LEU A 118 -13.69 -16.05 30.76
C LEU A 118 -14.82 -16.37 31.77
N GLU A 119 -15.79 -15.46 31.90
CA GLU A 119 -17.05 -15.73 32.66
C GLU A 119 -17.90 -16.71 31.85
N PHE A 120 -17.99 -17.97 32.31
CA PHE A 120 -18.79 -19.04 31.65
C PHE A 120 -20.10 -19.27 32.41
N ILE A 121 -21.22 -18.98 31.74
CA ILE A 121 -22.60 -19.10 32.31
C ILE A 121 -23.23 -20.40 31.80
N THR A 122 -23.45 -21.34 32.72
CA THR A 122 -24.02 -22.69 32.47
C THR A 122 -25.51 -22.55 32.09
N GLU A 123 -25.99 -23.40 31.16
CA GLU A 123 -27.39 -23.40 30.64
C GLU A 123 -28.01 -24.81 30.64
N GLY A 124 -29.34 -24.87 30.70
CA GLY A 124 -30.13 -26.11 30.78
C GLY A 124 -30.50 -26.66 29.41
N PHE A 125 -29.62 -27.50 28.84
CA PHE A 125 -29.92 -28.32 27.64
C PHE A 125 -30.52 -29.66 28.06
N THR A 126 -31.38 -30.21 27.20
CA THR A 126 -32.10 -31.50 27.40
C THR A 126 -31.66 -32.48 26.30
N TRP A 127 -30.79 -33.41 26.66
CA TRP A 127 -30.24 -34.43 25.74
C TRP A 127 -31.02 -35.72 25.98
N THR A 128 -32.17 -35.83 25.34
CA THR A 128 -33.02 -37.05 25.27
C THR A 128 -32.30 -38.07 24.40
N GLY A 129 -32.43 -39.37 24.74
CA GLY A 129 -32.03 -40.52 23.90
C GLY A 129 -30.54 -40.60 23.62
N VAL A 130 -29.68 -39.96 24.42
CA VAL A 130 -28.19 -40.06 24.31
C VAL A 130 -27.56 -40.21 25.70
N THR A 131 -26.33 -40.69 25.71
CA THR A 131 -25.45 -40.81 26.91
C THR A 131 -24.49 -39.61 26.94
N GLN A 132 -24.43 -38.94 28.09
CA GLN A 132 -23.64 -37.70 28.32
C GLN A 132 -22.27 -38.06 28.87
N ASN A 133 -21.34 -37.10 28.88
CA ASN A 133 -20.05 -37.19 29.61
C ASN A 133 -19.21 -38.33 29.03
N GLY A 134 -18.93 -38.26 27.72
CA GLY A 134 -17.99 -39.17 27.03
C GLY A 134 -16.59 -39.04 27.60
N GLY A 135 -15.87 -40.17 27.70
CA GLY A 135 -14.53 -40.25 28.33
C GLY A 135 -13.42 -40.46 27.30
N SER A 136 -12.20 -40.04 27.64
CA SER A 136 -10.95 -40.30 26.88
C SER A 136 -9.80 -40.56 27.87
N ASN A 137 -8.84 -41.41 27.48
CA ASN A 137 -7.65 -41.80 28.29
C ASN A 137 -6.45 -40.89 27.94
N ALA A 138 -6.59 -40.00 26.94
CA ALA A 138 -5.62 -38.96 26.57
C ALA A 138 -5.93 -37.65 27.32
N CYS A 139 -7.10 -37.57 27.96
CA CYS A 139 -7.57 -36.42 28.78
C CYS A 139 -8.05 -36.93 30.14
N LYS A 140 -7.32 -37.87 30.74
CA LYS A 140 -7.63 -38.37 32.11
C LYS A 140 -7.75 -37.13 32.99
N ARG A 141 -8.91 -36.92 33.61
CA ARG A 141 -9.12 -35.92 34.69
C ARG A 141 -8.88 -36.67 36.00
N GLY A 142 -7.98 -36.17 36.86
CA GLY A 142 -7.50 -36.88 38.05
C GLY A 142 -6.93 -38.25 37.69
N PRO A 143 -7.35 -39.35 38.35
CA PRO A 143 -6.85 -40.69 38.03
C PRO A 143 -7.59 -41.47 36.93
N GLY A 144 -8.90 -41.21 36.73
CA GLY A 144 -9.76 -41.89 35.74
C GLY A 144 -9.92 -41.08 34.47
N SER A 145 -10.51 -41.70 33.43
CA SER A 145 -10.79 -41.09 32.09
C SER A 145 -11.60 -39.80 32.25
N GLY A 146 -11.50 -38.88 31.29
CA GLY A 146 -12.18 -37.57 31.33
C GLY A 146 -12.23 -36.87 29.98
N PHE A 147 -12.47 -35.55 30.01
CA PHE A 147 -12.63 -34.66 28.82
C PHE A 147 -12.59 -33.19 29.27
N PHE A 148 -12.69 -32.26 28.32
CA PHE A 148 -12.81 -30.78 28.54
C PHE A 148 -14.05 -30.48 29.39
N SER A 149 -14.06 -29.32 30.06
CA SER A 149 -14.98 -28.97 31.19
C SER A 149 -16.15 -28.08 30.75
N ARG A 150 -16.19 -27.62 29.50
CA ARG A 150 -17.28 -26.75 28.98
C ARG A 150 -18.12 -27.50 27.94
N LEU A 151 -17.70 -28.70 27.54
CA LEU A 151 -18.26 -29.43 26.37
C LEU A 151 -18.87 -30.76 26.84
N ASN A 152 -19.92 -31.21 26.17
CA ASN A 152 -20.55 -32.52 26.46
C ASN A 152 -20.42 -33.41 25.20
N TRP A 153 -19.66 -34.50 25.32
CA TRP A 153 -19.50 -35.54 24.27
C TRP A 153 -20.64 -36.55 24.43
N LEU A 154 -21.70 -36.37 23.63
CA LEU A 154 -22.90 -37.24 23.65
C LEU A 154 -22.61 -38.45 22.75
N THR A 155 -22.95 -39.66 23.20
CA THR A 155 -22.81 -40.93 22.44
C THR A 155 -24.16 -41.66 22.41
N LYS A 156 -24.23 -42.82 21.77
CA LYS A 156 -25.49 -43.61 21.63
C LYS A 156 -25.90 -44.14 23.02
N SER A 157 -27.19 -44.05 23.34
CA SER A 157 -27.80 -44.55 24.60
C SER A 157 -28.36 -45.95 24.36
N GLY A 158 -27.54 -46.99 24.59
CA GLY A 158 -27.90 -48.40 24.41
C GLY A 158 -27.56 -48.90 23.01
N SER A 159 -28.51 -48.76 22.07
CA SER A 159 -28.32 -49.08 20.62
C SER A 159 -29.14 -48.13 19.72
N THR A 160 -29.43 -46.90 20.18
CA THR A 160 -30.15 -45.86 19.40
C THR A 160 -29.42 -44.51 19.53
N TYR A 161 -29.53 -43.66 18.50
CA TYR A 161 -29.09 -42.24 18.49
C TYR A 161 -30.11 -41.42 17.69
N PRO A 162 -31.09 -40.77 18.35
CA PRO A 162 -32.06 -39.92 17.65
C PRO A 162 -31.43 -38.61 17.15
N VAL A 163 -32.18 -37.89 16.30
CA VAL A 163 -31.77 -36.54 15.80
C VAL A 163 -31.95 -35.53 16.94
N LEU A 164 -30.83 -35.11 17.51
CA LEU A 164 -30.80 -34.05 18.54
C LEU A 164 -31.17 -32.73 17.84
N ASN A 165 -32.32 -32.17 18.24
CA ASN A 165 -32.91 -30.91 17.72
C ASN A 165 -33.27 -30.03 18.92
N VAL A 166 -32.39 -29.09 19.29
CA VAL A 166 -32.60 -28.24 20.49
C VAL A 166 -32.55 -26.76 20.12
N THR A 167 -33.21 -25.95 20.95
CA THR A 167 -33.52 -24.53 20.67
C THR A 167 -33.21 -23.72 21.93
N MET A 168 -32.77 -22.47 21.77
CA MET A 168 -32.54 -21.54 22.90
C MET A 168 -32.73 -20.10 22.41
N PRO A 169 -33.77 -19.39 22.91
CA PRO A 169 -33.92 -17.97 22.66
C PRO A 169 -32.99 -17.14 23.57
N ASN A 170 -32.54 -15.99 23.06
CA ASN A 170 -31.65 -15.04 23.78
C ASN A 170 -32.51 -13.84 24.15
N ASN A 171 -32.99 -13.78 25.39
CA ASN A 171 -34.02 -12.82 25.87
C ASN A 171 -33.37 -11.64 26.60
N ASP A 172 -32.05 -11.69 26.81
CA ASP A 172 -31.31 -10.76 27.71
C ASP A 172 -30.80 -9.59 26.88
N ASN A 173 -29.89 -8.78 27.45
CA ASN A 173 -29.45 -7.47 26.88
C ASN A 173 -27.97 -7.54 26.47
N PHE A 174 -27.45 -8.75 26.22
CA PHE A 174 -26.06 -9.01 25.77
C PHE A 174 -26.06 -10.13 24.73
N ASP A 175 -24.93 -10.27 24.04
CA ASP A 175 -24.69 -11.29 22.98
C ASP A 175 -24.11 -12.54 23.65
N LYS A 176 -24.49 -13.74 23.21
CA LYS A 176 -23.95 -15.00 23.78
C LYS A 176 -23.01 -15.65 22.76
N LEU A 177 -21.89 -16.17 23.27
CA LEU A 177 -20.86 -16.91 22.49
C LEU A 177 -21.01 -18.40 22.78
N TYR A 178 -21.41 -19.18 21.76
CA TYR A 178 -21.65 -20.64 21.87
C TYR A 178 -20.55 -21.40 21.12
N ILE A 179 -19.89 -22.31 21.84
CA ILE A 179 -18.73 -23.10 21.36
C ILE A 179 -19.18 -24.56 21.25
N TRP A 180 -18.95 -25.19 20.10
CA TRP A 180 -19.39 -26.58 19.78
C TRP A 180 -18.36 -27.21 18.85
N GLY A 181 -18.57 -28.48 18.45
CA GLY A 181 -17.64 -29.17 17.53
C GLY A 181 -18.22 -30.44 16.95
N ILE A 182 -17.35 -31.18 16.24
CA ILE A 182 -17.66 -32.41 15.46
C ILE A 182 -16.52 -33.40 15.68
N HIS A 183 -16.82 -34.70 15.71
CA HIS A 183 -15.84 -35.80 15.91
C HIS A 183 -15.50 -36.43 14.55
N HIS A 184 -14.21 -36.51 14.20
CA HIS A 184 -13.70 -37.26 13.03
C HIS A 184 -13.14 -38.60 13.50
N PRO A 185 -13.82 -39.75 13.26
CA PRO A 185 -13.26 -41.06 13.60
C PRO A 185 -12.05 -41.45 12.74
N SER A 186 -11.48 -42.63 13.04
CA SER A 186 -10.35 -43.28 12.34
C SER A 186 -10.87 -44.33 11.37
N THR A 187 -11.86 -45.14 11.79
CA THR A 187 -12.50 -46.21 11.00
C THR A 187 -14.03 -46.16 11.12
N ASN A 188 -14.73 -46.69 10.12
CA ASN A 188 -16.22 -46.77 10.07
C ASN A 188 -16.71 -47.63 11.24
N GLN A 189 -15.94 -48.65 11.66
CA GLN A 189 -16.30 -49.54 12.80
C GLN A 189 -16.45 -48.69 14.06
N GLU A 190 -15.45 -47.84 14.36
CA GLU A 190 -15.46 -46.88 15.50
C GLU A 190 -16.65 -45.93 15.35
N GLN A 191 -16.87 -45.40 14.14
CA GLN A 191 -18.03 -44.52 13.85
C GLN A 191 -19.30 -45.23 14.33
N THR A 192 -19.56 -46.45 13.87
CA THR A 192 -20.80 -47.23 14.19
C THR A 192 -20.86 -47.50 15.70
N SER A 193 -19.72 -47.79 16.33
CA SER A 193 -19.61 -48.12 17.78
C SER A 193 -20.09 -46.94 18.65
N LEU A 194 -19.79 -45.69 18.27
CA LEU A 194 -20.22 -44.51 19.06
C LEU A 194 -21.57 -43.99 18.54
N TYR A 195 -21.83 -44.12 17.24
CA TYR A 195 -23.02 -43.53 16.54
C TYR A 195 -23.59 -44.56 15.56
N VAL A 196 -24.81 -45.05 15.82
CA VAL A 196 -25.46 -46.19 15.09
C VAL A 196 -25.46 -45.90 13.57
N GLN A 197 -25.70 -44.65 13.17
CA GLN A 197 -25.67 -44.21 11.75
C GLN A 197 -24.23 -44.24 11.24
N ALA A 198 -24.03 -44.69 10.00
CA ALA A 198 -22.70 -44.86 9.34
C ALA A 198 -22.16 -43.52 8.81
N SER A 199 -22.87 -42.40 9.02
CA SER A 199 -22.42 -41.02 8.74
C SER A 199 -23.16 -40.01 9.61
N GLY A 200 -22.48 -38.91 9.98
CA GLY A 200 -23.02 -37.84 10.83
C GLY A 200 -23.24 -36.54 10.06
N ARG A 201 -23.84 -35.55 10.72
CA ARG A 201 -24.20 -34.24 10.15
C ARG A 201 -24.54 -33.27 11.29
N VAL A 202 -24.00 -32.05 11.25
CA VAL A 202 -24.23 -31.01 12.30
C VAL A 202 -24.71 -29.75 11.61
N THR A 203 -25.93 -29.32 11.93
CA THR A 203 -26.59 -28.10 11.43
C THR A 203 -26.80 -27.15 12.62
N VAL A 204 -26.25 -25.94 12.51
CA VAL A 204 -26.30 -24.91 13.59
C VAL A 204 -26.81 -23.61 12.95
N SER A 205 -28.01 -23.18 13.35
CA SER A 205 -28.78 -22.11 12.66
C SER A 205 -29.26 -21.05 13.66
N THR A 206 -29.15 -19.79 13.26
CA THR A 206 -29.87 -18.62 13.83
C THR A 206 -30.88 -18.14 12.80
N ARG A 207 -31.55 -17.01 13.06
CA ARG A 207 -32.42 -16.33 12.06
C ARG A 207 -31.56 -15.70 10.95
N ARG A 208 -30.21 -15.75 11.04
CA ARG A 208 -29.29 -14.99 10.16
C ARG A 208 -28.13 -15.83 9.58
N SER A 209 -28.04 -17.13 9.84
CA SER A 209 -26.93 -17.99 9.33
C SER A 209 -27.16 -19.47 9.64
N GLN A 210 -26.46 -20.36 8.93
CA GLN A 210 -26.41 -21.81 9.22
C GLN A 210 -25.10 -22.41 8.68
N GLN A 211 -24.53 -23.34 9.43
CA GLN A 211 -23.31 -24.10 9.06
C GLN A 211 -23.64 -25.59 9.17
N THR A 212 -23.64 -26.30 8.04
CA THR A 212 -23.80 -27.78 8.01
C THR A 212 -22.44 -28.38 7.67
N ILE A 213 -21.87 -29.17 8.59
CA ILE A 213 -20.60 -29.91 8.39
C ILE A 213 -20.90 -31.41 8.58
N ILE A 214 -20.06 -32.25 7.97
CA ILE A 214 -20.19 -33.73 7.92
C ILE A 214 -18.82 -34.32 8.27
N PRO A 215 -18.76 -35.44 9.05
CA PRO A 215 -17.48 -36.03 9.43
C PRO A 215 -16.69 -36.59 8.23
N ASN A 216 -15.37 -36.48 8.31
CA ASN A 216 -14.39 -37.00 7.32
C ASN A 216 -13.65 -38.16 7.99
N ILE A 217 -14.18 -39.39 7.86
CA ILE A 217 -13.55 -40.63 8.39
C ILE A 217 -12.21 -40.77 7.66
N GLY A 218 -11.15 -41.04 8.41
CA GLY A 218 -9.76 -41.07 7.91
C GLY A 218 -8.78 -41.40 9.02
N SER A 219 -7.65 -42.01 8.65
CA SER A 219 -6.49 -42.30 9.54
C SER A 219 -5.54 -41.10 9.53
N ARG A 220 -5.03 -40.70 10.70
CA ARG A 220 -4.08 -39.58 10.87
C ARG A 220 -2.97 -40.01 11.83
N PRO A 221 -1.82 -39.29 11.87
CA PRO A 221 -0.67 -39.69 12.68
C PRO A 221 -1.00 -39.97 14.16
N TRP A 222 -0.30 -40.94 14.76
CA TRP A 222 -0.39 -41.23 16.22
C TRP A 222 -0.01 -39.96 16.99
N VAL A 223 -0.95 -39.41 17.77
CA VAL A 223 -0.74 -38.25 18.67
C VAL A 223 -1.29 -38.61 20.06
N ARG A 224 -0.39 -38.86 21.02
CA ARG A 224 -0.71 -39.25 22.42
C ARG A 224 -1.58 -40.52 22.45
N GLY A 225 -1.50 -41.36 21.40
CA GLY A 225 -2.19 -42.66 21.29
C GLY A 225 -3.59 -42.58 20.69
N LEU A 226 -3.87 -41.57 19.84
CA LEU A 226 -5.14 -41.43 19.09
C LEU A 226 -4.85 -41.08 17.62
N SER A 227 -5.66 -41.63 16.70
CA SER A 227 -5.65 -41.34 15.24
C SER A 227 -6.94 -40.62 14.83
N SER A 228 -7.81 -40.28 15.79
CA SER A 228 -9.07 -39.50 15.61
C SER A 228 -8.81 -38.03 15.93
N ARG A 229 -9.70 -37.13 15.50
CA ARG A 229 -9.57 -35.66 15.71
C ARG A 229 -10.94 -35.01 15.93
N ILE A 230 -10.95 -33.86 16.61
CA ILE A 230 -12.17 -33.03 16.87
C ILE A 230 -11.96 -31.63 16.29
N SER A 231 -12.94 -31.19 15.47
CA SER A 231 -12.98 -29.85 14.84
C SER A 231 -13.91 -28.94 15.65
N ILE A 232 -13.42 -27.75 16.00
CA ILE A 232 -14.07 -26.81 16.92
C ILE A 232 -14.62 -25.64 16.10
N TYR A 233 -15.90 -25.34 16.29
CA TYR A 233 -16.64 -24.26 15.61
C TYR A 233 -17.35 -23.38 16.63
N TRP A 234 -17.71 -22.17 16.22
CA TRP A 234 -18.39 -21.18 17.10
C TRP A 234 -19.46 -20.40 16.33
N THR A 235 -20.40 -19.87 17.11
CA THR A 235 -21.62 -19.17 16.66
C THR A 235 -21.89 -18.04 17.64
N ILE A 236 -22.36 -16.90 17.14
CA ILE A 236 -22.55 -15.64 17.92
C ILE A 236 -24.02 -15.24 17.83
N VAL A 237 -24.76 -15.36 18.93
CA VAL A 237 -26.21 -15.05 18.99
C VAL A 237 -26.38 -13.70 19.70
N LYS A 238 -27.17 -12.80 19.10
CA LYS A 238 -27.40 -11.41 19.59
C LYS A 238 -28.74 -11.34 20.32
N PRO A 239 -28.99 -10.30 21.15
CA PRO A 239 -30.27 -10.15 21.86
C PRO A 239 -31.47 -10.21 20.91
N GLY A 240 -32.41 -11.12 21.17
CA GLY A 240 -33.68 -11.27 20.44
C GLY A 240 -33.71 -12.49 19.53
N ASP A 241 -32.55 -13.11 19.25
CA ASP A 241 -32.41 -14.22 18.27
C ASP A 241 -32.77 -15.55 18.94
N VAL A 242 -32.70 -16.63 18.16
CA VAL A 242 -32.85 -18.04 18.64
C VAL A 242 -31.79 -18.88 17.93
N LEU A 243 -31.31 -19.94 18.59
CA LEU A 243 -30.36 -20.92 18.01
C LEU A 243 -31.03 -22.30 17.97
N VAL A 244 -30.80 -23.06 16.91
CA VAL A 244 -31.41 -24.41 16.68
C VAL A 244 -30.31 -25.37 16.21
N ILE A 245 -29.91 -26.30 17.07
CA ILE A 245 -28.85 -27.28 16.77
C ILE A 245 -29.50 -28.62 16.40
N ASN A 246 -29.36 -29.02 15.15
CA ASN A 246 -29.79 -30.34 14.62
C ASN A 246 -28.55 -31.20 14.42
N SER A 247 -28.61 -32.49 14.76
CA SER A 247 -27.53 -33.47 14.46
C SER A 247 -28.05 -34.90 14.52
N ASN A 248 -27.31 -35.82 13.88
CA ASN A 248 -27.60 -37.27 13.83
C ASN A 248 -26.32 -38.09 14.10
N GLY A 249 -25.32 -37.49 14.76
CA GLY A 249 -24.06 -38.16 15.16
C GLY A 249 -22.84 -37.25 15.06
N ASN A 250 -21.76 -37.64 15.75
CA ASN A 250 -20.44 -36.95 15.76
C ASN A 250 -20.63 -35.49 16.17
N LEU A 251 -21.24 -35.26 17.33
CA LEU A 251 -21.56 -33.90 17.85
C LEU A 251 -20.90 -33.72 19.22
N ILE A 252 -20.17 -32.62 19.41
CA ILE A 252 -19.65 -32.18 20.74
C ILE A 252 -20.48 -30.97 21.17
N ALA A 253 -21.48 -31.21 22.04
CA ALA A 253 -22.48 -30.21 22.48
C ALA A 253 -21.84 -29.20 23.43
N PRO A 254 -22.37 -27.96 23.49
CA PRO A 254 -22.04 -27.02 24.56
C PRO A 254 -22.80 -27.34 25.86
N ARG A 255 -22.38 -26.71 26.96
CA ARG A 255 -23.04 -26.74 28.29
C ARG A 255 -23.35 -25.31 28.79
N GLY A 256 -23.14 -24.27 27.96
CA GLY A 256 -23.43 -22.88 28.32
C GLY A 256 -22.96 -21.89 27.27
N TYR A 257 -22.83 -20.62 27.66
CA TYR A 257 -22.36 -19.50 26.81
C TYR A 257 -21.35 -18.68 27.64
N PHE A 258 -20.41 -17.98 26.99
CA PHE A 258 -19.50 -17.01 27.65
C PHE A 258 -20.05 -15.60 27.49
N LYS A 259 -20.05 -14.82 28.57
CA LYS A 259 -20.44 -13.38 28.57
C LYS A 259 -19.40 -12.59 27.79
N MET A 260 -19.85 -11.87 26.75
CA MET A 260 -19.00 -11.00 25.90
C MET A 260 -19.03 -9.59 26.49
N ARG A 261 -17.92 -8.88 26.38
CA ARG A 261 -17.86 -7.40 26.48
C ARG A 261 -17.23 -6.90 25.18
N THR A 262 -16.81 -5.64 25.15
CA THR A 262 -15.83 -5.07 24.21
C THR A 262 -15.09 -3.94 24.95
N GLY A 263 -13.82 -3.71 24.62
CA GLY A 263 -13.02 -2.60 25.19
C GLY A 263 -11.57 -2.66 24.75
N LYS A 264 -10.66 -2.37 25.69
CA LYS A 264 -9.18 -2.41 25.52
C LYS A 264 -8.65 -3.69 26.19
N SER A 265 -8.56 -4.78 25.43
CA SER A 265 -8.02 -6.10 25.85
C SER A 265 -7.51 -6.83 24.61
N SER A 266 -6.53 -7.74 24.78
CA SER A 266 -5.64 -8.22 23.69
C SER A 266 -4.79 -9.41 24.16
N ILE A 267 -3.76 -9.77 23.39
CA ILE A 267 -2.92 -10.98 23.63
C ILE A 267 -1.54 -10.73 23.00
N MET A 268 -0.47 -11.16 23.65
CA MET A 268 0.95 -10.97 23.21
C MET A 268 1.80 -12.20 23.55
N ARG A 269 2.54 -12.76 22.58
CA ARG A 269 3.37 -14.00 22.77
C ARG A 269 4.79 -13.61 23.20
N SER A 270 5.29 -14.16 24.32
CA SER A 270 6.63 -13.83 24.87
C SER A 270 7.10 -14.82 25.96
N ASP A 271 8.41 -14.75 26.26
CA ASP A 271 9.14 -15.65 27.18
C ASP A 271 9.89 -14.78 28.21
N ALA A 272 9.27 -13.68 28.63
CA ALA A 272 9.78 -12.72 29.63
C ALA A 272 9.24 -13.07 31.03
N PRO A 273 10.04 -12.91 32.13
CA PRO A 273 9.51 -13.01 33.49
C PRO A 273 8.60 -11.86 33.95
N ILE A 274 8.08 -11.96 35.18
CA ILE A 274 7.09 -11.02 35.79
C ILE A 274 7.65 -10.45 37.09
N ASP A 275 7.58 -9.12 37.26
CA ASP A 275 8.24 -8.35 38.33
C ASP A 275 7.17 -7.68 39.22
N THR A 276 7.57 -6.66 39.99
CA THR A 276 6.71 -5.89 40.94
C THR A 276 6.98 -4.38 40.81
N CYS A 277 7.32 -3.92 39.60
CA CYS A 277 7.49 -2.48 39.23
C CYS A 277 6.13 -1.87 38.87
N ILE A 278 6.12 -0.64 38.33
CA ILE A 278 4.96 -0.04 37.63
C ILE A 278 5.40 0.37 36.22
N SER A 279 4.72 -0.13 35.18
CA SER A 279 4.94 0.22 33.75
C SER A 279 3.67 -0.06 32.94
N GLU A 280 3.32 0.82 32.00
CA GLU A 280 2.07 0.77 31.21
C GLU A 280 2.34 0.34 29.76
N CYS A 281 3.61 0.16 29.39
CA CYS A 281 4.07 0.00 27.99
C CYS A 281 4.75 -1.36 27.88
N ILE A 282 4.03 -2.37 27.42
CA ILE A 282 4.50 -3.79 27.48
C ILE A 282 4.79 -4.28 26.07
N THR A 283 5.98 -4.83 25.86
CA THR A 283 6.42 -5.45 24.59
C THR A 283 6.94 -6.85 24.87
N PRO A 284 7.05 -7.72 23.85
CA PRO A 284 7.64 -9.04 24.03
C PRO A 284 9.12 -9.07 24.43
N ASN A 285 9.78 -7.92 24.48
CA ASN A 285 11.16 -7.83 25.00
C ASN A 285 11.13 -7.43 26.47
N GLY A 286 10.01 -6.85 26.93
CA GLY A 286 9.76 -6.49 28.34
C GLY A 286 9.14 -5.10 28.48
N SER A 287 9.29 -4.49 29.66
CA SER A 287 8.73 -3.15 29.99
C SER A 287 9.66 -2.05 29.49
N ILE A 288 9.07 -0.96 29.01
CA ILE A 288 9.77 0.20 28.40
C ILE A 288 9.24 1.43 29.10
N PRO A 289 10.10 2.31 29.66
CA PRO A 289 9.64 3.63 30.11
C PRO A 289 9.22 4.50 28.92
N ASN A 290 8.14 5.27 29.04
CA ASN A 290 7.47 5.94 27.89
C ASN A 290 7.88 7.42 27.82
N ASP A 291 8.95 7.81 28.53
CA ASP A 291 9.58 9.15 28.49
C ASP A 291 9.82 9.64 27.04
N LYS A 292 10.45 8.79 26.22
CA LYS A 292 10.95 9.15 24.87
C LYS A 292 9.79 9.27 23.87
N PRO A 293 9.97 9.95 22.73
CA PRO A 293 8.98 9.96 21.64
C PRO A 293 8.91 8.69 20.79
N PHE A 294 10.05 8.06 20.53
CA PHE A 294 10.20 6.86 19.65
C PHE A 294 10.95 5.73 20.37
N GLN A 295 10.69 4.47 20.01
CA GLN A 295 11.41 3.28 20.54
C GLN A 295 11.73 2.35 19.38
N ASN A 296 12.86 1.63 19.47
CA ASN A 296 13.37 0.73 18.40
C ASN A 296 13.27 -0.75 18.81
N VAL A 297 12.53 -1.07 19.88
CA VAL A 297 12.71 -2.36 20.60
C VAL A 297 11.92 -3.44 19.88
N ASN A 298 10.66 -3.18 19.59
CA ASN A 298 9.85 -4.07 18.74
C ASN A 298 8.64 -3.27 18.27
N LYS A 299 7.88 -3.77 17.30
CA LYS A 299 6.75 -3.04 16.69
C LYS A 299 5.51 -3.17 17.58
N ILE A 300 5.17 -4.39 17.97
CA ILE A 300 3.95 -4.63 18.77
C ILE A 300 4.12 -3.88 20.09
N THR A 301 3.13 -3.07 20.48
CA THR A 301 3.07 -2.31 21.76
C THR A 301 1.63 -2.28 22.32
N TYR A 302 1.36 -3.02 23.40
CA TYR A 302 0.14 -2.84 24.25
C TYR A 302 0.32 -1.57 25.09
N GLY A 303 -0.77 -1.02 25.62
CA GLY A 303 -0.76 0.19 26.47
C GLY A 303 -0.36 1.43 25.67
N ALA A 304 0.16 2.46 26.33
CA ALA A 304 0.63 3.71 25.69
C ALA A 304 2.14 3.65 25.53
N CYS A 305 2.64 3.70 24.29
CA CYS A 305 4.08 3.48 23.98
C CYS A 305 4.56 4.50 22.96
N PRO A 306 5.89 4.78 22.91
CA PRO A 306 6.48 5.57 21.83
C PRO A 306 6.33 4.86 20.47
N LYS A 307 6.28 5.59 19.37
CA LYS A 307 6.07 4.98 18.03
C LYS A 307 7.34 4.21 17.66
N TYR A 308 7.32 3.42 16.59
CA TYR A 308 8.49 2.60 16.18
C TYR A 308 9.21 3.24 15.00
N VAL A 309 10.53 3.46 15.12
CA VAL A 309 11.41 3.96 14.02
C VAL A 309 12.39 2.84 13.72
N LYS A 310 13.20 2.94 12.68
CA LYS A 310 14.09 1.82 12.29
C LYS A 310 15.53 2.07 12.71
N GLN A 311 15.81 3.22 13.35
CA GLN A 311 17.21 3.65 13.61
C GLN A 311 17.59 3.44 15.06
N ASN A 312 18.89 3.46 15.36
CA ASN A 312 19.48 3.16 16.70
C ASN A 312 19.60 4.41 17.57
N THR A 313 19.89 5.58 16.98
CA THR A 313 20.04 6.85 17.72
C THR A 313 19.51 8.02 16.89
N LEU A 314 18.64 8.81 17.48
CA LEU A 314 18.31 10.14 16.94
C LEU A 314 18.75 11.07 18.06
N LYS A 315 19.69 11.97 17.79
CA LYS A 315 20.19 12.88 18.86
C LYS A 315 19.61 14.26 18.58
N LEU A 316 18.76 14.72 19.47
CA LEU A 316 18.15 16.06 19.35
C LEU A 316 18.99 16.97 20.21
N ALA A 317 19.37 18.11 19.67
CA ALA A 317 20.37 19.04 20.25
C ALA A 317 19.66 20.12 21.04
N THR A 318 20.31 20.61 22.11
CA THR A 318 19.73 21.46 23.17
C THR A 318 20.64 22.65 23.54
N GLY A 319 21.69 22.96 22.74
CA GLY A 319 22.71 24.00 23.03
C GLY A 319 23.79 24.10 21.97
N MET A 320 24.83 24.89 22.26
CA MET A 320 25.84 25.33 21.26
C MET A 320 26.69 24.18 20.68
N ARG A 321 27.32 24.48 19.56
CA ARG A 321 28.56 23.82 19.07
C ARG A 321 29.70 23.99 20.10
N ASN A 322 30.69 23.07 20.13
CA ASN A 322 31.85 23.14 21.08
C ASN A 322 33.06 23.81 20.40
N VAL A 323 33.17 25.14 20.46
CA VAL A 323 34.12 25.99 19.65
C VAL A 323 35.57 25.97 20.14
N PRO A 324 35.86 26.09 21.46
CA PRO A 324 37.13 26.67 21.91
C PRO A 324 38.37 25.78 21.93
N GLU A 325 39.50 26.45 22.09
CA GLU A 325 40.74 25.88 22.65
C GLU A 325 40.58 25.76 24.19
N LYS A 326 40.11 26.81 24.92
CA LYS A 326 40.09 26.85 26.42
C LYS A 326 39.03 27.83 26.96
N GLN A 327 38.64 27.61 28.22
CA GLN A 327 37.51 28.34 28.89
C GLN A 327 37.91 29.75 29.35
N THR A 328 36.91 30.59 29.61
CA THR A 328 37.04 31.92 30.28
C THR A 328 35.65 32.33 30.79
N ARG A 329 35.55 32.76 32.06
CA ARG A 329 34.26 33.03 32.77
C ARG A 329 33.54 34.30 32.22
N GLY A 330 32.24 34.39 32.52
CA GLY A 330 31.35 35.49 32.11
C GLY A 330 29.88 35.08 32.11
N LEU A 331 29.00 35.98 31.66
CA LEU A 331 27.56 35.67 31.47
C LEU A 331 27.39 34.83 30.18
N PHE A 332 26.20 34.25 29.96
CA PHE A 332 25.81 33.61 28.67
C PHE A 332 24.30 33.75 28.41
N GLY A 333 23.88 33.40 27.18
CA GLY A 333 22.49 33.58 26.69
C GLY A 333 21.56 32.41 27.01
N ALA A 334 20.66 32.09 26.08
CA ALA A 334 19.54 31.13 26.26
C ALA A 334 19.98 29.67 26.10
N ILE A 335 19.05 28.75 26.41
CA ILE A 335 19.16 27.27 26.26
C ILE A 335 17.86 26.77 25.57
N ALA A 336 17.90 25.63 24.88
CA ALA A 336 16.80 25.19 23.98
C ALA A 336 15.44 25.08 24.71
N GLY A 337 15.43 24.67 25.99
CA GLY A 337 14.21 24.57 26.82
C GLY A 337 13.11 23.72 26.21
N PHE A 338 11.89 24.28 26.09
CA PHE A 338 10.61 23.56 25.89
C PHE A 338 10.53 22.79 24.55
N ILE A 339 11.35 23.15 23.55
CA ILE A 339 11.04 22.96 22.10
C ILE A 339 10.66 21.51 21.79
N GLU A 340 11.26 20.57 22.52
CA GLU A 340 11.06 19.10 22.35
C GLU A 340 9.56 18.73 22.30
N ASN A 341 8.67 19.13 23.20
CA ASN A 341 7.31 18.51 23.11
C ASN A 341 6.52 19.09 21.95
N GLY A 342 6.83 20.32 21.52
CA GLY A 342 6.11 20.98 20.41
C GLY A 342 6.25 20.19 19.13
N TRP A 343 7.50 19.97 18.70
CA TRP A 343 7.77 19.14 17.50
C TRP A 343 7.20 17.74 17.77
N GLU A 344 7.33 17.21 18.99
CA GLU A 344 6.88 15.82 19.24
C GLU A 344 5.43 15.75 18.75
N GLY A 345 4.64 16.78 19.09
CA GLY A 345 3.25 17.01 18.68
C GLY A 345 2.99 16.66 17.21
N MET A 346 3.72 17.29 16.28
CA MET A 346 3.52 17.08 14.82
C MET A 346 3.47 15.58 14.56
N ILE A 347 4.59 14.88 14.75
CA ILE A 347 4.74 13.49 14.25
C ILE A 347 3.90 12.52 15.09
N ASP A 348 3.75 12.75 16.40
CA ASP A 348 2.85 11.90 17.22
C ASP A 348 1.45 11.94 16.61
N GLY A 349 0.91 13.16 16.48
CA GLY A 349 -0.43 13.41 15.91
C GLY A 349 -0.75 12.48 14.76
N TRP A 350 0.15 12.39 13.78
CA TRP A 350 -0.17 11.91 12.40
C TRP A 350 0.29 10.47 12.16
N TYR A 351 1.09 9.90 13.04
CA TYR A 351 1.50 8.49 12.90
C TYR A 351 0.24 7.64 13.10
N GLY A 352 0.25 6.39 12.62
CA GLY A 352 -0.89 5.46 12.66
C GLY A 352 -0.72 4.36 13.69
N PHE A 353 -1.76 3.54 13.88
CA PHE A 353 -1.68 2.22 14.55
C PHE A 353 -1.63 1.14 13.46
N ARG A 354 -1.00 0.00 13.76
CA ARG A 354 -0.76 -1.09 12.78
C ARG A 354 -2.10 -1.64 12.27
N HIS A 355 -2.12 -2.11 11.03
CA HIS A 355 -3.16 -3.07 10.56
C HIS A 355 -2.76 -4.46 11.05
N GLN A 356 -3.67 -5.10 11.80
CA GLN A 356 -3.41 -6.37 12.53
C GLN A 356 -3.50 -7.54 11.55
N ASN A 357 -2.39 -8.24 11.30
CA ASN A 357 -2.44 -9.56 10.63
C ASN A 357 -3.52 -10.36 11.38
N SER A 358 -4.55 -10.77 10.66
CA SER A 358 -5.78 -11.37 11.24
C SER A 358 -6.02 -12.73 10.59
N GLU A 359 -6.27 -12.73 9.27
CA GLU A 359 -6.59 -13.96 8.51
C GLU A 359 -5.46 -14.97 8.71
N GLY A 360 -4.18 -14.54 8.73
CA GLY A 360 -3.07 -15.47 8.50
C GLY A 360 -3.46 -16.37 7.35
N THR A 361 -3.46 -17.69 7.56
CA THR A 361 -3.84 -18.71 6.53
C THR A 361 -4.59 -19.90 7.15
N GLY A 362 -5.27 -20.69 6.31
CA GLY A 362 -5.98 -21.94 6.68
C GLY A 362 -5.01 -23.02 7.13
N GLN A 363 -3.95 -23.26 6.36
CA GLN A 363 -2.77 -24.12 6.72
C GLN A 363 -3.22 -25.60 6.85
N ALA A 364 -4.10 -26.06 5.96
CA ALA A 364 -4.61 -27.45 5.90
C ALA A 364 -3.51 -28.39 5.38
N ALA A 365 -3.38 -29.57 5.98
CA ALA A 365 -2.36 -30.61 5.67
C ALA A 365 -3.01 -32.00 5.67
N ASP A 366 -3.78 -32.31 4.62
CA ASP A 366 -4.46 -33.61 4.42
C ASP A 366 -4.83 -33.81 2.94
N LEU A 367 -4.99 -35.08 2.53
CA LEU A 367 -5.61 -35.50 1.25
C LEU A 367 -7.13 -35.63 1.48
N LYS A 368 -7.93 -34.70 0.95
CA LYS A 368 -9.39 -34.56 1.20
C LYS A 368 -10.18 -35.00 -0.04
N SER A 369 -9.75 -36.09 -0.68
CA SER A 369 -10.37 -36.66 -1.91
C SER A 369 -11.61 -37.50 -1.55
N THR A 370 -12.38 -37.89 -2.57
CA THR A 370 -13.54 -38.82 -2.50
C THR A 370 -13.04 -40.26 -2.33
N GLN A 371 -13.89 -41.17 -1.84
CA GLN A 371 -13.50 -42.56 -1.47
C GLN A 371 -14.57 -43.58 -1.92
N ALA A 372 -14.30 -44.29 -3.02
CA ALA A 372 -14.98 -45.52 -3.48
C ALA A 372 -14.23 -46.09 -4.70
N ALA A 373 -13.97 -47.40 -4.73
CA ALA A 373 -13.18 -48.09 -5.78
C ALA A 373 -13.90 -47.98 -7.13
N ILE A 374 -15.20 -48.28 -7.17
CA ILE A 374 -16.07 -48.17 -8.38
C ILE A 374 -16.13 -46.70 -8.81
N ASP A 375 -16.30 -45.78 -7.86
CA ASP A 375 -16.55 -44.34 -8.13
C ASP A 375 -15.29 -43.65 -8.65
N GLN A 376 -14.09 -44.00 -8.14
CA GLN A 376 -12.84 -43.21 -8.34
C GLN A 376 -11.83 -43.93 -9.24
N ILE A 377 -11.79 -45.28 -9.29
CA ILE A 377 -10.71 -46.02 -10.02
C ILE A 377 -11.28 -47.05 -11.04
N ASN A 378 -12.59 -47.11 -11.27
CA ASN A 378 -13.22 -48.02 -12.29
C ASN A 378 -14.11 -47.22 -13.27
N GLY A 379 -13.73 -47.19 -14.56
CA GLY A 379 -14.57 -46.70 -15.68
C GLY A 379 -14.44 -45.20 -15.93
N LYS A 380 -15.33 -44.67 -16.77
CA LYS A 380 -15.45 -43.22 -17.11
C LYS A 380 -15.69 -42.42 -15.82
N LEU A 381 -16.63 -42.89 -14.97
CA LEU A 381 -16.98 -42.27 -13.66
C LEU A 381 -15.68 -42.03 -12.89
N ASN A 382 -14.84 -43.06 -12.82
CA ASN A 382 -13.49 -43.00 -12.18
C ASN A 382 -12.80 -41.72 -12.63
N ARG A 383 -12.61 -41.59 -13.94
CA ARG A 383 -11.78 -40.50 -14.53
C ARG A 383 -12.41 -39.18 -14.08
N VAL A 384 -13.74 -39.06 -14.20
CA VAL A 384 -14.50 -37.84 -13.80
C VAL A 384 -14.15 -37.53 -12.34
N ILE A 385 -14.39 -38.47 -11.43
CA ILE A 385 -14.19 -38.25 -9.97
C ILE A 385 -12.73 -37.86 -9.76
N GLU A 386 -11.80 -38.63 -10.33
CA GLU A 386 -10.35 -38.33 -10.24
C GLU A 386 -10.15 -36.87 -10.66
N LYS A 387 -10.70 -36.50 -11.83
CA LYS A 387 -10.58 -35.14 -12.41
C LYS A 387 -11.13 -34.11 -11.42
N THR A 388 -12.24 -34.42 -10.75
CA THR A 388 -12.93 -33.47 -9.83
C THR A 388 -12.01 -33.19 -8.63
N ASN A 389 -11.44 -34.24 -8.05
CA ASN A 389 -10.56 -34.14 -6.85
C ASN A 389 -9.31 -33.34 -7.22
N GLU A 390 -8.70 -33.67 -8.36
CA GLU A 390 -7.52 -32.95 -8.90
C GLU A 390 -7.89 -31.47 -9.10
N LYS A 391 -9.08 -31.22 -9.68
CA LYS A 391 -9.58 -29.84 -9.93
C LYS A 391 -9.65 -29.10 -8.59
N PHE A 392 -10.16 -29.75 -7.53
CA PHE A 392 -10.25 -29.15 -6.18
C PHE A 392 -8.84 -28.89 -5.65
N HIS A 393 -7.91 -29.85 -5.81
CA HIS A 393 -6.49 -29.72 -5.39
C HIS A 393 -5.90 -28.48 -6.06
N GLN A 394 -6.09 -28.38 -7.38
CA GLN A 394 -5.75 -27.19 -8.22
C GLN A 394 -6.29 -25.94 -7.52
N ILE A 395 -7.60 -25.94 -7.22
CA ILE A 395 -8.30 -24.79 -6.57
C ILE A 395 -7.55 -24.44 -5.28
N GLU A 396 -7.31 -25.44 -4.43
CA GLU A 396 -6.67 -25.28 -3.09
C GLU A 396 -5.30 -24.61 -3.27
N LYS A 397 -4.49 -25.13 -4.19
CA LYS A 397 -3.10 -24.64 -4.44
C LYS A 397 -3.18 -23.20 -4.97
N GLU A 398 -4.05 -22.93 -5.94
CA GLU A 398 -4.30 -21.57 -6.46
C GLU A 398 -4.66 -20.67 -5.27
N PHE A 399 -5.58 -21.13 -4.42
CA PHE A 399 -6.04 -20.37 -3.22
C PHE A 399 -4.82 -19.98 -2.39
N SER A 400 -3.97 -20.95 -2.07
CA SER A 400 -2.76 -20.74 -1.22
C SER A 400 -1.85 -19.71 -1.90
N GLU A 401 -1.58 -19.89 -3.19
CA GLU A 401 -0.78 -18.94 -4.03
C GLU A 401 -1.32 -17.53 -3.78
N VAL A 402 -2.61 -17.33 -4.01
CA VAL A 402 -3.32 -16.03 -3.88
C VAL A 402 -3.10 -15.47 -2.47
N GLU A 403 -3.50 -16.23 -1.44
CA GLU A 403 -3.44 -15.81 -0.01
C GLU A 403 -2.01 -15.38 0.32
N GLY A 404 -1.04 -16.20 -0.07
CA GLY A 404 0.40 -15.92 0.07
C GLY A 404 0.76 -14.59 -0.57
N ARG A 405 0.32 -14.38 -1.81
CA ARG A 405 0.61 -13.13 -2.56
C ARG A 405 0.05 -11.95 -1.77
N ILE A 406 -1.16 -12.09 -1.22
CA ILE A 406 -1.85 -11.02 -0.44
C ILE A 406 -0.97 -10.65 0.75
N GLN A 407 -0.53 -11.68 1.49
CA GLN A 407 0.23 -11.55 2.75
C GLN A 407 1.61 -10.97 2.44
N ASP A 408 2.19 -11.36 1.31
CA ASP A 408 3.49 -10.83 0.82
C ASP A 408 3.33 -9.31 0.60
N LEU A 409 2.32 -8.93 -0.19
CA LEU A 409 1.99 -7.51 -0.45
C LEU A 409 1.77 -6.81 0.89
N GLU A 410 1.03 -7.45 1.80
CA GLU A 410 0.67 -6.89 3.13
C GLU A 410 1.98 -6.44 3.80
N LYS A 411 2.95 -7.36 3.87
CA LYS A 411 4.30 -7.12 4.43
C LYS A 411 4.91 -5.89 3.74
N TYR A 412 4.89 -5.87 2.41
CA TYR A 412 5.57 -4.82 1.62
C TYR A 412 5.00 -3.45 2.01
N VAL A 413 3.67 -3.33 2.02
CA VAL A 413 2.97 -2.07 2.42
C VAL A 413 3.57 -1.59 3.73
N GLU A 414 3.53 -2.47 4.73
CA GLU A 414 3.94 -2.19 6.13
C GLU A 414 5.37 -1.67 6.11
N ASP A 415 6.29 -2.43 5.50
CA ASP A 415 7.72 -2.07 5.48
C ASP A 415 7.86 -0.69 4.85
N THR A 416 7.17 -0.44 3.73
CA THR A 416 7.20 0.85 3.02
C THR A 416 6.87 1.94 4.03
N LYS A 417 5.72 1.80 4.69
CA LYS A 417 5.19 2.78 5.68
C LYS A 417 6.32 3.20 6.62
N ILE A 418 6.97 2.22 7.26
CA ILE A 418 7.91 2.41 8.41
C ILE A 418 9.08 3.28 7.95
N ASP A 419 9.70 2.79 6.89
CA ASP A 419 10.79 3.49 6.19
C ASP A 419 10.37 4.96 6.09
N LEU A 420 9.26 5.24 5.42
CA LEU A 420 8.90 6.63 5.02
C LEU A 420 8.80 7.50 6.27
N TRP A 421 8.20 6.95 7.31
CA TRP A 421 8.02 7.64 8.61
C TRP A 421 9.37 7.88 9.25
N SER A 422 10.26 6.89 9.21
CA SER A 422 11.62 7.00 9.81
C SER A 422 12.41 8.09 9.07
N TYR A 423 12.28 8.14 7.76
CA TYR A 423 12.90 9.20 6.94
C TYR A 423 12.35 10.55 7.43
N ASN A 424 11.03 10.66 7.62
CA ASN A 424 10.39 11.93 8.08
C ASN A 424 10.97 12.32 9.44
N ALA A 425 11.11 11.35 10.33
CA ALA A 425 11.57 11.55 11.71
C ALA A 425 13.01 12.07 11.67
N GLU A 426 13.84 11.44 10.85
CA GLU A 426 15.26 11.86 10.72
C GLU A 426 15.32 13.29 10.20
N LEU A 427 14.55 13.61 9.15
CA LEU A 427 14.52 14.96 8.51
C LEU A 427 14.12 15.99 9.57
N LEU A 428 13.09 15.70 10.36
CA LEU A 428 12.49 16.64 11.36
C LEU A 428 13.52 16.95 12.45
N VAL A 429 14.24 15.94 12.94
CA VAL A 429 15.29 16.07 13.98
C VAL A 429 16.38 16.98 13.42
N ALA A 430 16.76 16.72 12.18
CA ALA A 430 17.81 17.49 11.50
C ALA A 430 17.35 18.94 11.36
N LEU A 431 16.09 19.17 10.96
CA LEU A 431 15.56 20.54 10.74
C LEU A 431 15.68 21.34 12.04
N GLU A 432 15.23 20.74 13.14
CA GLU A 432 15.23 21.36 14.50
C GLU A 432 16.67 21.69 14.88
N ASN A 433 17.59 20.75 14.70
CA ASN A 433 19.01 20.93 15.12
C ASN A 433 19.64 22.04 14.29
N GLN A 434 19.38 22.08 12.98
CA GLN A 434 19.91 23.15 12.10
C GLN A 434 19.37 24.49 12.60
N HIS A 435 18.05 24.61 12.74
CA HIS A 435 17.37 25.83 13.24
C HIS A 435 17.94 26.22 14.60
N THR A 436 17.96 25.26 15.53
CA THR A 436 18.46 25.44 16.93
C THR A 436 19.88 26.02 16.90
N ILE A 437 20.77 25.41 16.13
CA ILE A 437 22.17 25.89 15.97
C ILE A 437 22.14 27.33 15.44
N ASP A 438 21.35 27.59 14.40
CA ASP A 438 21.30 28.93 13.76
C ASP A 438 20.71 29.94 14.75
N LEU A 439 19.70 29.54 15.53
CA LEU A 439 19.03 30.40 16.55
C LEU A 439 20.07 30.87 17.56
N THR A 440 20.72 29.91 18.23
CA THR A 440 21.70 30.18 19.32
C THR A 440 22.87 31.00 18.75
N ASP A 441 23.41 30.59 17.61
CA ASP A 441 24.55 31.24 16.91
C ASP A 441 24.22 32.72 16.69
N SER A 442 23.06 32.99 16.09
CA SER A 442 22.59 34.36 15.75
C SER A 442 22.48 35.19 17.04
N GLU A 443 21.85 34.64 18.07
CA GLU A 443 21.62 35.29 19.38
C GLU A 443 22.97 35.72 19.97
N MET A 444 23.95 34.80 20.01
CA MET A 444 25.30 35.05 20.55
C MET A 444 25.97 36.18 19.76
N ASN A 445 25.96 36.08 18.44
CA ASN A 445 26.67 37.01 17.52
C ASN A 445 26.11 38.42 17.71
N LYS A 446 24.78 38.55 17.70
CA LYS A 446 24.02 39.83 17.87
C LYS A 446 24.38 40.45 19.23
N LEU A 447 24.30 39.65 20.30
CA LEU A 447 24.56 40.08 21.70
C LEU A 447 26.01 40.57 21.80
N PHE A 448 26.95 39.82 21.23
CA PHE A 448 28.41 40.11 21.28
C PHE A 448 28.70 41.49 20.66
N GLU A 449 28.09 41.79 19.51
CA GLU A 449 28.36 43.07 18.79
C GLU A 449 27.57 44.20 19.46
N LYS A 450 26.41 43.91 20.06
CA LYS A 450 25.71 44.86 20.97
C LYS A 450 26.70 45.29 22.06
N THR A 451 27.39 44.31 22.67
CA THR A 451 28.43 44.52 23.69
C THR A 451 29.59 45.33 23.08
N ARG A 452 29.97 45.05 21.81
CA ARG A 452 31.07 45.77 21.11
C ARG A 452 30.74 47.25 20.98
N ARG A 453 29.49 47.59 20.61
CA ARG A 453 29.04 49.00 20.45
C ARG A 453 29.05 49.67 21.83
N GLN A 454 28.69 48.93 22.88
CA GLN A 454 28.76 49.38 24.30
C GLN A 454 30.23 49.55 24.73
N LEU A 455 31.15 48.70 24.26
CA LEU A 455 32.57 48.67 24.72
C LEU A 455 33.27 50.02 24.59
N ARG A 456 33.03 50.77 23.51
CA ARG A 456 33.67 52.10 23.27
C ARG A 456 35.21 51.96 23.26
N GLU A 457 35.75 50.92 22.61
CA GLU A 457 37.19 50.79 22.21
C GLU A 457 38.09 50.22 23.34
N ASN A 458 37.54 49.83 24.50
CA ASN A 458 38.36 49.38 25.67
C ASN A 458 38.94 47.98 25.39
N ALA A 459 38.17 47.07 24.78
CA ALA A 459 38.55 45.67 24.46
C ALA A 459 38.28 45.38 22.98
N GLU A 460 38.79 44.23 22.49
CA GLU A 460 38.69 43.79 21.07
C GLU A 460 38.57 42.26 21.02
N GLU A 461 37.72 41.72 20.14
CA GLU A 461 37.52 40.25 20.02
C GLU A 461 38.83 39.63 19.51
N MET A 462 39.24 38.51 20.11
CA MET A 462 40.47 37.75 19.75
C MET A 462 40.20 36.87 18.51
N GLY A 463 38.93 36.62 18.18
CA GLY A 463 38.49 35.89 16.96
C GLY A 463 37.63 34.67 17.26
N ASN A 464 37.39 34.33 18.53
CA ASN A 464 36.65 33.12 18.99
C ASN A 464 35.36 33.55 19.70
N GLY A 465 34.74 34.65 19.25
CA GLY A 465 33.57 35.28 19.87
C GLY A 465 33.84 35.72 21.31
N CYS A 466 35.08 36.07 21.65
CA CYS A 466 35.46 36.56 22.99
C CYS A 466 36.34 37.81 22.89
N PHE A 467 36.12 38.71 23.82
CA PHE A 467 36.88 39.98 23.92
C PHE A 467 38.14 39.76 24.75
N LYS A 468 39.29 39.94 24.11
CA LYS A 468 40.58 40.30 24.75
C LYS A 468 40.44 41.71 25.33
N ILE A 469 40.47 41.83 26.67
CA ILE A 469 40.44 43.13 27.40
C ILE A 469 41.91 43.51 27.66
N TYR A 470 42.29 44.75 27.28
CA TYR A 470 43.67 45.29 27.41
C TYR A 470 43.93 45.68 28.87
N HIS A 471 42.92 46.24 29.54
CA HIS A 471 42.98 46.73 30.94
C HIS A 471 42.33 45.74 31.91
N LYS A 472 42.53 45.95 33.21
CA LYS A 472 41.82 45.22 34.30
C LYS A 472 40.65 46.09 34.77
N CYS A 473 39.67 45.49 35.46
CA CYS A 473 38.54 46.17 36.15
C CYS A 473 37.83 45.19 37.09
N ASP A 474 37.39 45.69 38.26
CA ASP A 474 36.72 44.89 39.31
C ASP A 474 35.30 44.54 38.85
N ASN A 475 34.60 43.69 39.62
CA ASN A 475 33.29 43.06 39.25
C ASN A 475 32.23 44.14 38.94
N ALA A 476 32.38 45.37 39.45
CA ALA A 476 31.57 46.56 39.12
C ALA A 476 31.48 46.76 37.60
N CYS A 477 32.59 46.66 36.88
CA CYS A 477 32.68 46.81 35.40
C CYS A 477 31.88 45.67 34.72
N ILE A 478 32.00 44.45 35.25
CA ILE A 478 31.33 43.21 34.69
C ILE A 478 29.81 43.36 34.87
N GLU A 479 29.35 43.86 36.03
CA GLU A 479 27.94 44.19 36.33
C GLU A 479 27.41 45.25 35.36
N SER A 480 28.16 46.34 35.19
CA SER A 480 27.88 47.47 34.26
C SER A 480 27.71 46.96 32.81
N ILE A 481 28.55 46.01 32.39
CA ILE A 481 28.47 45.33 31.06
C ILE A 481 27.19 44.48 31.01
N ARG A 482 26.90 43.72 32.08
CA ARG A 482 25.73 42.79 32.19
C ARG A 482 24.39 43.55 32.06
N ASN A 483 24.34 44.80 32.54
CA ASN A 483 23.12 45.66 32.55
C ASN A 483 23.13 46.63 31.35
N GLY A 484 24.22 46.66 30.57
CA GLY A 484 24.38 47.47 29.36
C GLY A 484 24.48 48.96 29.64
N THR A 485 24.87 49.34 30.87
CA THR A 485 25.06 50.75 31.30
C THR A 485 26.57 50.96 31.58
N TYR A 486 27.32 51.38 30.56
CA TYR A 486 28.80 51.48 30.56
C TYR A 486 29.23 52.82 29.95
N ASP A 487 30.27 53.44 30.54
CA ASP A 487 30.99 54.63 30.01
C ASP A 487 32.50 54.32 30.03
N HIS A 488 33.28 54.88 29.11
CA HIS A 488 34.70 54.52 28.89
C HIS A 488 35.67 55.50 29.56
N ASP A 489 35.18 56.47 30.35
CA ASP A 489 36.01 57.57 30.93
C ASP A 489 37.08 57.00 31.87
N VAL A 490 36.76 55.95 32.63
CA VAL A 490 37.63 55.35 33.68
C VAL A 490 38.94 54.85 33.04
N TYR A 491 38.92 54.46 31.76
CA TYR A 491 40.07 53.81 31.07
C TYR A 491 40.64 54.73 29.98
N ARG A 492 40.34 56.04 30.03
CA ARG A 492 40.72 57.02 28.99
C ARG A 492 42.24 57.18 28.99
N ASP A 493 42.82 57.47 30.15
CA ASP A 493 44.27 57.75 30.36
C ASP A 493 45.09 56.55 29.88
N GLU A 494 44.73 55.34 30.33
CA GLU A 494 45.40 54.06 30.01
C GLU A 494 45.39 53.84 28.49
N ALA A 495 44.21 53.95 27.86
CA ALA A 495 43.99 53.73 26.41
C ALA A 495 44.83 54.74 25.60
N LEU A 496 44.79 56.03 25.98
CA LEU A 496 45.58 57.10 25.32
C LEU A 496 47.06 56.74 25.37
N ASN A 497 47.57 56.30 26.54
CA ASN A 497 48.99 55.92 26.75
C ASN A 497 49.35 54.75 25.83
N ASN A 498 48.48 53.73 25.74
CA ASN A 498 48.69 52.54 24.88
C ASN A 498 48.69 52.98 23.41
N ARG A 499 47.76 53.86 23.03
CA ARG A 499 47.58 54.34 21.63
C ARG A 499 48.79 55.20 21.23
N CYS B 14 35.18 46.26 -5.70
CA CYS B 14 34.03 45.31 -5.54
C CYS B 14 34.48 43.92 -5.06
N LEU B 15 33.49 43.11 -4.68
CA LEU B 15 33.60 41.63 -4.50
C LEU B 15 32.44 41.00 -5.28
N GLY B 16 32.18 41.49 -6.50
CA GLY B 16 30.87 41.41 -7.18
C GLY B 16 30.60 40.09 -7.89
N HIS B 17 31.33 39.01 -7.58
CA HIS B 17 31.07 37.62 -8.06
C HIS B 17 31.13 37.49 -9.60
N HIS B 18 31.63 38.50 -10.32
CA HIS B 18 32.09 38.40 -11.74
C HIS B 18 30.99 37.96 -12.73
N ALA B 19 29.70 38.15 -12.41
CA ALA B 19 28.60 38.30 -13.39
C ALA B 19 28.48 37.12 -14.37
N VAL B 20 28.68 35.88 -13.90
CA VAL B 20 28.83 34.68 -14.78
C VAL B 20 27.69 34.62 -15.79
N PRO B 21 27.98 34.58 -17.12
CA PRO B 21 26.93 34.70 -18.13
C PRO B 21 26.15 33.40 -18.25
N ASN B 22 24.86 33.52 -18.53
CA ASN B 22 24.03 32.34 -18.92
C ASN B 22 24.04 31.28 -17.82
N GLY B 23 23.88 31.69 -16.56
CA GLY B 23 23.52 30.79 -15.44
C GLY B 23 22.11 30.22 -15.60
N THR B 24 21.60 29.50 -14.62
CA THR B 24 20.30 28.78 -14.77
C THR B 24 19.44 28.81 -13.50
N LEU B 25 18.23 28.27 -13.63
CA LEU B 25 17.18 28.18 -12.59
C LEU B 25 17.43 27.05 -11.58
N VAL B 26 16.97 27.29 -10.35
CA VAL B 26 16.93 26.30 -9.24
C VAL B 26 15.60 26.57 -8.52
N LYS B 27 14.95 25.53 -8.00
CA LYS B 27 13.70 25.69 -7.20
C LYS B 27 14.11 26.02 -5.76
N THR B 28 13.40 26.94 -5.12
CA THR B 28 13.52 27.23 -3.67
C THR B 28 12.15 26.98 -3.03
N ILE B 29 12.10 26.98 -1.70
CA ILE B 29 10.85 26.63 -0.98
C ILE B 29 9.80 27.74 -1.18
N THR B 30 10.26 28.99 -1.30
CA THR B 30 9.44 30.22 -1.21
C THR B 30 9.31 30.93 -2.57
N ASP B 31 10.44 31.37 -3.13
CA ASP B 31 10.57 31.89 -4.51
C ASP B 31 10.65 30.68 -5.45
N ASP B 32 10.34 30.87 -6.73
CA ASP B 32 10.52 29.84 -7.78
C ASP B 32 11.37 30.46 -8.89
N GLN B 33 12.10 29.62 -9.61
CA GLN B 33 12.89 30.05 -10.80
C GLN B 33 13.73 31.28 -10.44
N ILE B 34 14.34 31.30 -9.25
CA ILE B 34 15.49 32.21 -8.94
C ILE B 34 16.69 31.66 -9.72
N GLU B 35 17.65 32.52 -10.07
CA GLU B 35 18.82 32.15 -10.91
C GLU B 35 20.09 32.16 -10.05
N VAL B 36 21.07 31.33 -10.42
CA VAL B 36 22.34 31.13 -9.67
C VAL B 36 23.51 31.10 -10.66
N THR B 37 24.71 31.42 -10.18
CA THR B 37 25.96 31.58 -10.97
C THR B 37 26.27 30.29 -11.75
N ASN B 38 26.43 29.19 -11.03
CA ASN B 38 26.85 27.91 -11.64
C ASN B 38 26.09 26.79 -10.93
N ALA B 39 25.27 26.05 -11.68
CA ALA B 39 24.37 25.02 -11.16
C ALA B 39 24.84 23.65 -11.62
N THR B 40 24.44 22.64 -10.86
CA THR B 40 24.70 21.21 -11.16
C THR B 40 23.35 20.53 -11.40
N GLU B 41 23.33 19.57 -12.35
CA GLU B 41 22.20 18.64 -12.59
C GLU B 41 22.35 17.38 -11.74
N LEU B 42 21.22 16.77 -11.42
CA LEU B 42 21.20 15.66 -10.44
C LEU B 42 20.34 14.55 -10.97
N VAL B 43 19.96 14.53 -12.24
CA VAL B 43 19.24 13.32 -12.73
C VAL B 43 19.79 12.97 -14.10
N GLN B 44 20.66 11.96 -14.15
CA GLN B 44 21.25 11.43 -15.40
C GLN B 44 20.12 10.85 -16.25
N SER B 45 19.66 11.59 -17.28
CA SER B 45 18.37 11.34 -18.00
C SER B 45 18.58 10.69 -19.38
N SER B 46 19.84 10.46 -19.77
CA SER B 46 20.26 10.18 -21.17
C SER B 46 20.95 8.82 -21.23
N SER B 47 20.81 8.11 -22.35
CA SER B 47 21.40 6.76 -22.57
C SER B 47 22.09 6.67 -23.94
N THR B 48 23.21 5.94 -24.01
CA THR B 48 23.94 5.64 -25.26
C THR B 48 23.09 4.70 -26.12
N GLY B 49 22.46 3.71 -25.48
CA GLY B 49 21.63 2.70 -26.13
C GLY B 49 22.28 1.32 -26.14
N LYS B 50 23.49 1.17 -25.59
CA LYS B 50 24.29 -0.09 -25.67
C LYS B 50 24.63 -0.60 -24.26
N ILE B 51 24.87 -1.91 -24.13
CA ILE B 51 25.32 -2.56 -22.88
C ILE B 51 26.80 -2.91 -23.01
N CYS B 52 27.62 -2.36 -22.11
CA CYS B 52 29.05 -2.73 -21.91
C CYS B 52 29.19 -4.25 -21.70
N ASN B 53 30.36 -4.80 -22.06
CA ASN B 53 30.68 -6.24 -21.89
C ASN B 53 31.57 -6.45 -20.66
N ASN B 54 31.77 -5.42 -19.83
CA ASN B 54 32.60 -5.46 -18.59
C ASN B 54 32.05 -4.43 -17.61
N PRO B 55 32.21 -4.62 -16.27
CA PRO B 55 32.95 -5.72 -15.68
C PRO B 55 32.07 -6.97 -15.44
N HIS B 56 30.77 -6.86 -15.69
CA HIS B 56 29.82 -7.99 -15.55
C HIS B 56 29.96 -8.94 -16.73
N ARG B 57 29.53 -10.17 -16.50
CA ARG B 57 29.46 -11.25 -17.51
C ARG B 57 28.03 -11.22 -18.09
N ILE B 58 27.86 -10.56 -19.24
CA ILE B 58 26.54 -10.40 -19.90
C ILE B 58 26.43 -11.46 -20.99
N LEU B 59 25.29 -12.17 -21.03
CA LEU B 59 25.03 -13.27 -21.98
C LEU B 59 23.87 -12.89 -22.89
N ASP B 60 24.06 -13.00 -24.19
CA ASP B 60 23.06 -12.59 -25.20
C ASP B 60 22.31 -13.82 -25.67
N GLY B 61 21.07 -14.00 -25.19
CA GLY B 61 20.11 -14.97 -25.73
C GLY B 61 19.56 -14.49 -27.07
N ILE B 62 20.33 -14.71 -28.14
CA ILE B 62 20.11 -14.10 -29.48
C ILE B 62 18.70 -14.49 -29.96
N ASP B 63 18.40 -15.78 -30.08
CA ASP B 63 17.09 -16.24 -30.60
C ASP B 63 16.40 -17.21 -29.63
N CYS B 64 16.89 -17.35 -28.39
CA CYS B 64 16.25 -18.18 -27.33
C CYS B 64 15.91 -17.35 -26.09
N THR B 65 14.98 -17.89 -25.30
CA THR B 65 14.57 -17.41 -23.96
C THR B 65 15.34 -18.23 -22.92
N LEU B 66 15.20 -17.94 -21.62
CA LEU B 66 15.98 -18.73 -20.63
C LEU B 66 15.41 -20.15 -20.58
N ILE B 67 14.09 -20.28 -20.64
CA ILE B 67 13.41 -21.61 -20.64
C ILE B 67 13.92 -22.48 -21.82
N ASP B 68 14.14 -21.90 -23.01
CA ASP B 68 14.50 -22.67 -24.24
C ASP B 68 15.95 -23.16 -24.15
N ALA B 69 16.84 -22.36 -23.54
CA ALA B 69 18.24 -22.73 -23.26
C ALA B 69 18.28 -23.82 -22.19
N LEU B 70 17.30 -23.79 -21.28
CA LEU B 70 17.21 -24.77 -20.18
C LEU B 70 16.88 -26.14 -20.77
N LEU B 71 15.82 -26.20 -21.58
CA LEU B 71 15.30 -27.47 -22.15
C LEU B 71 16.28 -28.04 -23.18
N GLY B 72 17.04 -27.19 -23.87
CA GLY B 72 18.11 -27.58 -24.82
C GLY B 72 17.69 -27.44 -26.29
N ASP B 73 17.15 -26.27 -26.67
CA ASP B 73 16.62 -26.04 -28.05
C ASP B 73 17.74 -26.36 -29.05
N PRO B 74 17.44 -27.06 -30.18
CA PRO B 74 18.48 -27.46 -31.14
C PRO B 74 19.34 -26.32 -31.71
N HIS B 75 18.81 -25.08 -31.70
CA HIS B 75 19.49 -23.88 -32.21
C HIS B 75 20.04 -23.03 -31.06
N CYS B 76 20.12 -23.58 -29.84
CA CYS B 76 20.72 -22.89 -28.67
C CYS B 76 21.61 -23.87 -27.89
N ASP B 77 22.20 -24.83 -28.60
CA ASP B 77 23.19 -25.79 -28.04
C ASP B 77 24.52 -25.05 -27.79
N VAL B 78 24.60 -23.75 -28.10
CA VAL B 78 25.78 -22.89 -27.81
C VAL B 78 25.72 -22.37 -26.37
N PHE B 79 24.63 -22.63 -25.63
CA PHE B 79 24.45 -22.13 -24.24
C PHE B 79 24.67 -23.24 -23.21
N GLN B 80 25.24 -24.38 -23.60
CA GLN B 80 25.43 -25.56 -22.70
C GLN B 80 26.56 -25.26 -21.70
N ASN B 81 26.32 -25.53 -20.42
CA ASN B 81 27.23 -25.15 -19.32
C ASN B 81 27.65 -23.69 -19.50
N GLU B 82 26.68 -22.78 -19.66
CA GLU B 82 26.98 -21.34 -19.83
C GLU B 82 26.74 -20.66 -18.47
N THR B 83 27.60 -19.68 -18.17
CA THR B 83 27.67 -18.96 -16.88
C THR B 83 27.42 -17.48 -17.13
N TRP B 84 26.33 -16.96 -16.58
CA TRP B 84 25.98 -15.52 -16.69
C TRP B 84 25.99 -14.86 -15.31
N ASP B 85 26.33 -13.58 -15.29
CA ASP B 85 26.00 -12.68 -14.16
C ASP B 85 24.56 -12.20 -14.38
N LEU B 86 24.19 -11.89 -15.62
CA LEU B 86 22.88 -11.29 -15.99
C LEU B 86 22.41 -11.88 -17.30
N PHE B 87 21.16 -12.33 -17.37
CA PHE B 87 20.57 -12.87 -18.61
C PHE B 87 19.74 -11.80 -19.31
N VAL B 88 19.93 -11.65 -20.63
CA VAL B 88 19.16 -10.68 -21.46
C VAL B 88 18.35 -11.48 -22.47
N GLU B 89 17.03 -11.32 -22.46
CA GLU B 89 16.13 -11.92 -23.48
C GLU B 89 15.86 -10.87 -24.55
N ARG B 90 15.82 -11.32 -25.80
CA ARG B 90 15.38 -10.51 -26.97
C ARG B 90 13.92 -10.84 -27.29
N SER B 91 13.20 -9.88 -27.90
CA SER B 91 11.80 -10.04 -28.36
C SER B 91 11.76 -10.87 -29.64
N LYS B 92 12.82 -10.81 -30.45
CA LYS B 92 12.94 -11.53 -31.75
C LYS B 92 13.20 -13.03 -31.52
N ALA B 93 13.13 -13.51 -30.28
CA ALA B 93 13.31 -14.94 -29.92
C ALA B 93 11.99 -15.68 -30.08
N PHE B 94 12.10 -16.99 -30.31
CA PHE B 94 10.97 -17.92 -30.59
C PHE B 94 11.42 -19.33 -30.24
N SER B 95 10.51 -20.30 -30.28
CA SER B 95 10.80 -21.75 -30.18
C SER B 95 10.75 -22.38 -31.58
N ASN B 96 11.70 -23.27 -31.87
CA ASN B 96 11.69 -24.12 -33.10
C ASN B 96 11.93 -25.57 -32.65
N CYS B 97 10.97 -26.08 -31.88
CA CYS B 97 10.89 -27.46 -31.34
C CYS B 97 9.43 -27.77 -31.01
N TYR B 98 9.17 -28.85 -30.29
CA TYR B 98 7.81 -29.30 -29.89
C TYR B 98 7.10 -28.13 -29.20
N PRO B 99 5.83 -27.82 -29.55
CA PRO B 99 5.06 -26.79 -28.83
C PRO B 99 4.78 -27.19 -27.37
N TYR B 100 5.03 -26.30 -26.41
CA TYR B 100 5.00 -26.64 -24.96
C TYR B 100 4.24 -25.60 -24.14
N ASP B 101 4.08 -25.91 -22.85
CA ASP B 101 3.25 -25.16 -21.87
C ASP B 101 3.85 -25.33 -20.47
N VAL B 102 3.94 -24.24 -19.71
CA VAL B 102 4.49 -24.21 -18.32
C VAL B 102 3.45 -23.57 -17.41
N PRO B 103 2.74 -24.37 -16.57
CA PRO B 103 1.89 -23.84 -15.51
C PRO B 103 2.74 -23.15 -14.42
N ASP B 104 2.46 -21.87 -14.15
CA ASP B 104 3.27 -20.99 -13.27
C ASP B 104 4.67 -20.89 -13.90
N TYR B 105 4.71 -20.37 -15.12
CA TYR B 105 5.92 -20.17 -15.97
C TYR B 105 6.88 -19.23 -15.23
N ALA B 106 6.33 -18.17 -14.64
CA ALA B 106 7.07 -17.05 -14.02
C ALA B 106 7.94 -17.57 -12.87
N SER B 107 7.40 -18.44 -12.02
CA SER B 107 8.08 -18.97 -10.81
C SER B 107 9.34 -19.75 -11.22
N LEU B 108 9.19 -20.68 -12.16
CA LEU B 108 10.31 -21.51 -12.66
C LEU B 108 11.43 -20.60 -13.15
N ARG B 109 11.09 -19.59 -13.97
CA ARG B 109 12.06 -18.69 -14.67
C ARG B 109 12.87 -17.93 -13.62
N SER B 110 12.21 -17.37 -12.61
CA SER B 110 12.87 -16.57 -11.55
C SER B 110 13.84 -17.44 -10.74
N LEU B 111 13.56 -18.73 -10.60
CA LEU B 111 14.45 -19.69 -9.90
C LEU B 111 15.73 -19.89 -10.71
N VAL B 112 15.57 -20.18 -12.00
CA VAL B 112 16.70 -20.45 -12.92
C VAL B 112 17.53 -19.19 -13.02
N ALA B 113 16.85 -18.04 -13.05
CA ALA B 113 17.47 -16.71 -13.26
C ALA B 113 18.41 -16.41 -12.10
N SER B 114 17.95 -16.66 -10.88
CA SER B 114 18.63 -16.27 -9.63
C SER B 114 19.84 -17.17 -9.36
N SER B 115 19.91 -18.34 -10.03
CA SER B 115 21.00 -19.34 -9.88
C SER B 115 22.29 -18.82 -10.52
N GLY B 116 22.21 -18.44 -11.80
CA GLY B 116 23.33 -17.86 -12.56
C GLY B 116 24.11 -18.91 -13.35
N THR B 117 23.58 -20.12 -13.52
CA THR B 117 24.31 -21.25 -14.16
C THR B 117 23.36 -22.18 -14.90
N LEU B 118 23.88 -22.86 -15.91
CA LEU B 118 23.22 -24.01 -16.57
C LEU B 118 24.17 -25.22 -16.59
N GLU B 119 24.82 -25.50 -15.45
CA GLU B 119 25.58 -26.76 -15.25
C GLU B 119 24.59 -27.93 -15.12
N PHE B 120 24.50 -28.78 -16.15
CA PHE B 120 23.60 -29.96 -16.18
C PHE B 120 24.38 -31.24 -15.92
N ILE B 121 24.08 -31.90 -14.80
CA ILE B 121 24.76 -33.15 -14.34
C ILE B 121 23.86 -34.35 -14.69
N THR B 122 24.34 -35.18 -15.62
CA THR B 122 23.65 -36.38 -16.15
C THR B 122 23.60 -37.47 -15.05
N GLU B 123 22.50 -38.23 -14.99
CA GLU B 123 22.24 -39.29 -13.97
C GLU B 123 21.77 -40.60 -14.62
N GLY B 124 22.00 -41.72 -13.94
CA GLY B 124 21.69 -43.09 -14.40
C GLY B 124 20.29 -43.53 -14.01
N PHE B 125 19.29 -43.24 -14.85
CA PHE B 125 17.92 -43.80 -14.77
C PHE B 125 17.85 -45.12 -15.55
N THR B 126 16.98 -46.03 -15.09
CA THR B 126 16.75 -47.38 -15.68
C THR B 126 15.29 -47.45 -16.16
N TRP B 127 15.09 -47.32 -17.47
CA TRP B 127 13.76 -47.35 -18.12
C TRP B 127 13.58 -48.75 -18.69
N THR B 128 13.13 -49.67 -17.83
CA THR B 128 12.69 -51.04 -18.19
C THR B 128 11.38 -50.94 -18.97
N GLY B 129 11.18 -51.83 -19.95
CA GLY B 129 9.89 -52.07 -20.63
C GLY B 129 9.37 -50.87 -21.42
N VAL B 130 10.22 -49.90 -21.79
CA VAL B 130 9.85 -48.75 -22.65
C VAL B 130 10.93 -48.49 -23.69
N THR B 131 10.55 -47.77 -24.76
CA THR B 131 11.44 -47.27 -25.84
C THR B 131 11.82 -45.81 -25.54
N GLN B 132 13.13 -45.52 -25.58
CA GLN B 132 13.71 -44.19 -25.24
C GLN B 132 13.84 -43.36 -26.52
N ASN B 133 14.10 -42.06 -26.37
CA ASN B 133 14.52 -41.15 -27.46
C ASN B 133 13.38 -41.07 -28.50
N GLY B 134 12.20 -40.62 -28.06
CA GLY B 134 11.06 -40.31 -28.94
C GLY B 134 11.40 -39.17 -29.88
N GLY B 135 10.92 -39.24 -31.13
CA GLY B 135 11.24 -38.29 -32.21
C GLY B 135 10.06 -37.39 -32.55
N SER B 136 10.34 -36.19 -33.09
CA SER B 136 9.36 -35.24 -33.67
C SER B 136 9.95 -34.57 -34.92
N ASN B 137 9.11 -34.23 -35.89
CA ASN B 137 9.49 -33.60 -37.18
C ASN B 137 9.36 -32.07 -37.07
N ALA B 138 8.85 -31.55 -35.94
CA ALA B 138 8.79 -30.11 -35.60
C ALA B 138 10.05 -29.70 -34.82
N CYS B 139 10.84 -30.68 -34.35
CA CYS B 139 12.12 -30.50 -33.63
C CYS B 139 13.22 -31.35 -34.29
N LYS B 140 13.26 -31.37 -35.63
CA LYS B 140 14.33 -32.08 -36.38
C LYS B 140 15.65 -31.56 -35.80
N ARG B 141 16.48 -32.46 -35.27
CA ARG B 141 17.89 -32.19 -34.89
C ARG B 141 18.72 -32.59 -36.12
N GLY B 142 19.56 -31.68 -36.62
CA GLY B 142 20.26 -31.84 -37.91
C GLY B 142 19.28 -32.11 -39.04
N PRO B 143 19.49 -33.17 -39.87
CA PRO B 143 18.57 -33.50 -40.96
C PRO B 143 17.37 -34.42 -40.63
N GLY B 144 17.52 -35.29 -39.62
CA GLY B 144 16.49 -36.26 -39.21
C GLY B 144 15.70 -35.78 -38.00
N SER B 145 14.60 -36.47 -37.67
CA SER B 145 13.70 -36.19 -36.52
C SER B 145 14.50 -36.13 -35.21
N GLY B 146 13.99 -35.39 -34.20
CA GLY B 146 14.67 -35.20 -32.91
C GLY B 146 13.75 -34.68 -31.81
N PHE B 147 14.35 -34.12 -30.75
CA PHE B 147 13.68 -33.60 -29.54
C PHE B 147 14.67 -32.77 -28.71
N PHE B 148 14.22 -32.20 -27.60
CA PHE B 148 15.05 -31.49 -26.57
C PHE B 148 16.13 -32.42 -26.01
N SER B 149 17.21 -31.84 -25.47
CA SER B 149 18.51 -32.51 -25.18
C SER B 149 18.66 -32.91 -23.70
N ARG B 150 17.74 -32.52 -22.82
CA ARG B 150 17.80 -32.84 -21.37
C ARG B 150 16.69 -33.82 -20.98
N LEU B 151 15.76 -34.13 -21.90
CA LEU B 151 14.50 -34.86 -21.61
C LEU B 151 14.48 -36.16 -22.40
N ASN B 152 13.85 -37.19 -21.85
CA ASN B 152 13.66 -38.49 -22.55
C ASN B 152 12.17 -38.75 -22.71
N TRP B 153 11.70 -38.76 -23.97
CA TRP B 153 10.31 -39.11 -24.35
C TRP B 153 10.21 -40.63 -24.49
N LEU B 154 9.73 -41.29 -23.43
CA LEU B 154 9.58 -42.77 -23.38
C LEU B 154 8.23 -43.10 -24.01
N THR B 155 8.19 -44.13 -24.87
CA THR B 155 6.96 -44.65 -25.52
C THR B 155 6.85 -46.16 -25.26
N LYS B 156 5.81 -46.83 -25.79
CA LYS B 156 5.57 -48.27 -25.57
C LYS B 156 6.66 -49.07 -26.30
N SER B 157 7.19 -50.11 -25.64
CA SER B 157 8.21 -51.05 -26.18
C SER B 157 7.50 -52.28 -26.75
N GLY B 158 7.15 -52.23 -28.05
CA GLY B 158 6.47 -53.32 -28.77
C GLY B 158 4.95 -53.15 -28.72
N SER B 159 4.31 -53.72 -27.70
CA SER B 159 2.85 -53.58 -27.41
C SER B 159 2.56 -53.59 -25.90
N THR B 160 3.51 -53.18 -25.05
CA THR B 160 3.36 -53.06 -23.58
C THR B 160 3.92 -51.72 -23.09
N TYR B 161 3.36 -51.20 -22.00
CA TYR B 161 3.86 -50.03 -21.23
C TYR B 161 3.64 -50.27 -19.74
N PRO B 162 4.66 -50.78 -19.00
CA PRO B 162 4.53 -50.98 -17.56
C PRO B 162 4.51 -49.67 -16.76
N VAL B 163 4.17 -49.75 -15.48
CA VAL B 163 4.20 -48.60 -14.53
C VAL B 163 5.66 -48.29 -14.21
N LEU B 164 6.18 -47.21 -14.79
CA LEU B 164 7.54 -46.70 -14.48
C LEU B 164 7.51 -46.17 -13.04
N ASN B 165 8.29 -46.82 -12.17
CA ASN B 165 8.41 -46.52 -10.71
C ASN B 165 9.91 -46.44 -10.40
N VAL B 166 10.49 -45.25 -10.38
CA VAL B 166 11.96 -45.06 -10.18
C VAL B 166 12.23 -44.13 -9.00
N THR B 167 13.40 -44.30 -8.40
CA THR B 167 13.79 -43.70 -7.11
C THR B 167 15.20 -43.14 -7.24
N MET B 168 15.49 -42.05 -6.53
CA MET B 168 16.86 -41.46 -6.47
C MET B 168 17.03 -40.74 -5.15
N PRO B 169 17.94 -41.22 -4.27
CA PRO B 169 18.33 -40.49 -3.07
C PRO B 169 19.34 -39.38 -3.39
N ASN B 170 19.28 -38.29 -2.62
CA ASN B 170 20.17 -37.11 -2.75
C ASN B 170 21.14 -37.16 -1.55
N ASN B 171 22.35 -37.66 -1.78
CA ASN B 171 23.33 -38.01 -0.71
C ASN B 171 24.37 -36.91 -0.55
N ASP B 172 24.33 -35.89 -1.43
CA ASP B 172 25.41 -34.87 -1.57
C ASP B 172 25.07 -33.66 -0.68
N ASN B 173 25.76 -32.53 -0.85
CA ASN B 173 25.72 -31.36 0.06
C ASN B 173 25.10 -30.15 -0.66
N PHE B 174 24.30 -30.40 -1.70
CA PHE B 174 23.57 -29.37 -2.48
C PHE B 174 22.17 -29.89 -2.84
N ASP B 175 21.31 -28.97 -3.28
CA ASP B 175 19.91 -29.23 -3.70
C ASP B 175 19.91 -29.56 -5.19
N LYS B 176 19.08 -30.50 -5.64
CA LYS B 176 18.99 -30.86 -7.08
C LYS B 176 17.66 -30.35 -7.63
N LEU B 177 17.72 -29.80 -8.85
CA LEU B 177 16.56 -29.30 -9.63
C LEU B 177 16.23 -30.31 -10.73
N TYR B 178 15.06 -30.95 -10.63
CA TYR B 178 14.59 -32.00 -11.56
C TYR B 178 13.45 -31.46 -12.41
N ILE B 179 13.61 -31.54 -13.73
CA ILE B 179 12.67 -31.00 -14.75
C ILE B 179 12.05 -32.18 -15.48
N TRP B 180 10.72 -32.22 -15.57
CA TRP B 180 9.93 -33.33 -16.16
C TRP B 180 8.67 -32.75 -16.81
N GLY B 181 7.83 -33.59 -17.42
CA GLY B 181 6.59 -33.13 -18.04
C GLY B 181 5.62 -34.25 -18.37
N ILE B 182 4.55 -33.90 -19.09
CA ILE B 182 3.39 -34.76 -19.45
C ILE B 182 3.00 -34.42 -20.90
N HIS B 183 2.54 -35.42 -21.66
CA HIS B 183 2.11 -35.28 -23.07
C HIS B 183 0.58 -35.20 -23.14
N HIS B 184 0.04 -34.16 -23.78
CA HIS B 184 -1.40 -34.03 -24.12
C HIS B 184 -1.62 -34.41 -25.58
N PRO B 185 -2.20 -35.59 -25.91
CA PRO B 185 -2.52 -35.93 -27.29
C PRO B 185 -3.65 -35.07 -27.89
N SER B 186 -3.94 -35.33 -29.17
CA SER B 186 -5.02 -34.69 -29.97
C SER B 186 -6.24 -35.61 -30.02
N THR B 187 -6.03 -36.92 -30.21
CA THR B 187 -7.09 -37.97 -30.27
C THR B 187 -6.72 -39.18 -29.42
N ASN B 188 -7.73 -39.93 -28.98
CA ASN B 188 -7.57 -41.18 -28.17
C ASN B 188 -6.80 -42.22 -29.00
N GLN B 189 -6.96 -42.23 -30.33
CA GLN B 189 -6.25 -43.16 -31.24
C GLN B 189 -4.74 -42.94 -31.08
N GLU B 190 -4.28 -41.70 -31.18
CA GLU B 190 -2.86 -41.28 -30.98
C GLU B 190 -2.42 -41.69 -29.57
N GLN B 191 -3.25 -41.42 -28.56
CA GLN B 191 -2.97 -41.82 -27.15
C GLN B 191 -2.63 -43.31 -27.13
N THR B 192 -3.50 -44.16 -27.66
CA THR B 192 -3.35 -45.65 -27.64
C THR B 192 -2.09 -46.05 -28.43
N SER B 193 -1.82 -45.36 -29.56
CA SER B 193 -0.67 -45.64 -30.46
C SER B 193 0.66 -45.45 -29.72
N LEU B 194 0.79 -44.45 -28.84
CA LEU B 194 2.06 -44.22 -28.09
C LEU B 194 2.01 -44.95 -26.75
N TYR B 195 0.83 -45.07 -26.14
CA TYR B 195 0.62 -45.61 -24.76
C TYR B 195 -0.58 -46.55 -24.76
N VAL B 196 -0.36 -47.85 -24.52
CA VAL B 196 -1.39 -48.94 -24.63
C VAL B 196 -2.63 -48.59 -23.81
N GLN B 197 -2.43 -48.01 -22.61
CA GLN B 197 -3.54 -47.57 -21.71
C GLN B 197 -4.23 -46.35 -22.33
N ALA B 198 -5.56 -46.30 -22.24
CA ALA B 198 -6.42 -45.24 -22.84
C ALA B 198 -6.44 -43.97 -21.98
N SER B 199 -5.68 -43.93 -20.87
CA SER B 199 -5.45 -42.74 -20.03
C SER B 199 -4.13 -42.87 -19.26
N GLY B 200 -3.45 -41.74 -19.02
CA GLY B 200 -2.16 -41.65 -18.32
C GLY B 200 -2.28 -40.99 -16.96
N ARG B 201 -1.19 -40.99 -16.19
CA ARG B 201 -1.10 -40.45 -14.80
C ARG B 201 0.36 -40.31 -14.41
N VAL B 202 0.74 -39.17 -13.85
CA VAL B 202 2.15 -38.89 -13.42
C VAL B 202 2.12 -38.46 -11.96
N THR B 203 2.78 -39.25 -11.10
CA THR B 203 2.93 -39.01 -9.64
C THR B 203 4.42 -38.79 -9.36
N VAL B 204 4.74 -37.63 -8.77
CA VAL B 204 6.13 -37.22 -8.46
C VAL B 204 6.17 -36.82 -6.99
N SER B 205 6.89 -37.58 -6.17
CA SER B 205 6.84 -37.51 -4.69
C SER B 205 8.25 -37.42 -4.09
N THR B 206 8.39 -36.56 -3.08
CA THR B 206 9.50 -36.52 -2.09
C THR B 206 8.92 -36.94 -0.74
N ARG B 207 9.72 -36.87 0.32
CA ARG B 207 9.24 -37.05 1.72
C ARG B 207 8.37 -35.86 2.15
N ARG B 208 8.21 -34.82 1.31
CA ARG B 208 7.58 -33.52 1.71
C ARG B 208 6.54 -33.00 0.70
N SER B 209 6.23 -33.70 -0.39
CA SER B 209 5.24 -33.23 -1.41
C SER B 209 4.95 -34.31 -2.47
N GLN B 210 3.83 -34.16 -3.18
CA GLN B 210 3.49 -35.00 -4.36
C GLN B 210 2.56 -34.22 -5.30
N GLN B 211 2.77 -34.37 -6.60
CA GLN B 211 1.93 -33.78 -7.67
C GLN B 211 1.47 -34.91 -8.59
N THR B 212 0.17 -35.19 -8.62
CA THR B 212 -0.44 -36.16 -9.56
C THR B 212 -1.21 -35.37 -10.61
N ILE B 213 -0.80 -35.48 -11.88
CA ILE B 213 -1.48 -34.84 -13.04
C ILE B 213 -1.87 -35.96 -14.02
N ILE B 214 -2.89 -35.69 -14.83
CA ILE B 214 -3.54 -36.64 -15.79
C ILE B 214 -3.67 -35.92 -17.12
N PRO B 215 -3.45 -36.61 -18.27
CA PRO B 215 -3.55 -35.96 -19.58
C PRO B 215 -4.97 -35.50 -19.92
N ASN B 216 -5.07 -34.37 -20.62
CA ASN B 216 -6.33 -33.77 -21.13
C ASN B 216 -6.32 -33.91 -22.65
N ILE B 217 -6.85 -35.02 -23.15
CA ILE B 217 -6.98 -35.29 -24.62
C ILE B 217 -7.90 -34.20 -25.18
N GLY B 218 -7.50 -33.58 -26.28
CA GLY B 218 -8.19 -32.41 -26.87
C GLY B 218 -7.47 -31.94 -28.13
N SER B 219 -8.23 -31.34 -29.05
CA SER B 219 -7.74 -30.67 -30.28
C SER B 219 -7.40 -29.21 -29.96
N ARG B 220 -6.27 -28.72 -30.47
CA ARG B 220 -5.80 -27.32 -30.28
C ARG B 220 -5.29 -26.79 -31.63
N PRO B 221 -5.15 -25.45 -31.78
CA PRO B 221 -4.76 -24.84 -33.06
C PRO B 221 -3.49 -25.45 -33.69
N TRP B 222 -3.45 -25.51 -35.02
CA TRP B 222 -2.26 -25.93 -35.80
C TRP B 222 -1.10 -24.99 -35.44
N VAL B 223 -0.02 -25.53 -34.85
CA VAL B 223 1.23 -24.80 -34.52
C VAL B 223 2.41 -25.62 -35.05
N ARG B 224 3.04 -25.15 -36.15
CA ARG B 224 4.18 -25.80 -36.84
C ARG B 224 3.82 -27.25 -37.24
N GLY B 225 2.52 -27.53 -37.45
CA GLY B 225 2.00 -28.83 -37.94
C GLY B 225 1.71 -29.84 -36.82
N LEU B 226 1.41 -29.39 -35.61
CA LEU B 226 0.98 -30.25 -34.47
C LEU B 226 -0.23 -29.62 -33.76
N SER B 227 -1.16 -30.48 -33.30
CA SER B 227 -2.35 -30.13 -32.49
C SER B 227 -2.23 -30.70 -31.07
N SER B 228 -1.08 -31.34 -30.74
CA SER B 228 -0.73 -31.89 -29.41
C SER B 228 0.12 -30.87 -28.64
N ARG B 229 0.24 -31.03 -27.32
CA ARG B 229 1.01 -30.10 -26.44
C ARG B 229 1.69 -30.87 -25.30
N ILE B 230 2.78 -30.30 -24.76
CA ILE B 230 3.54 -30.83 -23.60
C ILE B 230 3.56 -29.79 -22.47
N SER B 231 3.17 -30.23 -21.27
CA SER B 231 3.15 -29.42 -20.03
C SER B 231 4.39 -29.76 -19.20
N ILE B 232 5.11 -28.72 -18.78
CA ILE B 232 6.44 -28.81 -18.13
C ILE B 232 6.26 -28.49 -16.65
N TYR B 233 6.76 -29.38 -15.80
CA TYR B 233 6.70 -29.27 -14.32
C TYR B 233 8.09 -29.47 -13.73
N TRP B 234 8.28 -29.00 -12.49
CA TRP B 234 9.58 -29.09 -11.79
C TRP B 234 9.37 -29.43 -10.31
N THR B 235 10.43 -29.97 -9.72
CA THR B 235 10.51 -30.51 -8.35
C THR B 235 11.90 -30.19 -7.81
N ILE B 236 11.99 -29.86 -6.52
CA ILE B 236 13.24 -29.38 -5.85
C ILE B 236 13.55 -30.33 -4.69
N VAL B 237 14.61 -31.12 -4.83
CA VAL B 237 15.02 -32.14 -3.81
C VAL B 237 16.24 -31.60 -3.06
N LYS B 238 16.19 -31.64 -1.72
CA LYS B 238 17.24 -31.08 -0.82
C LYS B 238 18.13 -32.22 -0.31
N PRO B 239 19.34 -31.92 0.21
CA PRO B 239 20.24 -32.95 0.74
C PRO B 239 19.55 -33.84 1.79
N GLY B 240 19.56 -35.16 1.56
CA GLY B 240 19.03 -36.19 2.48
C GLY B 240 17.73 -36.80 2.02
N ASP B 241 17.04 -36.18 1.04
CA ASP B 241 15.68 -36.60 0.59
C ASP B 241 15.79 -37.73 -0.44
N VAL B 242 14.64 -38.21 -0.91
CA VAL B 242 14.52 -39.18 -2.03
C VAL B 242 13.37 -38.73 -2.93
N LEU B 243 13.45 -39.02 -4.23
CA LEU B 243 12.38 -38.75 -5.21
C LEU B 243 11.89 -40.07 -5.80
N VAL B 244 10.57 -40.20 -6.01
CA VAL B 244 9.92 -41.44 -6.52
C VAL B 244 8.94 -41.04 -7.63
N ILE B 245 9.26 -41.36 -8.88
CA ILE B 245 8.42 -41.02 -10.05
C ILE B 245 7.64 -42.28 -10.47
N ASN B 246 6.33 -42.24 -10.30
CA ASN B 246 5.39 -43.29 -10.78
C ASN B 246 4.65 -42.75 -12.01
N SER B 247 4.44 -43.58 -13.02
CA SER B 247 3.59 -43.23 -14.19
C SER B 247 3.15 -44.48 -14.95
N ASN B 248 2.08 -44.33 -15.74
CA ASN B 248 1.48 -45.40 -16.60
C ASN B 248 1.18 -44.86 -18.00
N GLY B 249 1.87 -43.79 -18.43
CA GLY B 249 1.76 -43.20 -19.79
C GLY B 249 1.85 -41.67 -19.79
N ASN B 250 2.14 -41.12 -20.96
CA ASN B 250 2.23 -39.65 -21.24
C ASN B 250 3.22 -39.02 -20.26
N LEU B 251 4.46 -39.51 -20.23
CA LEU B 251 5.52 -39.06 -19.32
C LEU B 251 6.74 -38.59 -20.13
N ILE B 252 7.24 -37.39 -19.86
CA ILE B 252 8.53 -36.88 -20.40
C ILE B 252 9.55 -36.91 -19.25
N ALA B 253 10.39 -37.96 -19.22
CA ALA B 253 11.35 -38.25 -18.13
C ALA B 253 12.51 -37.26 -18.18
N PRO B 254 13.16 -36.99 -17.02
CA PRO B 254 14.46 -36.31 -17.00
C PRO B 254 15.61 -37.28 -17.35
N ARG B 255 16.80 -36.70 -17.61
CA ARG B 255 18.08 -37.41 -17.81
C ARG B 255 19.17 -36.91 -16.83
N GLY B 256 18.82 -36.04 -15.87
CA GLY B 256 19.76 -35.51 -14.86
C GLY B 256 19.14 -34.44 -13.99
N TYR B 257 19.98 -33.65 -13.33
CA TYR B 257 19.63 -32.52 -12.45
C TYR B 257 20.53 -31.33 -12.78
N PHE B 258 20.09 -30.10 -12.54
CA PHE B 258 20.94 -28.88 -12.65
C PHE B 258 21.46 -28.51 -11.27
N LYS B 259 22.75 -28.19 -11.18
CA LYS B 259 23.40 -27.68 -9.94
C LYS B 259 22.87 -26.29 -9.63
N MET B 260 22.30 -26.10 -8.44
CA MET B 260 21.76 -24.82 -7.93
C MET B 260 22.87 -24.10 -7.17
N ARG B 261 22.89 -22.78 -7.25
CA ARG B 261 23.58 -21.90 -6.28
C ARG B 261 22.52 -20.94 -5.73
N THR B 262 22.96 -19.88 -5.06
CA THR B 262 22.18 -18.63 -4.82
C THR B 262 23.19 -17.47 -4.74
N GLY B 263 22.79 -16.27 -5.17
CA GLY B 263 23.63 -15.07 -5.07
C GLY B 263 22.99 -13.86 -5.74
N LYS B 264 23.81 -13.08 -6.46
CA LYS B 264 23.40 -11.89 -7.25
C LYS B 264 23.40 -12.27 -8.74
N SER B 265 22.25 -12.73 -9.24
CA SER B 265 22.01 -13.10 -10.66
C SER B 265 20.51 -12.97 -10.94
N SER B 266 20.14 -12.71 -12.19
CA SER B 266 18.82 -12.13 -12.59
C SER B 266 18.62 -12.19 -14.12
N ILE B 267 17.62 -11.46 -14.62
CA ILE B 267 17.21 -11.51 -16.05
C ILE B 267 16.53 -10.18 -16.39
N MET B 268 16.77 -9.64 -17.59
CA MET B 268 16.24 -8.33 -18.07
C MET B 268 15.90 -8.38 -19.57
N ARG B 269 14.69 -7.98 -19.98
CA ARG B 269 14.22 -8.05 -21.39
C ARG B 269 14.55 -6.74 -22.11
N SER B 270 15.24 -6.78 -23.26
CA SER B 270 15.67 -5.56 -24.01
C SER B 270 16.17 -5.88 -25.44
N ASP B 271 16.26 -4.82 -26.25
CA ASP B 271 16.61 -4.85 -27.69
C ASP B 271 17.78 -3.89 -27.94
N ALA B 272 18.69 -3.80 -26.97
CA ALA B 272 19.91 -2.95 -27.02
C ALA B 272 21.11 -3.76 -27.55
N PRO B 273 22.03 -3.16 -28.35
CA PRO B 273 23.30 -3.82 -28.70
C PRO B 273 24.32 -3.94 -27.55
N ILE B 274 25.46 -4.57 -27.86
CA ILE B 274 26.55 -4.90 -26.89
C ILE B 274 27.88 -4.28 -27.35
N ASP B 275 28.57 -3.60 -26.44
CA ASP B 275 29.76 -2.75 -26.72
C ASP B 275 30.99 -3.33 -26.02
N THR B 276 32.05 -2.51 -25.84
CA THR B 276 33.34 -2.89 -25.21
C THR B 276 33.81 -1.79 -24.25
N CYS B 277 32.86 -1.09 -23.58
CA CYS B 277 33.09 -0.09 -22.51
C CYS B 277 33.24 -0.80 -21.16
N ILE B 278 33.24 -0.04 -20.07
CA ILE B 278 33.05 -0.55 -18.68
C ILE B 278 31.88 0.21 -18.04
N SER B 279 30.84 -0.51 -17.57
CA SER B 279 29.68 0.05 -16.84
C SER B 279 29.03 -1.03 -15.99
N GLU B 280 28.61 -0.69 -14.77
CA GLU B 280 28.07 -1.65 -13.75
C GLU B 280 26.54 -1.50 -13.61
N CYS B 281 25.94 -0.53 -14.30
CA CYS B 281 24.55 -0.09 -14.07
C CYS B 281 23.78 -0.30 -15.37
N ILE B 282 23.06 -1.41 -15.49
CA ILE B 282 22.46 -1.85 -16.78
C ILE B 282 20.95 -1.72 -16.70
N THR B 283 20.36 -1.04 -17.68
CA THR B 283 18.89 -0.89 -17.83
C THR B 283 18.49 -1.31 -19.24
N PRO B 284 17.20 -1.59 -19.48
CA PRO B 284 16.72 -1.90 -20.84
C PRO B 284 16.83 -0.76 -21.86
N ASN B 285 17.25 0.42 -21.44
CA ASN B 285 17.53 1.54 -22.37
C ASN B 285 19.03 1.55 -22.69
N GLY B 286 19.85 0.94 -21.84
CA GLY B 286 21.31 0.76 -22.04
C GLY B 286 22.10 1.03 -20.77
N SER B 287 23.39 1.36 -20.91
CA SER B 287 24.32 1.63 -19.78
C SER B 287 24.17 3.09 -19.32
N ILE B 288 24.29 3.29 -18.01
CA ILE B 288 24.11 4.60 -17.32
C ILE B 288 25.32 4.79 -16.45
N PRO B 289 26.05 5.92 -16.55
CA PRO B 289 27.07 6.25 -15.55
C PRO B 289 26.41 6.56 -14.19
N ASN B 290 27.02 6.12 -13.09
CA ASN B 290 26.36 6.10 -11.75
C ASN B 290 26.84 7.30 -10.90
N ASP B 291 27.48 8.29 -11.53
CA ASP B 291 27.89 9.59 -10.91
C ASP B 291 26.75 10.23 -10.10
N LYS B 292 25.57 10.34 -10.70
CA LYS B 292 24.42 11.13 -10.16
C LYS B 292 23.75 10.36 -9.00
N PRO B 293 22.98 11.05 -8.13
CA PRO B 293 22.16 10.38 -7.11
C PRO B 293 20.88 9.70 -7.61
N PHE B 294 20.21 10.29 -8.60
CA PHE B 294 18.91 9.82 -9.16
C PHE B 294 18.98 9.71 -10.69
N GLN B 295 18.17 8.82 -11.28
CA GLN B 295 18.05 8.65 -12.76
C GLN B 295 16.57 8.51 -13.11
N ASN B 296 16.18 9.02 -14.29
CA ASN B 296 14.77 9.03 -14.77
C ASN B 296 14.56 8.05 -15.94
N VAL B 297 15.50 7.15 -16.19
CA VAL B 297 15.59 6.45 -17.51
C VAL B 297 14.63 5.28 -17.54
N ASN B 298 14.67 4.46 -16.51
CA ASN B 298 13.66 3.38 -16.32
C ASN B 298 13.76 2.93 -14.87
N LYS B 299 12.80 2.14 -14.40
CA LYS B 299 12.73 1.72 -12.98
C LYS B 299 13.66 0.54 -12.75
N ILE B 300 13.57 -0.48 -13.59
CA ILE B 300 14.38 -1.72 -13.40
C ILE B 300 15.85 -1.31 -13.52
N THR B 301 16.68 -1.68 -12.54
CA THR B 301 18.16 -1.46 -12.51
C THR B 301 18.89 -2.67 -11.91
N TYR B 302 19.60 -3.46 -12.74
CA TYR B 302 20.63 -4.44 -12.28
C TYR B 302 21.87 -3.67 -11.84
N GLY B 303 22.75 -4.29 -11.05
CA GLY B 303 24.01 -3.69 -10.56
C GLY B 303 23.74 -2.56 -9.57
N ALA B 304 24.67 -1.63 -9.42
CA ALA B 304 24.54 -0.45 -8.53
C ALA B 304 24.14 0.76 -9.36
N CYS B 305 22.96 1.34 -9.08
CA CYS B 305 22.36 2.41 -9.92
C CYS B 305 21.78 3.51 -9.05
N PRO B 306 21.66 4.76 -9.57
CA PRO B 306 20.92 5.81 -8.88
C PRO B 306 19.42 5.45 -8.74
N LYS B 307 18.74 5.97 -7.72
CA LYS B 307 17.33 5.61 -7.48
C LYS B 307 16.47 6.24 -8.58
N TYR B 308 15.19 5.90 -8.68
CA TYR B 308 14.31 6.43 -9.75
C TYR B 308 13.39 7.52 -9.21
N VAL B 309 13.39 8.70 -9.84
CA VAL B 309 12.47 9.84 -9.53
C VAL B 309 11.58 10.02 -10.76
N LYS B 310 10.57 10.86 -10.69
CA LYS B 310 9.62 10.98 -11.82
C LYS B 310 9.89 12.24 -12.64
N GLN B 311 10.88 13.05 -12.26
CA GLN B 311 11.08 14.40 -12.85
C GLN B 311 12.23 14.40 -13.84
N ASN B 312 12.31 15.43 -14.68
CA ASN B 312 13.29 15.58 -15.79
C ASN B 312 14.57 16.29 -15.34
N THR B 313 14.47 17.26 -14.43
CA THR B 313 15.64 18.03 -13.93
C THR B 313 15.46 18.37 -12.45
N LEU B 314 16.45 18.05 -11.64
CA LEU B 314 16.56 18.61 -10.28
C LEU B 314 17.88 19.36 -10.34
N LYS B 315 17.86 20.68 -10.13
CA LYS B 315 19.11 21.48 -10.22
C LYS B 315 19.52 21.84 -8.79
N LEU B 316 20.64 21.31 -8.36
CA LEU B 316 21.18 21.60 -7.02
C LEU B 316 22.19 22.69 -7.21
N ALA B 317 22.10 23.73 -6.38
CA ALA B 317 22.85 24.99 -6.53
C ALA B 317 24.13 24.94 -5.70
N THR B 318 25.17 25.62 -6.18
CA THR B 318 26.58 25.52 -5.70
C THR B 318 27.25 26.89 -5.51
N GLY B 319 26.49 28.01 -5.56
CA GLY B 319 27.02 29.40 -5.52
C GLY B 319 25.93 30.47 -5.62
N MET B 320 26.35 31.73 -5.77
CA MET B 320 25.49 32.91 -5.61
C MET B 320 24.37 33.02 -6.66
N ARG B 321 23.38 33.84 -6.34
CA ARG B 321 22.47 34.52 -7.30
C ARG B 321 23.29 35.42 -8.26
N ASN B 322 22.79 35.68 -9.48
CA ASN B 322 23.48 36.54 -10.48
C ASN B 322 22.95 38.00 -10.42
N VAL B 323 23.55 38.84 -9.55
CA VAL B 323 23.02 40.19 -9.15
C VAL B 323 23.22 41.30 -10.20
N PRO B 324 24.41 41.44 -10.83
CA PRO B 324 24.85 42.75 -11.32
C PRO B 324 24.31 43.23 -12.67
N GLU B 325 24.56 44.53 -12.90
CA GLU B 325 24.63 45.13 -14.25
C GLU B 325 25.99 44.74 -14.89
N LYS B 326 27.15 44.87 -14.19
CA LYS B 326 28.51 44.70 -14.79
C LYS B 326 29.58 44.34 -13.71
N GLN B 327 30.67 43.75 -14.17
CA GLN B 327 31.74 43.18 -13.30
C GLN B 327 32.67 44.26 -12.74
N THR B 328 33.41 43.89 -11.68
CA THR B 328 34.54 44.67 -11.08
C THR B 328 35.39 43.73 -10.23
N ARG B 329 36.72 43.74 -10.40
CA ARG B 329 37.66 42.76 -9.77
C ARG B 329 37.80 42.97 -8.25
N GLY B 330 38.32 41.94 -7.57
CA GLY B 330 38.54 41.90 -6.11
C GLY B 330 38.61 40.47 -5.58
N LEU B 331 38.70 40.33 -4.26
CA LEU B 331 38.63 39.01 -3.58
C LEU B 331 37.16 38.55 -3.52
N PHE B 332 36.91 37.28 -3.17
CA PHE B 332 35.55 36.75 -2.86
C PHE B 332 35.60 35.65 -1.80
N GLY B 333 34.43 35.25 -1.28
CA GLY B 333 34.27 34.29 -0.16
C GLY B 333 34.22 32.83 -0.60
N ALA B 334 33.40 32.02 0.08
CA ALA B 334 33.35 30.54 -0.05
C ALA B 334 32.53 30.07 -1.27
N ILE B 335 32.58 28.77 -1.53
CA ILE B 335 31.82 28.01 -2.58
C ILE B 335 31.20 26.77 -1.90
N ALA B 336 30.10 26.22 -2.44
CA ALA B 336 29.29 25.19 -1.74
C ALA B 336 30.11 23.94 -1.36
N GLY B 337 31.09 23.54 -2.18
CA GLY B 337 31.99 22.40 -1.92
C GLY B 337 31.26 21.08 -1.63
N PHE B 338 31.57 20.44 -0.50
CA PHE B 338 31.29 19.00 -0.20
C PHE B 338 29.79 18.67 -0.14
N ILE B 339 28.91 19.66 0.07
CA ILE B 339 27.58 19.47 0.74
C ILE B 339 26.76 18.38 0.04
N GLU B 340 26.93 18.23 -1.27
CA GLU B 340 26.22 17.24 -2.12
C GLU B 340 26.25 15.82 -1.51
N ASN B 341 27.37 15.22 -1.11
CA ASN B 341 27.25 13.78 -0.74
C ASN B 341 26.56 13.61 0.61
N GLY B 342 26.63 14.62 1.48
CA GLY B 342 26.03 14.55 2.83
C GLY B 342 24.53 14.36 2.72
N TRP B 343 23.85 15.29 2.05
CA TRP B 343 22.39 15.19 1.82
C TRP B 343 22.15 13.89 1.04
N GLU B 344 23.00 13.55 0.07
CA GLU B 344 22.73 12.35 -0.76
C GLU B 344 22.48 11.19 0.21
N GLY B 345 23.35 11.10 1.24
CA GLY B 345 23.28 10.16 2.37
C GLY B 345 21.86 9.92 2.88
N MET B 346 21.17 10.99 3.31
CA MET B 346 19.81 10.88 3.90
C MET B 346 18.96 10.01 2.97
N ILE B 347 18.68 10.50 1.76
CA ILE B 347 17.63 9.88 0.90
C ILE B 347 18.11 8.54 0.34
N ASP B 348 19.41 8.40 0.02
CA ASP B 348 19.94 7.08 -0.41
C ASP B 348 19.62 6.05 0.66
N GLY B 349 20.08 6.31 1.89
CA GLY B 349 19.90 5.44 3.06
C GLY B 349 18.53 4.79 3.08
N TRP B 350 17.46 5.58 2.92
CA TRP B 350 16.09 5.21 3.34
C TRP B 350 15.21 4.80 2.17
N TYR B 351 15.65 5.00 0.94
CA TYR B 351 14.87 4.55 -0.24
C TYR B 351 14.89 3.01 -0.20
N GLY B 352 13.95 2.37 -0.91
CA GLY B 352 13.78 0.90 -0.93
C GLY B 352 14.23 0.28 -2.24
N PHE B 353 14.22 -1.05 -2.32
CA PHE B 353 14.28 -1.83 -3.58
C PHE B 353 12.86 -2.27 -3.91
N ARG B 354 12.55 -2.45 -5.20
CA ARG B 354 11.18 -2.76 -5.70
C ARG B 354 10.72 -4.09 -5.12
N HIS B 355 9.41 -4.24 -4.91
CA HIS B 355 8.75 -5.56 -4.80
C HIS B 355 8.56 -6.11 -6.22
N GLN B 356 9.11 -7.30 -6.49
CA GLN B 356 9.21 -7.90 -7.83
C GLN B 356 7.86 -8.54 -8.20
N ASN B 357 7.19 -8.01 -9.22
CA ASN B 357 6.04 -8.72 -9.85
C ASN B 357 6.55 -10.14 -10.11
N SER B 358 5.90 -11.13 -9.52
CA SER B 358 6.36 -12.54 -9.49
C SER B 358 5.26 -13.44 -10.04
N GLU B 359 4.12 -13.47 -9.36
CA GLU B 359 2.98 -14.35 -9.72
C GLU B 359 2.57 -14.04 -11.17
N GLY B 360 2.55 -12.77 -11.58
CA GLY B 360 1.80 -12.36 -12.78
C GLY B 360 0.46 -13.07 -12.70
N THR B 361 0.10 -13.85 -13.73
CA THR B 361 -1.17 -14.62 -13.80
C THR B 361 -0.98 -15.98 -14.48
N GLY B 362 -1.96 -16.88 -14.30
CA GLY B 362 -2.03 -18.22 -14.94
C GLY B 362 -2.21 -18.11 -16.45
N GLN B 363 -3.17 -17.29 -16.90
CA GLN B 363 -3.39 -16.88 -18.32
C GLN B 363 -3.81 -18.10 -19.17
N ALA B 364 -4.67 -18.97 -18.62
CA ALA B 364 -5.21 -20.18 -19.30
C ALA B 364 -6.23 -19.76 -20.36
N ALA B 365 -6.20 -20.42 -21.53
CA ALA B 365 -7.06 -20.14 -22.71
C ALA B 365 -7.54 -21.47 -23.33
N ASP B 366 -8.49 -22.14 -22.66
CA ASP B 366 -9.09 -23.42 -23.12
C ASP B 366 -10.44 -23.66 -22.42
N LEU B 367 -11.31 -24.46 -23.06
CA LEU B 367 -12.53 -25.05 -22.46
C LEU B 367 -12.14 -26.39 -21.79
N LYS B 368 -12.11 -26.43 -20.46
CA LYS B 368 -11.60 -27.57 -19.65
C LYS B 368 -12.77 -28.30 -18.98
N SER B 369 -13.86 -28.51 -19.72
CA SER B 369 -15.11 -29.18 -19.26
C SER B 369 -14.93 -30.71 -19.30
N THR B 370 -15.88 -31.43 -18.72
CA THR B 370 -16.02 -32.92 -18.75
C THR B 370 -16.54 -33.36 -20.12
N GLN B 371 -16.34 -34.63 -20.50
CA GLN B 371 -16.64 -35.16 -21.86
C GLN B 371 -17.29 -36.56 -21.78
N ALA B 372 -18.62 -36.61 -21.98
CA ALA B 372 -19.43 -37.82 -22.27
C ALA B 372 -20.87 -37.39 -22.58
N ALA B 373 -21.48 -37.93 -23.65
CA ALA B 373 -22.82 -37.56 -24.14
C ALA B 373 -23.88 -37.91 -23.07
N ILE B 374 -23.84 -39.13 -22.53
CA ILE B 374 -24.76 -39.62 -21.47
C ILE B 374 -24.52 -38.78 -20.20
N ASP B 375 -23.26 -38.50 -19.85
CA ASP B 375 -22.86 -37.85 -18.58
C ASP B 375 -23.25 -36.36 -18.58
N GLN B 376 -23.12 -35.66 -19.71
CA GLN B 376 -23.18 -34.17 -19.78
C GLN B 376 -24.45 -33.66 -20.49
N ILE B 377 -25.04 -34.38 -21.45
CA ILE B 377 -26.18 -33.85 -22.27
C ILE B 377 -27.42 -34.77 -22.25
N ASN B 378 -27.45 -35.86 -21.46
CA ASN B 378 -28.64 -36.75 -21.31
C ASN B 378 -29.05 -36.90 -19.83
N GLY B 379 -30.26 -36.42 -19.48
CA GLY B 379 -30.93 -36.68 -18.19
C GLY B 379 -30.57 -35.68 -17.09
N LYS B 380 -30.96 -36.00 -15.85
CA LYS B 380 -30.65 -35.22 -14.61
C LYS B 380 -29.13 -35.11 -14.46
N LEU B 381 -28.41 -36.24 -14.62
CA LEU B 381 -26.93 -36.34 -14.54
C LEU B 381 -26.33 -35.25 -15.43
N ASN B 382 -26.83 -35.15 -16.66
CA ASN B 382 -26.44 -34.11 -17.65
C ASN B 382 -26.43 -32.76 -16.94
N ARG B 383 -27.59 -32.36 -16.40
CA ARG B 383 -27.80 -31.00 -15.85
C ARG B 383 -26.74 -30.81 -14.75
N VAL B 384 -26.60 -31.80 -13.87
CA VAL B 384 -25.62 -31.77 -12.74
C VAL B 384 -24.24 -31.48 -13.34
N ILE B 385 -23.78 -32.33 -14.26
CA ILE B 385 -22.40 -32.22 -14.82
C ILE B 385 -22.29 -30.83 -15.47
N GLU B 386 -23.26 -30.46 -16.30
CA GLU B 386 -23.28 -29.11 -16.94
C GLU B 386 -23.09 -28.06 -15.84
N LYS B 387 -23.89 -28.16 -14.77
CA LYS B 387 -23.88 -27.20 -13.63
C LYS B 387 -22.48 -27.18 -13.01
N THR B 388 -21.84 -28.33 -12.88
CA THR B 388 -20.50 -28.46 -12.23
C THR B 388 -19.46 -27.70 -13.04
N ASN B 389 -19.45 -27.91 -14.35
CA ASN B 389 -18.48 -27.30 -15.29
C ASN B 389 -18.68 -25.79 -15.27
N GLU B 390 -19.93 -25.33 -15.37
CA GLU B 390 -20.30 -23.90 -15.29
C GLU B 390 -19.83 -23.33 -13.95
N LYS B 391 -20.06 -24.07 -12.86
CA LYS B 391 -19.64 -23.66 -11.50
C LYS B 391 -18.12 -23.46 -11.50
N PHE B 392 -17.35 -24.37 -12.11
CA PHE B 392 -15.88 -24.25 -12.21
C PHE B 392 -15.51 -23.03 -13.06
N HIS B 393 -16.20 -22.82 -14.18
CA HIS B 393 -15.99 -21.64 -15.08
C HIS B 393 -16.18 -20.36 -14.25
N GLN B 394 -17.29 -20.29 -13.51
CA GLN B 394 -17.60 -19.24 -12.51
C GLN B 394 -16.38 -19.05 -11.61
N ILE B 395 -15.91 -20.14 -11.00
CA ILE B 395 -14.74 -20.13 -10.06
C ILE B 395 -13.56 -19.48 -10.78
N GLU B 396 -13.24 -19.96 -11.98
CA GLU B 396 -12.07 -19.50 -12.79
C GLU B 396 -12.17 -17.99 -13.02
N LYS B 397 -13.34 -17.52 -13.46
CA LYS B 397 -13.59 -16.09 -13.79
C LYS B 397 -13.45 -15.26 -12.51
N GLU B 398 -14.08 -15.70 -11.41
CA GLU B 398 -13.95 -15.05 -10.08
C GLU B 398 -12.46 -14.98 -9.75
N PHE B 399 -11.73 -16.09 -9.92
CA PHE B 399 -10.28 -16.17 -9.62
C PHE B 399 -9.56 -15.05 -10.38
N SER B 400 -9.80 -14.96 -11.69
CA SER B 400 -9.15 -13.97 -12.58
C SER B 400 -9.48 -12.56 -12.08
N GLU B 401 -10.75 -12.28 -11.82
CA GLU B 401 -11.24 -10.99 -11.24
C GLU B 401 -10.35 -10.63 -10.05
N VAL B 402 -10.28 -11.55 -9.07
CA VAL B 402 -9.51 -11.40 -7.80
C VAL B 402 -8.05 -11.07 -8.13
N GLU B 403 -7.38 -11.95 -8.88
CA GLU B 403 -5.93 -11.83 -9.21
C GLU B 403 -5.68 -10.47 -9.86
N GLY B 404 -6.52 -10.11 -10.83
CA GLY B 404 -6.51 -8.80 -11.50
C GLY B 404 -6.59 -7.67 -10.50
N ARG B 405 -7.55 -7.75 -9.57
CA ARG B 405 -7.75 -6.70 -8.54
C ARG B 405 -6.47 -6.58 -7.71
N ILE B 406 -5.85 -7.71 -7.35
CA ILE B 406 -4.60 -7.74 -6.54
C ILE B 406 -3.51 -6.97 -7.29
N GLN B 407 -3.34 -7.28 -8.57
CA GLN B 407 -2.27 -6.75 -9.43
C GLN B 407 -2.53 -5.25 -9.68
N ASP B 408 -3.80 -4.88 -9.81
CA ASP B 408 -4.22 -3.46 -9.96
C ASP B 408 -3.77 -2.70 -8.71
N LEU B 409 -4.17 -3.20 -7.53
CA LEU B 409 -3.77 -2.62 -6.23
C LEU B 409 -2.24 -2.56 -6.17
N GLU B 410 -1.57 -3.63 -6.59
CA GLU B 410 -0.09 -3.76 -6.55
C GLU B 410 0.49 -2.53 -7.25
N LYS B 411 0.02 -2.28 -8.47
CA LYS B 411 0.41 -1.12 -9.31
C LYS B 411 0.20 0.16 -8.50
N TYR B 412 -0.98 0.32 -7.90
CA TYR B 412 -1.37 1.58 -7.21
C TYR B 412 -0.37 1.85 -6.09
N VAL B 413 -0.09 0.85 -5.25
CA VAL B 413 0.89 0.95 -4.13
C VAL B 413 2.17 1.56 -4.69
N GLU B 414 2.72 0.89 -5.71
CA GLU B 414 4.01 1.21 -6.34
C GLU B 414 3.99 2.67 -6.78
N ASP B 415 2.99 3.06 -7.56
CA ASP B 415 2.89 4.43 -8.11
C ASP B 415 2.88 5.41 -6.94
N THR B 416 2.08 5.13 -5.91
CA THR B 416 1.96 5.99 -4.71
C THR B 416 3.38 6.22 -4.17
N LYS B 417 4.09 5.12 -3.90
CA LYS B 417 5.46 5.14 -3.33
C LYS B 417 6.31 6.17 -4.07
N ILE B 418 6.38 6.07 -5.40
CA ILE B 418 7.34 6.79 -6.27
C ILE B 418 7.10 8.29 -6.13
N ASP B 419 5.85 8.65 -6.38
CA ASP B 419 5.33 10.01 -6.20
C ASP B 419 5.91 10.53 -4.89
N LEU B 420 5.61 9.87 -3.77
CA LEU B 420 5.87 10.43 -2.42
C LEU B 420 7.37 10.71 -2.27
N TRP B 421 8.18 9.76 -2.76
CA TRP B 421 9.65 9.86 -2.71
C TRP B 421 10.11 11.02 -3.59
N SER B 422 9.54 11.16 -4.78
CA SER B 422 9.89 12.26 -5.71
C SER B 422 9.57 13.62 -5.08
N TYR B 423 8.42 13.70 -4.41
CA TYR B 423 8.01 14.90 -3.66
C TYR B 423 9.11 15.17 -2.61
N ASN B 424 9.54 14.15 -1.87
CA ASN B 424 10.57 14.30 -0.80
C ASN B 424 11.85 14.84 -1.42
N ALA B 425 12.23 14.27 -2.56
CA ALA B 425 13.49 14.60 -3.27
C ALA B 425 13.43 16.06 -3.69
N GLU B 426 12.31 16.49 -4.26
CA GLU B 426 12.15 17.89 -4.71
C GLU B 426 12.25 18.83 -3.51
N LEU B 427 11.56 18.52 -2.41
CA LEU B 427 11.54 19.33 -1.16
C LEU B 427 12.99 19.48 -0.66
N LEU B 428 13.74 18.38 -0.61
CA LEU B 428 15.11 18.32 -0.04
C LEU B 428 16.06 19.20 -0.86
N VAL B 429 15.96 19.13 -2.19
CA VAL B 429 16.80 19.94 -3.13
C VAL B 429 16.50 21.40 -2.86
N ALA B 430 15.21 21.72 -2.74
CA ALA B 430 14.76 23.09 -2.50
C ALA B 430 15.30 23.57 -1.15
N LEU B 431 15.23 22.73 -0.11
CA LEU B 431 15.68 23.12 1.26
C LEU B 431 17.15 23.51 1.20
N GLU B 432 17.97 22.66 0.57
CA GLU B 432 19.44 22.86 0.44
C GLU B 432 19.69 24.17 -0.30
N ASN B 433 19.01 24.40 -1.42
CA ASN B 433 19.24 25.59 -2.26
C ASN B 433 18.85 26.84 -1.49
N GLN B 434 17.73 26.82 -0.77
CA GLN B 434 17.28 27.97 0.07
C GLN B 434 18.37 28.25 1.12
N HIS B 435 18.75 27.23 1.88
CA HIS B 435 19.80 27.31 2.93
C HIS B 435 21.10 27.84 2.30
N THR B 436 21.56 27.20 1.21
CA THR B 436 22.79 27.53 0.47
C THR B 436 22.79 29.02 0.09
N ILE B 437 21.70 29.49 -0.52
CA ILE B 437 21.53 30.92 -0.91
C ILE B 437 21.65 31.77 0.35
N ASP B 438 20.96 31.41 1.43
CA ASP B 438 20.93 32.22 2.68
C ASP B 438 22.33 32.20 3.31
N LEU B 439 23.02 31.06 3.26
CA LEU B 439 24.40 30.89 3.83
C LEU B 439 25.34 31.88 3.13
N THR B 440 25.45 31.78 1.81
CA THR B 440 26.37 32.59 0.98
C THR B 440 26.02 34.07 1.14
N ASP B 441 24.73 34.41 1.03
CA ASP B 441 24.20 35.80 1.13
C ASP B 441 24.66 36.41 2.47
N SER B 442 24.43 35.70 3.57
CA SER B 442 24.75 36.14 4.94
C SER B 442 26.26 36.37 5.05
N GLU B 443 27.06 35.41 4.59
CA GLU B 443 28.55 35.45 4.62
C GLU B 443 29.04 36.72 3.91
N MET B 444 28.54 36.98 2.70
CA MET B 444 28.93 38.15 1.87
C MET B 444 28.57 39.44 2.63
N ASN B 445 27.34 39.53 3.13
CA ASN B 445 26.79 40.76 3.77
C ASN B 445 27.63 41.09 5.01
N LYS B 446 27.88 40.08 5.85
CA LYS B 446 28.67 40.19 7.11
C LYS B 446 30.09 40.67 6.78
N LEU B 447 30.73 40.01 5.81
CA LEU B 447 32.12 40.31 5.37
C LEU B 447 32.21 41.74 4.86
N PHE B 448 31.23 42.15 4.03
CA PHE B 448 31.16 43.49 3.39
C PHE B 448 31.13 44.58 4.48
N GLU B 449 30.31 44.41 5.51
CA GLU B 449 30.15 45.45 6.56
C GLU B 449 31.34 45.38 7.53
N LYS B 450 31.95 44.20 7.72
CA LYS B 450 33.26 44.08 8.42
C LYS B 450 34.26 44.99 7.69
N THR B 451 34.29 44.91 6.37
CA THR B 451 35.14 45.75 5.48
C THR B 451 34.74 47.22 5.67
N ARG B 452 33.43 47.53 5.79
CA ARG B 452 32.91 48.91 5.97
C ARG B 452 33.47 49.52 7.26
N ARG B 453 33.46 48.75 8.36
CA ARG B 453 33.97 49.21 9.69
C ARG B 453 35.48 49.43 9.57
N GLN B 454 36.18 48.58 8.80
CA GLN B 454 37.64 48.74 8.49
C GLN B 454 37.86 49.97 7.60
N LEU B 455 36.94 50.27 6.67
CA LEU B 455 37.12 51.35 5.65
C LEU B 455 37.45 52.72 6.27
N ARG B 456 36.82 53.08 7.39
CA ARG B 456 37.05 54.39 8.07
C ARG B 456 36.74 55.56 7.10
N GLU B 457 35.65 55.48 6.33
CA GLU B 457 35.00 56.62 5.59
C GLU B 457 35.65 56.88 4.22
N ASN B 458 36.62 56.06 3.75
CA ASN B 458 37.34 56.33 2.48
C ASN B 458 36.43 56.04 1.27
N ALA B 459 35.64 54.96 1.32
CA ALA B 459 34.72 54.51 0.25
C ALA B 459 33.30 54.30 0.82
N GLU B 460 32.32 54.10 -0.06
CA GLU B 460 30.87 53.94 0.27
C GLU B 460 30.22 52.98 -0.73
N GLU B 461 29.35 52.09 -0.25
CA GLU B 461 28.66 51.10 -1.12
C GLU B 461 27.74 51.87 -2.09
N MET B 462 27.77 51.48 -3.37
CA MET B 462 26.93 52.07 -4.46
C MET B 462 25.51 51.50 -4.41
N GLY B 463 25.30 50.38 -3.72
CA GLY B 463 23.99 49.75 -3.48
C GLY B 463 23.88 48.31 -3.98
N ASN B 464 24.92 47.77 -4.62
CA ASN B 464 24.95 46.42 -5.26
C ASN B 464 25.97 45.54 -4.52
N GLY B 465 26.11 45.72 -3.21
CA GLY B 465 27.11 45.06 -2.36
C GLY B 465 28.54 45.35 -2.80
N CYS B 466 28.79 46.52 -3.40
CA CYS B 466 30.15 46.95 -3.82
C CYS B 466 30.42 48.39 -3.41
N PHE B 467 31.66 48.62 -3.03
CA PHE B 467 32.17 49.94 -2.60
C PHE B 467 32.61 50.74 -3.82
N LYS B 468 31.94 51.86 -4.08
CA LYS B 468 32.45 53.03 -4.82
C LYS B 468 33.58 53.66 -4.00
N ILE B 469 34.83 53.58 -4.48
CA ILE B 469 36.02 54.22 -3.86
C ILE B 469 36.17 55.60 -4.52
N TYR B 470 36.28 56.65 -3.71
CA TYR B 470 36.41 58.07 -4.16
C TYR B 470 37.83 58.33 -4.65
N HIS B 471 38.83 57.76 -3.96
CA HIS B 471 40.29 57.92 -4.24
C HIS B 471 40.85 56.70 -4.97
N LYS B 472 42.07 56.82 -5.50
CA LYS B 472 42.86 55.71 -6.07
C LYS B 472 43.82 55.19 -4.99
N CYS B 473 44.34 53.97 -5.16
CA CYS B 473 45.42 53.37 -4.33
C CYS B 473 45.98 52.11 -5.01
N ASP B 474 47.30 51.90 -4.90
CA ASP B 474 48.03 50.77 -5.53
C ASP B 474 47.69 49.47 -4.79
N ASN B 475 48.15 48.33 -5.31
CA ASN B 475 47.76 46.96 -4.86
C ASN B 475 48.08 46.76 -3.36
N ALA B 476 49.03 47.52 -2.80
CA ALA B 476 49.34 47.58 -1.36
C ALA B 476 48.07 47.80 -0.52
N CYS B 477 47.22 48.74 -0.93
CA CYS B 477 45.93 49.08 -0.24
C CYS B 477 44.98 47.86 -0.30
N ILE B 478 44.92 47.18 -1.45
CA ILE B 478 44.03 46.01 -1.72
C ILE B 478 44.49 44.84 -0.83
N GLU B 479 45.81 44.62 -0.71
CA GLU B 479 46.43 43.61 0.19
C GLU B 479 46.07 43.92 1.66
N SER B 480 46.25 45.18 2.08
CA SER B 480 45.93 45.70 3.44
C SER B 480 44.45 45.45 3.77
N ILE B 481 43.55 45.65 2.79
CA ILE B 481 42.09 45.35 2.93
C ILE B 481 41.89 43.83 3.07
N ARG B 482 42.58 43.03 2.25
CA ARG B 482 42.49 41.53 2.20
C ARG B 482 42.89 40.90 3.55
N ASN B 483 43.83 41.51 4.26
CA ASN B 483 44.40 41.03 5.56
C ASN B 483 43.72 41.74 6.74
N GLY B 484 42.86 42.73 6.48
CA GLY B 484 42.06 43.47 7.48
C GLY B 484 42.92 44.38 8.36
N THR B 485 44.12 44.76 7.89
CA THR B 485 45.06 45.68 8.58
C THR B 485 45.15 46.97 7.77
N TYR B 486 44.28 47.95 8.07
CA TYR B 486 44.10 49.21 7.31
C TYR B 486 44.04 50.41 8.27
N ASP B 487 44.66 51.53 7.87
CA ASP B 487 44.56 52.85 8.53
C ASP B 487 44.23 53.90 7.45
N HIS B 488 43.50 54.96 7.80
CA HIS B 488 42.92 55.94 6.84
C HIS B 488 43.79 57.20 6.69
N ASP B 489 44.96 57.27 7.33
CA ASP B 489 45.81 58.50 7.39
C ASP B 489 46.24 58.92 5.98
N VAL B 490 46.55 57.96 5.10
CA VAL B 490 47.12 58.20 3.74
C VAL B 490 46.14 59.05 2.92
N TYR B 491 44.82 58.97 3.18
CA TYR B 491 43.77 59.62 2.37
C TYR B 491 43.07 60.73 3.16
N ARG B 492 43.70 61.23 4.23
CA ARG B 492 43.10 62.23 5.16
C ARG B 492 42.94 63.56 4.41
N ASP B 493 44.01 64.05 3.79
CA ASP B 493 44.08 65.36 3.08
C ASP B 493 43.03 65.39 1.97
N GLU B 494 43.01 64.35 1.13
CA GLU B 494 42.07 64.19 -0.03
C GLU B 494 40.62 64.24 0.47
N ALA B 495 40.28 63.42 1.48
CA ALA B 495 38.92 63.31 2.05
C ALA B 495 38.48 64.65 2.65
N LEU B 496 39.35 65.31 3.42
CA LEU B 496 39.07 66.66 4.01
C LEU B 496 38.75 67.65 2.89
N ASN B 497 39.54 67.66 1.81
CA ASN B 497 39.36 68.57 0.64
C ASN B 497 37.98 68.29 0.00
N ASN B 498 37.62 67.02 -0.19
CA ASN B 498 36.32 66.60 -0.80
C ASN B 498 35.18 67.03 0.14
N ARG B 499 35.35 66.84 1.45
CA ARG B 499 34.32 67.14 2.48
C ARG B 499 34.12 68.66 2.57
N CYS C 14 8.48 55.69 15.21
CA CYS C 14 8.40 54.20 15.13
C CYS C 14 8.19 53.69 13.69
N LEU C 15 8.36 52.38 13.50
CA LEU C 15 7.90 51.59 12.33
C LEU C 15 7.11 50.39 12.86
N GLY C 16 6.26 50.62 13.87
CA GLY C 16 5.82 49.60 14.84
C GLY C 16 4.67 48.71 14.36
N HIS C 17 4.39 48.65 13.05
CA HIS C 17 3.43 47.69 12.41
C HIS C 17 1.98 47.87 12.92
N HIS C 18 1.68 48.94 13.66
CA HIS C 18 0.29 49.43 13.93
C HIS C 18 -0.62 48.42 14.66
N ALA C 19 -0.06 47.44 15.38
CA ALA C 19 -0.70 46.75 16.53
C ALA C 19 -2.06 46.10 16.17
N VAL C 20 -2.17 45.50 14.99
CA VAL C 20 -3.48 45.04 14.41
C VAL C 20 -4.23 44.22 15.44
N PRO C 21 -5.49 44.58 15.80
CA PRO C 21 -6.19 43.94 16.91
C PRO C 21 -6.73 42.56 16.49
N ASN C 22 -6.72 41.63 17.42
CA ASN C 22 -7.44 40.34 17.22
C ASN C 22 -6.88 39.59 16.00
N GLY C 23 -5.55 39.53 15.85
CA GLY C 23 -4.86 38.58 14.96
C GLY C 23 -5.02 37.14 15.42
N THR C 24 -4.35 36.18 14.78
CA THR C 24 -4.59 34.74 15.08
C THR C 24 -3.30 33.91 15.05
N LEU C 25 -3.47 32.64 15.41
CA LEU C 25 -2.41 31.60 15.51
C LEU C 25 -1.99 31.03 14.15
N VAL C 26 -0.72 30.65 14.06
CA VAL C 26 -0.11 29.90 12.93
C VAL C 26 0.84 28.89 13.56
N LYS C 27 0.98 27.71 12.99
CA LYS C 27 1.95 26.69 13.48
C LYS C 27 3.31 27.02 12.88
N THR C 28 4.37 26.89 13.66
CA THR C 28 5.78 26.98 13.18
C THR C 28 6.47 25.65 13.51
N ILE C 29 7.67 25.44 12.99
CA ILE C 29 8.37 24.13 13.15
C ILE C 29 8.79 23.95 14.61
N THR C 30 9.14 25.05 15.28
CA THR C 30 9.84 25.08 16.60
C THR C 30 8.93 25.55 17.72
N ASP C 31 8.44 26.79 17.63
CA ASP C 31 7.38 27.37 18.51
C ASP C 31 6.04 26.86 18.01
N ASP C 32 5.01 26.87 18.85
CA ASP C 32 3.61 26.57 18.45
C ASP C 32 2.74 27.75 18.88
N GLN C 33 1.64 27.95 18.17
CA GLN C 33 0.63 28.98 18.52
C GLN C 33 1.33 30.32 18.76
N ILE C 34 2.32 30.67 17.93
CA ILE C 34 2.79 32.08 17.81
C ILE C 34 1.68 32.85 17.06
N GLU C 35 1.57 34.17 17.27
CA GLU C 35 0.49 35.00 16.68
C GLU C 35 1.07 35.92 15.61
N VAL C 36 0.25 36.29 14.62
CA VAL C 36 0.65 37.11 13.44
C VAL C 36 -0.44 38.16 13.18
N THR C 37 -0.06 39.26 12.52
CA THR C 37 -0.89 40.46 12.25
C THR C 37 -2.16 40.06 11.50
N ASN C 38 -1.99 39.47 10.32
CA ASN C 38 -3.13 39.15 9.43
C ASN C 38 -2.84 37.81 8.76
N ALA C 39 -3.69 36.82 9.04
CA ALA C 39 -3.51 35.42 8.59
C ALA C 39 -4.56 35.07 7.56
N THR C 40 -4.23 34.08 6.73
CA THR C 40 -5.11 33.50 5.70
C THR C 40 -5.41 32.05 6.09
N GLU C 41 -6.65 31.61 5.82
CA GLU C 41 -7.08 30.18 5.91
C GLU C 41 -6.85 29.48 4.57
N LEU C 42 -6.65 28.17 4.64
CA LEU C 42 -6.22 27.40 3.47
C LEU C 42 -7.02 26.13 3.39
N VAL C 43 -8.11 25.98 4.12
CA VAL C 43 -8.94 24.76 3.88
C VAL C 43 -10.40 25.18 3.89
N GLN C 44 -10.99 25.31 2.70
CA GLN C 44 -12.41 25.65 2.52
C GLN C 44 -13.26 24.50 3.10
N SER C 45 -13.81 24.67 4.31
CA SER C 45 -14.36 23.58 5.17
C SER C 45 -15.89 23.55 5.17
N SER C 46 -16.54 24.48 4.46
CA SER C 46 -17.97 24.84 4.60
C SER C 46 -18.69 24.62 3.28
N SER C 47 -19.97 24.24 3.32
CA SER C 47 -20.81 23.98 2.12
C SER C 47 -22.19 24.64 2.24
N THR C 48 -22.71 25.14 1.11
CA THR C 48 -24.08 25.72 1.01
C THR C 48 -25.10 24.60 1.19
N GLY C 49 -24.83 23.45 0.58
CA GLY C 49 -25.71 22.26 0.59
C GLY C 49 -26.37 22.01 -0.75
N LYS C 50 -26.13 22.84 -1.78
CA LYS C 50 -26.83 22.76 -3.10
C LYS C 50 -25.82 22.57 -4.23
N ILE C 51 -26.28 22.00 -5.35
CA ILE C 51 -25.49 21.83 -6.59
C ILE C 51 -25.98 22.85 -7.63
N CYS C 52 -25.07 23.71 -8.08
CA CYS C 52 -25.25 24.62 -9.24
C CYS C 52 -25.70 23.85 -10.48
N ASN C 53 -26.43 24.52 -11.38
CA ASN C 53 -26.93 23.93 -12.66
C ASN C 53 -26.04 24.39 -13.83
N ASN C 54 -24.90 25.03 -13.56
CA ASN C 54 -23.93 25.52 -14.58
C ASN C 54 -22.55 25.54 -13.95
N PRO C 55 -21.43 25.39 -14.73
CA PRO C 55 -21.47 25.28 -16.18
C PRO C 55 -21.63 23.83 -16.65
N HIS C 56 -21.62 22.87 -15.74
CA HIS C 56 -21.81 21.44 -16.06
C HIS C 56 -23.28 21.15 -16.32
N ARG C 57 -23.52 20.06 -17.05
CA ARG C 57 -24.86 19.51 -17.35
C ARG C 57 -25.15 18.46 -16.27
N ILE C 58 -25.89 18.84 -15.22
CA ILE C 58 -26.22 17.94 -14.08
C ILE C 58 -27.61 17.37 -14.32
N LEU C 59 -27.77 16.07 -14.15
CA LEU C 59 -29.04 15.33 -14.40
C LEU C 59 -29.52 14.72 -13.08
N ASP C 60 -30.76 14.98 -12.73
CA ASP C 60 -31.35 14.53 -11.44
C ASP C 60 -32.17 13.27 -11.69
N GLY C 61 -31.62 12.11 -11.32
CA GLY C 61 -32.35 10.84 -11.23
C GLY C 61 -33.28 10.83 -10.03
N ILE C 62 -34.44 11.46 -10.17
CA ILE C 62 -35.36 11.81 -9.04
C ILE C 62 -35.74 10.52 -8.32
N ASP C 63 -36.33 9.54 -9.02
CA ASP C 63 -36.79 8.28 -8.38
C ASP C 63 -36.22 7.05 -9.09
N CYS C 64 -35.23 7.21 -9.99
CA CYS C 64 -34.53 6.08 -10.65
C CYS C 64 -33.02 6.12 -10.39
N THR C 65 -32.39 4.96 -10.57
CA THR C 65 -30.92 4.74 -10.57
C THR C 65 -30.43 4.76 -12.00
N LEU C 66 -29.13 4.65 -12.27
CA LEU C 66 -28.68 4.70 -13.69
C LEU C 66 -29.14 3.42 -14.39
N ILE C 67 -29.05 2.29 -13.72
CA ILE C 67 -29.48 0.97 -14.27
C ILE C 67 -30.97 1.04 -14.68
N ASP C 68 -31.84 1.70 -13.89
CA ASP C 68 -33.32 1.70 -14.14
C ASP C 68 -33.65 2.58 -15.35
N ALA C 69 -32.93 3.68 -15.53
CA ALA C 69 -33.03 4.56 -16.70
C ALA C 69 -32.53 3.83 -17.94
N LEU C 70 -31.54 2.96 -17.76
CA LEU C 70 -30.93 2.18 -18.85
C LEU C 70 -31.98 1.19 -19.38
N LEU C 71 -32.57 0.40 -18.49
CA LEU C 71 -33.53 -0.68 -18.85
C LEU C 71 -34.84 -0.08 -19.40
N GLY C 72 -35.23 1.11 -18.93
CA GLY C 72 -36.41 1.87 -19.41
C GLY C 72 -37.60 1.80 -18.46
N ASP C 73 -37.39 2.08 -17.18
CA ASP C 73 -38.45 1.96 -16.14
C ASP C 73 -39.65 2.79 -16.57
N PRO C 74 -40.91 2.30 -16.43
CA PRO C 74 -42.10 3.03 -16.89
C PRO C 74 -42.26 4.45 -16.33
N HIS C 75 -41.67 4.73 -15.17
CA HIS C 75 -41.75 6.04 -14.49
C HIS C 75 -40.44 6.83 -14.67
N CYS C 76 -39.59 6.42 -15.62
CA CYS C 76 -38.34 7.15 -15.97
C CYS C 76 -38.17 7.21 -17.49
N ASP C 77 -39.30 7.23 -18.21
CA ASP C 77 -39.34 7.40 -19.68
C ASP C 77 -39.02 8.87 -20.02
N VAL C 78 -38.77 9.72 -19.01
CA VAL C 78 -38.34 11.14 -19.19
C VAL C 78 -36.81 11.21 -19.40
N PHE C 79 -36.09 10.09 -19.27
CA PHE C 79 -34.61 10.04 -19.40
C PHE C 79 -34.17 9.47 -20.75
N GLN C 80 -35.08 9.32 -21.72
CA GLN C 80 -34.78 8.69 -23.03
C GLN C 80 -33.93 9.65 -23.88
N ASN C 81 -32.85 9.14 -24.47
CA ASN C 81 -31.83 9.96 -25.17
C ASN C 81 -31.47 11.16 -24.30
N GLU C 82 -31.10 10.91 -23.05
CA GLU C 82 -30.69 12.00 -22.12
C GLU C 82 -29.17 12.04 -22.07
N THR C 83 -28.63 13.26 -21.98
CA THR C 83 -27.18 13.56 -22.07
C THR C 83 -26.77 14.24 -20.76
N TRP C 84 -25.88 13.60 -20.01
CA TRP C 84 -25.34 14.15 -18.74
C TRP C 84 -23.84 14.37 -18.86
N ASP C 85 -23.34 15.37 -18.14
CA ASP C 85 -21.91 15.48 -17.79
C ASP C 85 -21.69 14.62 -16.55
N LEU C 86 -22.62 14.65 -15.60
CA LEU C 86 -22.50 13.98 -14.29
C LEU C 86 -23.87 13.43 -13.88
N PHE C 87 -23.91 12.16 -13.47
CA PHE C 87 -25.15 11.53 -12.98
C PHE C 87 -25.23 11.56 -11.46
N VAL C 88 -26.37 11.97 -10.92
CA VAL C 88 -26.61 12.00 -9.44
C VAL C 88 -27.73 11.01 -9.12
N GLU C 89 -27.45 10.03 -8.27
CA GLU C 89 -28.47 9.09 -7.75
C GLU C 89 -28.97 9.61 -6.41
N ARG C 90 -30.27 9.47 -6.17
CA ARG C 90 -30.93 9.73 -4.87
C ARG C 90 -31.13 8.40 -4.14
N SER C 91 -31.18 8.44 -2.80
CA SER C 91 -31.44 7.29 -1.91
C SER C 91 -32.93 6.93 -1.96
N LYS C 92 -33.79 7.93 -2.18
CA LYS C 92 -35.28 7.77 -2.20
C LYS C 92 -35.73 7.09 -3.51
N ALA C 93 -34.79 6.60 -4.34
CA ALA C 93 -35.07 5.89 -5.59
C ALA C 93 -35.33 4.41 -5.31
N PHE C 94 -36.09 3.77 -6.19
CA PHE C 94 -36.55 2.36 -6.10
C PHE C 94 -36.88 1.87 -7.51
N SER C 95 -37.18 0.58 -7.66
CA SER C 95 -37.72 -0.03 -8.89
C SER C 95 -39.23 -0.26 -8.73
N ASN C 96 -40.00 0.02 -9.78
CA ASN C 96 -41.45 -0.30 -9.86
C ASN C 96 -41.68 -1.00 -11.20
N CYS C 97 -41.05 -2.16 -11.34
CA CYS C 97 -41.12 -3.08 -12.51
C CYS C 97 -40.74 -4.48 -12.03
N TYR C 98 -40.49 -5.41 -12.96
CA TYR C 98 -40.10 -6.82 -12.66
C TYR C 98 -38.90 -6.81 -11.72
N PRO C 99 -38.89 -7.62 -10.65
CA PRO C 99 -37.71 -7.73 -9.78
C PRO C 99 -36.52 -8.38 -10.50
N TYR C 100 -35.32 -7.78 -10.42
CA TYR C 100 -34.17 -8.19 -11.26
C TYR C 100 -32.88 -8.30 -10.43
N ASP C 101 -31.82 -8.77 -11.09
CA ASP C 101 -30.50 -9.14 -10.50
C ASP C 101 -29.41 -8.92 -11.55
N VAL C 102 -28.29 -8.32 -11.14
CA VAL C 102 -27.11 -8.04 -12.03
C VAL C 102 -25.87 -8.63 -11.36
N PRO C 103 -25.34 -9.76 -11.88
CA PRO C 103 -24.03 -10.26 -11.45
C PRO C 103 -22.90 -9.32 -11.91
N ASP C 104 -22.09 -8.85 -10.96
CA ASP C 104 -21.07 -7.80 -11.16
C ASP C 104 -21.79 -6.53 -11.62
N TYR C 105 -22.70 -6.05 -10.76
CA TYR C 105 -23.54 -4.85 -10.95
C TYR C 105 -22.65 -3.63 -11.14
N ALA C 106 -21.61 -3.53 -10.32
CA ALA C 106 -20.69 -2.37 -10.21
C ALA C 106 -20.00 -2.11 -11.56
N SER C 107 -19.52 -3.16 -12.22
CA SER C 107 -18.75 -3.05 -13.49
C SER C 107 -19.63 -2.44 -14.58
N LEU C 108 -20.84 -2.96 -14.76
CA LEU C 108 -21.80 -2.48 -15.79
C LEU C 108 -22.04 -0.98 -15.56
N ARG C 109 -22.30 -0.58 -14.31
CA ARG C 109 -22.71 0.80 -13.94
C ARG C 109 -21.58 1.77 -14.29
N SER C 110 -20.34 1.43 -13.95
CA SER C 110 -19.15 2.29 -14.19
C SER C 110 -18.94 2.47 -15.70
N LEU C 111 -19.30 1.49 -16.52
CA LEU C 111 -19.20 1.56 -18.00
C LEU C 111 -20.21 2.59 -18.52
N VAL C 112 -21.46 2.46 -18.09
CA VAL C 112 -22.57 3.34 -18.55
C VAL C 112 -22.26 4.74 -18.07
N ALA C 113 -21.72 4.85 -16.86
CA ALA C 113 -21.46 6.14 -16.20
C ALA C 113 -20.43 6.93 -16.99
N SER C 114 -19.36 6.26 -17.42
CA SER C 114 -18.18 6.89 -18.05
C SER C 114 -18.50 7.31 -19.50
N SER C 115 -19.58 6.79 -20.09
CA SER C 115 -20.03 7.06 -21.48
C SER C 115 -20.60 8.49 -21.57
N GLY C 116 -21.57 8.81 -20.72
CA GLY C 116 -22.19 10.15 -20.63
C GLY C 116 -23.44 10.27 -21.47
N THR C 117 -24.01 9.17 -21.98
CA THR C 117 -25.17 9.20 -22.92
C THR C 117 -26.07 7.98 -22.74
N LEU C 118 -27.34 8.15 -23.08
CA LEU C 118 -28.30 7.03 -23.25
C LEU C 118 -28.95 7.10 -24.64
N GLU C 119 -28.14 7.32 -25.68
CA GLU C 119 -28.59 7.19 -27.09
C GLU C 119 -28.81 5.69 -27.40
N PHE C 120 -30.06 5.26 -27.53
CA PHE C 120 -30.44 3.86 -27.83
C PHE C 120 -30.85 3.72 -29.30
N ILE C 121 -30.06 2.96 -30.06
CA ILE C 121 -30.27 2.74 -31.53
C ILE C 121 -30.94 1.37 -31.72
N THR C 122 -32.18 1.39 -32.20
CA THR C 122 -33.06 0.21 -32.44
C THR C 122 -32.50 -0.59 -33.63
N GLU C 123 -32.59 -1.94 -33.57
CA GLU C 123 -32.07 -2.88 -34.61
C GLU C 123 -33.12 -3.93 -34.99
N GLY C 124 -33.00 -4.47 -36.21
CA GLY C 124 -33.94 -5.44 -36.80
C GLY C 124 -33.55 -6.89 -36.49
N PHE C 125 -34.04 -7.42 -35.36
CA PHE C 125 -33.98 -8.86 -35.02
C PHE C 125 -35.21 -9.58 -35.58
N THR C 126 -35.04 -10.86 -35.92
CA THR C 126 -36.09 -11.75 -36.50
C THR C 126 -36.33 -12.91 -35.53
N TRP C 127 -37.43 -12.83 -34.77
CA TRP C 127 -37.81 -13.85 -33.77
C TRP C 127 -38.89 -14.73 -34.41
N THR C 128 -38.42 -15.72 -35.17
CA THR C 128 -39.24 -16.81 -35.74
C THR C 128 -39.70 -17.72 -34.61
N GLY C 129 -40.90 -18.27 -34.71
CA GLY C 129 -41.43 -19.37 -33.87
C GLY C 129 -41.57 -19.00 -32.39
N VAL C 130 -41.62 -17.71 -32.03
CA VAL C 130 -41.88 -17.24 -30.63
C VAL C 130 -42.88 -16.09 -30.63
N THR C 131 -43.48 -15.84 -29.46
CA THR C 131 -44.37 -14.70 -29.16
C THR C 131 -43.56 -13.60 -28.46
N GLN C 132 -43.69 -12.37 -28.97
CA GLN C 132 -42.93 -11.18 -28.52
C GLN C 132 -43.75 -10.44 -27.47
N ASN C 133 -43.11 -9.50 -26.76
CA ASN C 133 -43.80 -8.50 -25.89
C ASN C 133 -44.52 -9.24 -24.75
N GLY C 134 -43.77 -10.00 -23.95
CA GLY C 134 -44.26 -10.63 -22.71
C GLY C 134 -44.69 -9.59 -21.70
N GLY C 135 -45.77 -9.85 -20.95
CA GLY C 135 -46.40 -8.91 -20.01
C GLY C 135 -46.16 -9.31 -18.55
N SER C 136 -46.20 -8.32 -17.65
CA SER C 136 -46.17 -8.50 -16.17
C SER C 136 -47.12 -7.48 -15.52
N ASN C 137 -47.73 -7.85 -14.39
CA ASN C 137 -48.68 -7.01 -13.61
C ASN C 137 -47.94 -6.25 -12.50
N ALA C 138 -46.63 -6.51 -12.32
CA ALA C 138 -45.73 -5.77 -11.41
C ALA C 138 -45.05 -4.62 -12.16
N CYS C 139 -45.15 -4.60 -13.49
CA CYS C 139 -44.61 -3.55 -14.40
C CYS C 139 -45.73 -3.08 -15.35
N LYS C 140 -46.95 -2.88 -14.82
CA LYS C 140 -48.07 -2.32 -15.61
C LYS C 140 -47.53 -1.03 -16.24
N ARG C 141 -47.55 -0.94 -17.57
CA ARG C 141 -47.31 0.31 -18.34
C ARG C 141 -48.71 0.90 -18.58
N GLY C 142 -48.92 2.16 -18.19
CA GLY C 142 -50.24 2.81 -18.18
C GLY C 142 -51.23 1.99 -17.34
N PRO C 143 -52.44 1.66 -17.86
CA PRO C 143 -53.43 0.87 -17.12
C PRO C 143 -53.31 -0.66 -17.22
N GLY C 144 -52.79 -1.19 -18.34
CA GLY C 144 -52.65 -2.64 -18.63
C GLY C 144 -51.26 -3.14 -18.34
N SER C 145 -51.07 -4.47 -18.35
CA SER C 145 -49.79 -5.18 -18.11
C SER C 145 -48.70 -4.67 -19.08
N GLY C 146 -47.43 -4.78 -18.68
CA GLY C 146 -46.28 -4.28 -19.48
C GLY C 146 -44.94 -4.86 -19.05
N PHE C 147 -43.85 -4.19 -19.43
CA PHE C 147 -42.44 -4.58 -19.19
C PHE C 147 -41.51 -3.41 -19.52
N PHE C 148 -40.19 -3.58 -19.32
CA PHE C 148 -39.12 -2.63 -19.72
C PHE C 148 -39.16 -2.36 -21.22
N SER C 149 -38.59 -1.23 -21.66
CA SER C 149 -38.80 -0.60 -22.99
C SER C 149 -37.66 -0.89 -23.98
N ARG C 150 -36.58 -1.52 -23.54
CA ARG C 150 -35.41 -1.84 -24.40
C ARG C 150 -35.29 -3.35 -24.64
N LEU C 151 -36.10 -4.16 -23.95
CA LEU C 151 -35.95 -5.63 -23.87
C LEU C 151 -37.19 -6.31 -24.45
N ASN C 152 -37.03 -7.48 -25.05
CA ASN C 152 -38.16 -8.28 -25.58
C ASN C 152 -38.19 -9.62 -24.85
N TRP C 153 -39.25 -9.85 -24.06
CA TRP C 153 -39.52 -11.13 -23.35
C TRP C 153 -40.26 -12.06 -24.32
N LEU C 154 -39.51 -12.95 -24.96
CA LEU C 154 -40.04 -13.93 -25.94
C LEU C 154 -40.54 -15.15 -25.15
N THR C 155 -41.73 -15.66 -25.50
CA THR C 155 -42.34 -16.87 -24.89
C THR C 155 -42.71 -17.85 -26.01
N LYS C 156 -43.29 -19.01 -25.67
CA LYS C 156 -43.66 -20.07 -26.65
C LYS C 156 -44.81 -19.56 -27.53
N SER C 157 -44.72 -19.80 -28.84
CA SER C 157 -45.75 -19.44 -29.85
C SER C 157 -46.66 -20.66 -30.09
N GLY C 158 -47.74 -20.75 -29.31
CA GLY C 158 -48.74 -21.84 -29.39
C GLY C 158 -48.40 -22.97 -28.43
N SER C 159 -47.61 -23.95 -28.90
CA SER C 159 -47.08 -25.08 -28.10
C SER C 159 -45.68 -25.52 -28.57
N THR C 160 -44.90 -24.61 -29.18
CA THR C 160 -43.49 -24.85 -29.63
C THR C 160 -42.60 -23.70 -29.19
N TYR C 161 -41.30 -23.98 -28.96
CA TYR C 161 -40.22 -23.00 -28.73
C TYR C 161 -38.95 -23.51 -29.42
N PRO C 162 -38.64 -23.07 -30.66
CA PRO C 162 -37.41 -23.47 -31.32
C PRO C 162 -36.15 -22.82 -30.72
N VAL C 163 -34.98 -23.32 -31.12
CA VAL C 163 -33.66 -22.74 -30.72
C VAL C 163 -33.47 -21.42 -31.47
N LEU C 164 -33.62 -20.31 -30.77
CA LEU C 164 -33.34 -18.97 -31.30
C LEU C 164 -31.83 -18.86 -31.50
N ASN C 165 -31.42 -18.72 -32.77
CA ASN C 165 -30.01 -18.61 -33.24
C ASN C 165 -29.92 -17.41 -34.17
N VAL C 166 -29.51 -16.25 -33.65
CA VAL C 166 -29.47 -14.98 -34.45
C VAL C 166 -28.07 -14.38 -34.43
N THR C 167 -27.78 -13.60 -35.47
CA THR C 167 -26.42 -13.11 -35.80
C THR C 167 -26.53 -11.63 -36.16
N MET C 168 -25.49 -10.85 -35.84
CA MET C 168 -25.40 -9.42 -36.23
C MET C 168 -23.93 -9.02 -36.37
N PRO C 169 -23.49 -8.67 -37.60
CA PRO C 169 -22.16 -8.10 -37.81
C PRO C 169 -22.15 -6.61 -37.45
N ASN C 170 -21.01 -6.12 -36.97
CA ASN C 170 -20.77 -4.70 -36.59
C ASN C 170 -19.87 -4.10 -37.67
N ASN C 171 -20.46 -3.38 -38.62
CA ASN C 171 -19.79 -2.92 -39.87
C ASN C 171 -19.35 -1.46 -39.74
N ASP C 172 -19.71 -0.80 -38.64
CA ASP C 172 -19.59 0.68 -38.46
C ASP C 172 -18.24 0.97 -37.79
N ASN C 173 -18.05 2.21 -37.31
CA ASN C 173 -16.73 2.74 -36.83
C ASN C 173 -16.78 3.02 -35.32
N PHE C 174 -17.70 2.35 -34.61
CA PHE C 174 -17.87 2.46 -33.14
C PHE C 174 -18.19 1.07 -32.56
N ASP C 175 -18.09 0.96 -31.24
CA ASP C 175 -18.35 -0.28 -30.45
C ASP C 175 -19.83 -0.27 -30.06
N LYS C 176 -20.50 -1.43 -30.07
CA LYS C 176 -21.92 -1.53 -29.67
C LYS C 176 -22.02 -2.24 -28.32
N LEU C 177 -22.89 -1.72 -27.45
CA LEU C 177 -23.21 -2.27 -26.12
C LEU C 177 -24.56 -2.99 -26.19
N TYR C 178 -24.56 -4.31 -26.02
CA TYR C 178 -25.76 -5.18 -26.11
C TYR C 178 -26.13 -5.69 -24.72
N ILE C 179 -27.37 -5.44 -24.31
CA ILE C 179 -27.92 -5.75 -22.97
C ILE C 179 -28.97 -6.84 -23.15
N TRP C 180 -28.86 -7.93 -22.38
CA TRP C 180 -29.74 -9.14 -22.48
C TRP C 180 -29.89 -9.74 -21.08
N GLY C 181 -30.64 -10.82 -20.94
CA GLY C 181 -30.84 -11.50 -19.64
C GLY C 181 -31.45 -12.88 -19.76
N ILE C 182 -31.78 -13.45 -18.59
CA ILE C 182 -32.29 -14.83 -18.39
C ILE C 182 -33.39 -14.78 -17.33
N HIS C 183 -34.41 -15.63 -17.46
CA HIS C 183 -35.57 -15.72 -16.52
C HIS C 183 -35.36 -16.90 -15.57
N HIS C 184 -35.43 -16.66 -14.25
CA HIS C 184 -35.45 -17.72 -13.21
C HIS C 184 -36.89 -17.92 -12.74
N PRO C 185 -37.58 -19.03 -13.11
CA PRO C 185 -38.92 -19.31 -12.59
C PRO C 185 -38.94 -19.65 -11.08
N SER C 186 -40.15 -19.88 -10.57
CA SER C 186 -40.45 -20.28 -9.17
C SER C 186 -40.67 -21.80 -9.10
N THR C 187 -41.42 -22.35 -10.07
CA THR C 187 -41.75 -23.80 -10.19
C THR C 187 -41.53 -24.31 -11.62
N ASN C 188 -41.29 -25.61 -11.76
CA ASN C 188 -41.10 -26.30 -13.06
C ASN C 188 -42.38 -26.17 -13.90
N GLN C 189 -43.56 -26.14 -13.26
CA GLN C 189 -44.87 -25.98 -13.94
C GLN C 189 -44.87 -24.65 -14.71
N GLU C 190 -44.51 -23.55 -14.05
CA GLU C 190 -44.38 -22.19 -14.65
C GLU C 190 -43.34 -22.25 -15.78
N GLN C 191 -42.20 -22.89 -15.54
CA GLN C 191 -41.13 -23.08 -16.56
C GLN C 191 -41.78 -23.65 -17.82
N THR C 192 -42.48 -24.79 -17.71
CA THR C 192 -43.09 -25.52 -18.87
C THR C 192 -44.16 -24.63 -19.52
N SER C 193 -44.92 -23.87 -18.72
CA SER C 193 -46.02 -22.98 -19.19
C SER C 193 -45.49 -21.89 -20.12
N LEU C 194 -44.31 -21.32 -19.86
CA LEU C 194 -43.73 -20.26 -20.72
C LEU C 194 -42.81 -20.88 -21.77
N TYR C 195 -42.14 -21.99 -21.45
CA TYR C 195 -41.09 -22.63 -22.29
C TYR C 195 -41.28 -24.16 -22.27
N VAL C 196 -41.65 -24.75 -23.42
CA VAL C 196 -42.04 -26.19 -23.57
C VAL C 196 -40.96 -27.10 -22.96
N GLN C 197 -39.68 -26.77 -23.15
CA GLN C 197 -38.52 -27.51 -22.60
C GLN C 197 -38.48 -27.30 -21.08
N ALA C 198 -38.17 -28.35 -20.32
CA ALA C 198 -38.14 -28.38 -18.83
C ALA C 198 -36.84 -27.77 -18.28
N SER C 199 -35.95 -27.27 -19.15
CA SER C 199 -34.73 -26.49 -18.78
C SER C 199 -34.29 -25.59 -19.96
N GLY C 200 -33.73 -24.43 -19.63
CA GLY C 200 -33.25 -23.42 -20.60
C GLY C 200 -31.73 -23.32 -20.64
N ARG C 201 -31.21 -22.53 -21.58
CA ARG C 201 -29.76 -22.33 -21.82
C ARG C 201 -29.58 -21.11 -22.72
N VAL C 202 -28.65 -20.22 -22.37
CA VAL C 202 -28.36 -18.98 -23.14
C VAL C 202 -26.87 -18.93 -23.44
N THR C 203 -26.52 -18.95 -24.73
CA THR C 203 -25.15 -18.88 -25.26
C THR C 203 -25.02 -17.58 -26.05
N VAL C 204 -24.06 -16.74 -25.67
CA VAL C 204 -23.83 -15.41 -26.30
C VAL C 204 -22.35 -15.33 -26.64
N SER C 205 -22.03 -15.28 -27.94
CA SER C 205 -20.66 -15.46 -28.48
C SER C 205 -20.30 -14.35 -29.47
N THR C 206 -19.06 -13.87 -29.35
CA THR C 206 -18.32 -13.08 -30.38
C THR C 206 -17.20 -13.96 -30.92
N ARG C 207 -16.33 -13.41 -31.76
CA ARG C 207 -15.07 -14.07 -32.20
C ARG C 207 -14.07 -14.15 -31.04
N ARG C 208 -14.37 -13.57 -29.87
CA ARG C 208 -13.39 -13.38 -28.76
C ARG C 208 -13.91 -13.80 -27.38
N SER C 209 -15.14 -14.32 -27.23
CA SER C 209 -15.71 -14.72 -25.92
C SER C 209 -17.06 -15.44 -26.08
N GLN C 210 -17.48 -16.17 -25.03
CA GLN C 210 -18.83 -16.78 -24.94
C GLN C 210 -19.21 -16.97 -23.47
N GLN C 211 -20.48 -16.73 -23.14
CA GLN C 211 -21.07 -16.93 -21.79
C GLN C 211 -22.29 -17.84 -21.97
N THR C 212 -22.23 -19.05 -21.41
CA THR C 212 -23.39 -19.98 -21.36
C THR C 212 -23.89 -20.02 -19.91
N ILE C 213 -25.13 -19.58 -19.70
CA ILE C 213 -25.82 -19.63 -18.37
C ILE C 213 -27.09 -20.47 -18.53
N ILE C 214 -27.56 -21.03 -17.42
CA ILE C 214 -28.70 -21.98 -17.33
C ILE C 214 -29.60 -21.52 -16.18
N PRO C 215 -30.95 -21.58 -16.32
CA PRO C 215 -31.84 -21.11 -15.25
C PRO C 215 -31.75 -21.96 -13.98
N ASN C 216 -31.89 -21.31 -12.82
CA ASN C 216 -31.90 -21.91 -11.47
C ASN C 216 -33.34 -21.79 -10.94
N ILE C 217 -34.17 -22.81 -11.22
CA ILE C 217 -35.58 -22.88 -10.71
C ILE C 217 -35.48 -22.94 -9.19
N GLY C 218 -36.29 -22.12 -8.51
CA GLY C 218 -36.25 -21.93 -7.06
C GLY C 218 -37.29 -20.93 -6.60
N SER C 219 -37.76 -21.07 -5.36
CA SER C 219 -38.67 -20.14 -4.64
C SER C 219 -37.83 -19.07 -3.93
N ARG C 220 -38.24 -17.80 -4.01
CA ARG C 220 -37.59 -16.64 -3.37
C ARG C 220 -38.64 -15.76 -2.72
N PRO C 221 -38.26 -14.85 -1.78
CA PRO C 221 -39.22 -14.03 -1.04
C PRO C 221 -40.24 -13.27 -1.93
N TRP C 222 -41.46 -13.11 -1.43
CA TRP C 222 -42.51 -12.28 -2.09
C TRP C 222 -41.98 -10.85 -2.23
N VAL C 223 -41.84 -10.37 -3.46
CA VAL C 223 -41.43 -8.97 -3.80
C VAL C 223 -42.42 -8.42 -4.83
N ARG C 224 -43.30 -7.52 -4.40
CA ARG C 224 -44.37 -6.88 -5.21
C ARG C 224 -45.28 -7.95 -5.86
N GLY C 225 -45.38 -9.13 -5.25
CA GLY C 225 -46.27 -10.24 -5.66
C GLY C 225 -45.64 -11.19 -6.68
N LEU C 226 -44.31 -11.33 -6.69
CA LEU C 226 -43.57 -12.31 -7.55
C LEU C 226 -42.50 -13.03 -6.71
N SER C 227 -42.30 -14.32 -6.98
CA SER C 227 -41.24 -15.19 -6.40
C SER C 227 -40.22 -15.59 -7.47
N SER C 228 -40.35 -15.07 -8.70
CA SER C 228 -39.44 -15.28 -9.86
C SER C 228 -38.46 -14.10 -9.93
N ARG C 229 -37.35 -14.26 -10.66
CA ARG C 229 -36.30 -13.21 -10.82
C ARG C 229 -35.69 -13.24 -12.23
N ILE C 230 -35.14 -12.11 -12.66
CA ILE C 230 -34.43 -11.94 -13.97
C ILE C 230 -32.99 -11.47 -13.71
N SER C 231 -32.03 -12.20 -14.29
CA SER C 231 -30.58 -11.89 -14.23
C SER C 231 -30.16 -11.18 -15.52
N ILE C 232 -29.47 -10.05 -15.36
CA ILE C 232 -29.12 -9.12 -16.47
C ILE C 232 -27.63 -9.26 -16.75
N TYR C 233 -27.31 -9.48 -18.02
CA TYR C 233 -25.92 -9.65 -18.54
C TYR C 233 -25.68 -8.71 -19.71
N TRP C 234 -24.42 -8.45 -20.01
CA TRP C 234 -24.00 -7.54 -21.11
C TRP C 234 -22.78 -8.07 -21.84
N THR C 235 -22.64 -7.60 -23.08
CA THR C 235 -21.63 -8.02 -24.07
C THR C 235 -21.23 -6.78 -24.86
N ILE C 236 -19.95 -6.67 -25.22
CA ILE C 236 -19.34 -5.48 -25.87
C ILE C 236 -18.74 -5.93 -27.21
N VAL C 237 -19.34 -5.51 -28.32
CA VAL C 237 -18.91 -5.88 -29.70
C VAL C 237 -18.19 -4.67 -30.31
N LYS C 238 -17.00 -4.91 -30.89
CA LYS C 238 -16.12 -3.86 -31.46
C LYS C 238 -16.27 -3.85 -32.98
N PRO C 239 -15.85 -2.76 -33.68
CA PRO C 239 -15.93 -2.71 -35.14
C PRO C 239 -15.26 -3.90 -35.82
N GLY C 240 -16.00 -4.62 -36.66
CA GLY C 240 -15.51 -5.75 -37.48
C GLY C 240 -15.99 -7.10 -36.97
N ASP C 241 -16.50 -7.18 -35.74
CA ASP C 241 -16.88 -8.46 -35.06
C ASP C 241 -18.28 -8.89 -35.50
N VAL C 242 -18.74 -10.04 -34.98
CA VAL C 242 -20.12 -10.55 -35.14
C VAL C 242 -20.56 -11.11 -33.79
N LEU C 243 -21.87 -11.05 -33.50
CA LEU C 243 -22.48 -11.64 -32.29
C LEU C 243 -23.47 -12.73 -32.71
N VAL C 244 -23.52 -13.83 -31.96
CA VAL C 244 -24.39 -15.01 -32.24
C VAL C 244 -25.06 -15.44 -30.95
N ILE C 245 -26.37 -15.21 -30.83
CA ILE C 245 -27.16 -15.55 -29.62
C ILE C 245 -27.93 -16.84 -29.91
N ASN C 246 -27.57 -17.90 -29.19
CA ASN C 246 -28.28 -19.21 -29.21
C ASN C 246 -29.05 -19.33 -27.89
N SER C 247 -30.28 -19.86 -27.94
CA SER C 247 -31.06 -20.19 -26.71
C SER C 247 -32.19 -21.18 -27.03
N ASN C 248 -32.68 -21.86 -25.99
CA ASN C 248 -33.78 -22.85 -26.04
C ASN C 248 -34.79 -22.60 -24.91
N GLY C 249 -34.83 -21.38 -24.36
CA GLY C 249 -35.80 -20.96 -23.32
C GLY C 249 -35.19 -20.01 -22.29
N ASN C 250 -36.06 -19.31 -21.55
CA ASN C 250 -35.71 -18.36 -20.46
C ASN C 250 -34.72 -17.31 -20.99
N LEU C 251 -35.10 -16.61 -22.04
CA LEU C 251 -34.25 -15.59 -22.71
C LEU C 251 -34.98 -14.25 -22.73
N ILE C 252 -34.31 -13.18 -22.27
CA ILE C 252 -34.79 -11.77 -22.42
C ILE C 252 -33.93 -11.11 -23.50
N ALA C 253 -34.45 -11.04 -24.73
CA ALA C 253 -33.74 -10.56 -25.94
C ALA C 253 -33.56 -9.05 -25.88
N PRO C 254 -32.50 -8.51 -26.54
CA PRO C 254 -32.40 -7.07 -26.81
C PRO C 254 -33.27 -6.65 -28.00
N ARG C 255 -33.45 -5.34 -28.16
CA ARG C 255 -34.12 -4.68 -29.30
C ARG C 255 -33.20 -3.63 -29.96
N GLY C 256 -31.93 -3.54 -29.56
CA GLY C 256 -30.95 -2.60 -30.15
C GLY C 256 -29.63 -2.60 -29.40
N TYR C 257 -28.84 -1.54 -29.60
CA TYR C 257 -27.52 -1.29 -28.96
C TYR C 257 -27.48 0.17 -28.49
N PHE C 258 -26.68 0.49 -27.47
CA PHE C 258 -26.43 1.89 -27.04
C PHE C 258 -25.10 2.35 -27.65
N LYS C 259 -25.08 3.57 -28.20
CA LYS C 259 -23.86 4.24 -28.73
C LYS C 259 -22.93 4.56 -27.56
N MET C 260 -21.70 4.05 -27.60
CA MET C 260 -20.64 4.30 -26.60
C MET C 260 -19.83 5.51 -27.04
N ARG C 261 -19.36 6.29 -26.08
CA ARG C 261 -18.22 7.24 -26.26
C ARG C 261 -17.18 6.86 -25.21
N THR C 262 -16.21 7.73 -24.98
CA THR C 262 -15.37 7.80 -23.77
C THR C 262 -14.97 9.26 -23.55
N GLY C 263 -14.80 9.68 -22.29
CA GLY C 263 -14.35 11.05 -21.95
C GLY C 263 -14.37 11.31 -20.46
N LYS C 264 -14.80 12.51 -20.07
CA LYS C 264 -14.97 12.96 -18.66
C LYS C 264 -16.47 12.93 -18.30
N SER C 265 -16.93 11.80 -17.77
CA SER C 265 -18.32 11.56 -17.31
C SER C 265 -18.29 10.47 -16.24
N SER C 266 -19.26 10.47 -15.32
CA SER C 266 -19.18 9.79 -13.99
C SER C 266 -20.54 9.79 -13.28
N ILE C 267 -20.55 9.46 -11.99
CA ILE C 267 -21.78 9.28 -11.19
C ILE C 267 -21.44 9.54 -9.72
N MET C 268 -22.34 10.19 -8.96
CA MET C 268 -22.15 10.57 -7.53
C MET C 268 -23.47 10.45 -6.76
N ARG C 269 -23.49 9.75 -5.61
CA ARG C 269 -24.71 9.50 -4.80
C ARG C 269 -24.87 10.62 -3.75
N SER C 270 -26.03 11.30 -3.69
CA SER C 270 -26.29 12.44 -2.76
C SER C 270 -27.77 12.83 -2.68
N ASP C 271 -28.08 13.61 -1.63
CA ASP C 271 -29.44 14.07 -1.25
C ASP C 271 -29.44 15.59 -1.12
N ALA C 272 -28.68 16.26 -2.00
CA ALA C 272 -28.56 17.74 -2.07
C ALA C 272 -29.55 18.31 -3.09
N PRO C 273 -30.16 19.51 -2.86
CA PRO C 273 -30.93 20.20 -3.90
C PRO C 273 -30.11 20.81 -5.05
N ILE C 274 -30.82 21.42 -6.02
CA ILE C 274 -30.25 21.98 -7.28
C ILE C 274 -30.61 23.46 -7.39
N ASP C 275 -29.62 24.31 -7.68
CA ASP C 275 -29.70 25.80 -7.64
C ASP C 275 -29.49 26.37 -9.04
N THR C 276 -29.16 27.67 -9.14
CA THR C 276 -28.94 28.43 -10.40
C THR C 276 -27.69 29.31 -10.29
N CYS C 277 -26.67 28.85 -9.54
CA CYS C 277 -25.33 29.48 -9.40
C CYS C 277 -24.43 29.02 -10.56
N ILE C 278 -23.13 29.34 -10.49
CA ILE C 278 -22.06 28.71 -11.31
C ILE C 278 -20.99 28.11 -10.37
N SER C 279 -20.71 26.82 -10.49
CA SER C 279 -19.65 26.09 -9.74
C SER C 279 -19.23 24.84 -10.50
N GLU C 280 -17.92 24.54 -10.53
CA GLU C 280 -17.33 23.43 -11.32
C GLU C 280 -16.91 22.27 -10.41
N CYS C 281 -17.04 22.42 -9.10
CA CYS C 281 -16.45 21.52 -8.07
C CYS C 281 -17.58 20.94 -7.24
N ILE C 282 -18.03 19.74 -7.58
CA ILE C 282 -19.28 19.17 -7.01
C ILE C 282 -18.94 18.01 -6.09
N THR C 283 -19.44 18.03 -4.87
CA THR C 283 -19.29 16.95 -3.87
C THR C 283 -20.67 16.56 -3.35
N PRO C 284 -20.82 15.38 -2.71
CA PRO C 284 -22.08 15.00 -2.09
C PRO C 284 -22.55 15.87 -0.93
N ASN C 285 -21.76 16.84 -0.50
CA ASN C 285 -22.18 17.82 0.52
C ASN C 285 -22.69 19.08 -0.18
N GLY C 286 -22.30 19.29 -1.45
CA GLY C 286 -22.77 20.38 -2.31
C GLY C 286 -21.63 21.02 -3.09
N SER C 287 -21.82 22.27 -3.53
CA SER C 287 -20.84 23.04 -4.34
C SER C 287 -19.80 23.70 -3.42
N ILE C 288 -18.57 23.74 -3.88
CA ILE C 288 -17.39 24.27 -3.14
C ILE C 288 -16.70 25.25 -4.06
N PRO C 289 -16.43 26.50 -3.63
CA PRO C 289 -15.56 27.39 -4.40
C PRO C 289 -14.11 26.87 -4.38
N ASN C 290 -13.39 26.95 -5.50
CA ASN C 290 -12.09 26.25 -5.70
C ASN C 290 -10.92 27.21 -5.48
N ASP C 291 -11.17 28.38 -4.87
CA ASP C 291 -10.14 29.38 -4.44
C ASP C 291 -8.98 28.72 -3.68
N LYS C 292 -9.29 27.92 -2.68
CA LYS C 292 -8.31 27.37 -1.70
C LYS C 292 -7.48 26.26 -2.35
N PRO C 293 -6.30 25.91 -1.79
CA PRO C 293 -5.53 24.73 -2.22
C PRO C 293 -6.07 23.37 -1.77
N PHE C 294 -6.60 23.29 -0.55
CA PHE C 294 -7.11 22.05 0.09
C PHE C 294 -8.54 22.21 0.62
N GLN C 295 -9.31 21.13 0.68
CA GLN C 295 -10.70 21.12 1.25
C GLN C 295 -10.85 19.89 2.14
N ASN C 296 -11.65 20.01 3.21
CA ASN C 296 -11.86 18.94 4.23
C ASN C 296 -13.27 18.35 4.14
N VAL C 297 -14.02 18.62 3.07
CA VAL C 297 -15.50 18.46 3.09
C VAL C 297 -15.86 17.01 2.81
N ASN C 298 -15.27 16.43 1.77
CA ASN C 298 -15.39 14.99 1.50
C ASN C 298 -14.28 14.62 0.51
N LYS C 299 -14.04 13.33 0.30
CA LYS C 299 -12.92 12.86 -0.55
C LYS C 299 -13.35 12.90 -2.02
N ILE C 300 -14.51 12.35 -2.34
CA ILE C 300 -14.96 12.28 -3.75
C ILE C 300 -15.13 13.72 -4.24
N THR C 301 -14.53 14.05 -5.39
CA THR C 301 -14.63 15.37 -6.08
C THR C 301 -14.71 15.19 -7.61
N TYR C 302 -15.87 15.42 -8.22
CA TYR C 302 -16.03 15.64 -9.69
C TYR C 302 -15.50 17.03 -10.04
N GLY C 303 -15.18 17.28 -11.31
CA GLY C 303 -14.69 18.57 -11.80
C GLY C 303 -13.29 18.88 -11.26
N ALA C 304 -12.92 20.16 -11.20
CA ALA C 304 -11.61 20.61 -10.66
C ALA C 304 -11.79 21.08 -9.22
N CYS C 305 -11.13 20.43 -8.26
CA CYS C 305 -11.35 20.67 -6.81
C CYS C 305 -10.03 20.73 -6.07
N PRO C 306 -9.97 21.41 -4.90
CA PRO C 306 -8.81 21.32 -4.01
C PRO C 306 -8.60 19.89 -3.49
N LYS C 307 -7.37 19.51 -3.16
CA LYS C 307 -7.09 18.13 -2.71
C LYS C 307 -7.68 17.94 -1.32
N TYR C 308 -7.72 16.72 -0.78
CA TYR C 308 -8.33 16.44 0.54
C TYR C 308 -7.26 16.26 1.61
N VAL C 309 -7.34 17.02 2.71
CA VAL C 309 -6.45 16.88 3.90
C VAL C 309 -7.35 16.42 5.04
N LYS C 310 -6.80 16.08 6.20
CA LYS C 310 -7.62 15.51 7.30
C LYS C 310 -7.88 16.56 8.39
N GLN C 311 -7.36 17.77 8.23
CA GLN C 311 -7.36 18.77 9.32
C GLN C 311 -8.41 19.85 9.08
N ASN C 312 -8.77 20.60 10.14
CA ASN C 312 -9.86 21.61 10.14
C ASN C 312 -9.35 23.01 9.72
N THR C 313 -8.13 23.37 10.09
CA THR C 313 -7.53 24.70 9.76
C THR C 313 -6.03 24.56 9.48
N LEU C 314 -5.59 25.06 8.36
CA LEU C 314 -4.16 25.32 8.13
C LEU C 314 -4.10 26.83 7.94
N LYS C 315 -3.36 27.54 8.79
CA LYS C 315 -3.30 29.02 8.68
C LYS C 315 -1.94 29.38 8.11
N LEU C 316 -1.94 29.93 6.91
CA LEU C 316 -0.70 30.36 6.25
C LEU C 316 -0.58 31.84 6.53
N ALA C 317 0.60 32.25 6.96
CA ALA C 317 0.88 33.60 7.50
C ALA C 317 1.40 34.51 6.39
N THR C 318 1.09 35.81 6.48
CA THR C 318 1.27 36.81 5.40
C THR C 318 1.89 38.13 5.92
N GLY C 319 2.44 38.16 7.16
CA GLY C 319 2.96 39.38 7.83
C GLY C 319 3.47 39.14 9.24
N MET C 320 3.79 40.21 9.95
CA MET C 320 4.55 40.17 11.22
C MET C 320 3.82 39.45 12.37
N ARG C 321 4.60 39.08 13.37
CA ARG C 321 4.15 38.87 14.78
C ARG C 321 3.53 40.16 15.35
N ASN C 322 2.62 40.06 16.33
CA ASN C 322 1.96 41.24 16.97
C ASN C 322 2.70 41.64 18.27
N VAL C 323 3.73 42.49 18.17
CA VAL C 323 4.73 42.79 19.26
C VAL C 323 4.21 43.72 20.36
N PRO C 324 3.52 44.85 20.07
CA PRO C 324 3.55 46.02 20.95
C PRO C 324 2.62 46.03 22.16
N GLU C 325 2.90 46.99 23.02
CA GLU C 325 1.93 47.57 23.97
C GLU C 325 0.99 48.53 23.20
N LYS C 326 1.50 49.45 22.34
CA LYS C 326 0.69 50.53 21.69
C LYS C 326 1.34 51.05 20.39
N GLN C 327 0.52 51.65 19.53
CA GLN C 327 0.90 52.08 18.16
C GLN C 327 1.71 53.39 18.16
N THR C 328 2.40 53.64 17.04
CA THR C 328 3.08 54.93 16.70
C THR C 328 3.33 54.97 15.19
N ARG C 329 2.98 56.07 14.52
CA ARG C 329 3.01 56.19 13.03
C ARG C 329 4.44 56.25 12.46
N GLY C 330 4.54 55.98 11.14
CA GLY C 330 5.81 55.95 10.37
C GLY C 330 5.70 55.12 9.12
N LEU C 331 6.81 54.96 8.40
CA LEU C 331 6.89 54.05 7.22
C LEU C 331 6.97 52.58 7.70
N PHE C 332 6.81 51.61 6.80
CA PHE C 332 7.08 50.16 7.08
C PHE C 332 7.58 49.44 5.81
N GLY C 333 8.05 48.19 5.99
CA GLY C 333 8.68 47.38 4.93
C GLY C 333 7.70 46.56 4.10
N ALA C 334 8.11 45.34 3.71
CA ALA C 334 7.39 44.47 2.74
C ALA C 334 6.23 43.69 3.39
N ILE C 335 5.45 43.02 2.53
CA ILE C 335 4.32 42.10 2.88
C ILE C 335 4.50 40.80 2.07
N ALA C 336 3.97 39.66 2.53
CA ALA C 336 4.29 38.32 1.97
C ALA C 336 3.99 38.22 0.46
N GLY C 337 2.94 38.88 -0.04
CA GLY C 337 2.57 38.93 -1.47
C GLY C 337 2.40 37.55 -2.10
N PHE C 338 3.10 37.29 -3.22
CA PHE C 338 2.84 36.21 -4.20
C PHE C 338 2.98 34.78 -3.61
N ILE C 339 3.71 34.61 -2.51
CA ILE C 339 4.43 33.35 -2.15
C ILE C 339 3.49 32.14 -2.18
N GLU C 340 2.22 32.37 -1.83
CA GLU C 340 1.16 31.32 -1.76
C GLU C 340 1.11 30.47 -3.04
N ASN C 341 1.07 30.97 -4.28
CA ASN C 341 0.81 30.00 -5.37
C ASN C 341 2.07 29.17 -5.67
N GLY C 342 3.26 29.70 -5.36
CA GLY C 342 4.53 29.01 -5.63
C GLY C 342 4.58 27.69 -4.87
N TRP C 343 4.46 27.78 -3.54
CA TRP C 343 4.43 26.56 -2.70
C TRP C 343 3.24 25.72 -3.14
N GLU C 344 2.10 26.33 -3.47
CA GLU C 344 0.90 25.53 -3.82
C GLU C 344 1.35 24.53 -4.91
N GLY C 345 2.10 25.05 -5.88
CA GLY C 345 2.74 24.31 -6.99
C GLY C 345 3.32 22.98 -6.57
N MET C 346 4.25 22.98 -5.60
CA MET C 346 4.94 21.74 -5.14
C MET C 346 3.87 20.67 -4.89
N ILE C 347 3.03 20.86 -3.87
CA ILE C 347 2.15 19.77 -3.37
C ILE C 347 1.03 19.47 -4.35
N ASP C 348 0.49 20.47 -5.06
CA ASP C 348 -0.52 20.19 -6.11
C ASP C 348 0.08 19.21 -7.11
N GLY C 349 1.21 19.59 -7.70
CA GLY C 349 1.95 18.79 -8.70
C GLY C 349 1.90 17.31 -8.39
N TRP C 350 2.24 16.92 -7.16
CA TRP C 350 2.68 15.54 -6.81
C TRP C 350 1.58 14.74 -6.12
N TYR C 351 0.49 15.36 -5.70
CA TYR C 351 -0.63 14.62 -5.10
C TYR C 351 -1.24 13.75 -6.22
N GLY C 352 -1.99 12.72 -5.84
CA GLY C 352 -2.59 11.74 -6.78
C GLY C 352 -4.08 11.91 -6.92
N PHE C 353 -4.70 11.15 -7.83
CA PHE C 353 -6.16 10.91 -7.88
C PHE C 353 -6.43 9.54 -7.25
N ARG C 354 -7.61 9.34 -6.67
CA ARG C 354 -7.98 8.12 -5.90
C ARG C 354 -7.93 6.91 -6.83
N HIS C 355 -7.61 5.73 -6.27
CA HIS C 355 -7.96 4.43 -6.89
C HIS C 355 -9.42 4.15 -6.57
N GLN C 356 -10.23 3.94 -7.62
CA GLN C 356 -11.71 3.84 -7.53
C GLN C 356 -12.09 2.43 -7.06
N ASN C 357 -12.69 2.32 -5.87
CA ASN C 357 -13.37 1.06 -5.48
C ASN C 357 -14.27 0.68 -6.66
N SER C 358 -14.05 -0.48 -7.24
CA SER C 358 -14.66 -0.92 -8.51
C SER C 358 -15.36 -2.26 -8.28
N GLU C 359 -14.59 -3.29 -7.95
CA GLU C 359 -15.10 -4.67 -7.77
C GLU C 359 -16.22 -4.64 -6.72
N GLY C 360 -16.06 -3.86 -5.63
CA GLY C 360 -16.87 -4.10 -4.42
C GLY C 360 -16.88 -5.60 -4.18
N THR C 361 -18.07 -6.21 -4.11
CA THR C 361 -18.25 -7.67 -3.89
C THR C 361 -19.45 -8.21 -4.68
N GLY C 362 -19.51 -9.54 -4.85
CA GLY C 362 -20.62 -10.29 -5.49
C GLY C 362 -21.91 -10.19 -4.68
N GLN C 363 -21.83 -10.44 -3.37
CA GLN C 363 -22.91 -10.20 -2.35
C GLN C 363 -24.10 -11.14 -2.62
N ALA C 364 -23.84 -12.39 -2.98
CA ALA C 364 -24.87 -13.44 -3.24
C ALA C 364 -25.49 -13.90 -1.92
N ALA C 365 -26.83 -14.10 -1.91
CA ALA C 365 -27.64 -14.49 -0.74
C ALA C 365 -28.66 -15.56 -1.15
N ASP C 366 -28.20 -16.79 -1.36
CA ASP C 366 -29.04 -17.97 -1.74
C ASP C 366 -28.31 -19.28 -1.43
N LEU C 367 -29.08 -20.36 -1.24
CA LEU C 367 -28.59 -21.76 -1.22
C LEU C 367 -28.61 -22.31 -2.66
N LYS C 368 -27.42 -22.47 -3.27
CA LYS C 368 -27.24 -22.81 -4.71
C LYS C 368 -26.77 -24.27 -4.84
N SER C 369 -27.35 -25.17 -4.05
CA SER C 369 -27.02 -26.62 -4.03
C SER C 369 -27.72 -27.35 -5.18
N THR C 370 -27.35 -28.61 -5.40
CA THR C 370 -27.96 -29.57 -6.36
C THR C 370 -29.29 -30.08 -5.80
N GLN C 371 -30.19 -30.60 -6.67
CA GLN C 371 -31.59 -30.98 -6.30
C GLN C 371 -31.99 -32.31 -6.95
N ALA C 372 -31.97 -33.39 -6.16
CA ALA C 372 -32.61 -34.70 -6.43
C ALA C 372 -32.50 -35.58 -5.17
N ALA C 373 -33.59 -36.25 -4.77
CA ALA C 373 -33.67 -37.07 -3.53
C ALA C 373 -32.70 -38.26 -3.62
N ILE C 374 -32.73 -38.98 -4.74
CA ILE C 374 -31.82 -40.15 -5.02
C ILE C 374 -30.37 -39.64 -5.08
N ASP C 375 -30.15 -38.50 -5.74
CA ASP C 375 -28.79 -37.96 -6.04
C ASP C 375 -28.12 -37.42 -4.77
N GLN C 376 -28.87 -36.77 -3.87
CA GLN C 376 -28.31 -35.95 -2.75
C GLN C 376 -28.55 -36.59 -1.37
N ILE C 377 -29.62 -37.37 -1.15
CA ILE C 377 -29.97 -37.89 0.22
C ILE C 377 -30.14 -39.42 0.26
N ASN C 378 -29.86 -40.17 -0.82
CA ASN C 378 -29.92 -41.66 -0.84
C ASN C 378 -28.58 -42.27 -1.32
N GLY C 379 -27.89 -43.01 -0.45
CA GLY C 379 -26.73 -43.86 -0.80
C GLY C 379 -25.39 -43.14 -0.76
N LYS C 380 -24.35 -43.79 -1.28
CA LYS C 380 -22.96 -43.24 -1.42
C LYS C 380 -23.01 -41.98 -2.27
N LEU C 381 -23.73 -42.03 -3.40
CA LEU C 381 -23.92 -40.89 -4.36
C LEU C 381 -24.36 -39.67 -3.55
N ASN C 382 -25.36 -39.86 -2.68
CA ASN C 382 -25.87 -38.83 -1.75
C ASN C 382 -24.69 -38.13 -1.09
N ARG C 383 -23.86 -38.90 -0.38
CA ARG C 383 -22.78 -38.37 0.47
C ARG C 383 -21.88 -37.54 -0.45
N VAL C 384 -21.50 -38.10 -1.60
CA VAL C 384 -20.63 -37.43 -2.62
C VAL C 384 -21.25 -36.07 -2.94
N ILE C 385 -22.49 -36.07 -3.42
CA ILE C 385 -23.17 -34.82 -3.89
C ILE C 385 -23.20 -33.85 -2.71
N GLU C 386 -23.65 -34.32 -1.53
CA GLU C 386 -23.67 -33.49 -0.31
C GLU C 386 -22.27 -32.87 -0.14
N LYS C 387 -21.23 -33.71 -0.18
CA LYS C 387 -19.81 -33.29 0.00
C LYS C 387 -19.46 -32.23 -1.03
N THR C 388 -19.92 -32.37 -2.27
CA THR C 388 -19.57 -31.46 -3.39
C THR C 388 -20.16 -30.08 -3.11
N ASN C 389 -21.43 -30.02 -2.71
CA ASN C 389 -22.17 -28.77 -2.43
C ASN C 389 -21.49 -28.05 -1.26
N GLU C 390 -21.21 -28.81 -0.19
CA GLU C 390 -20.50 -28.29 1.02
C GLU C 390 -19.14 -27.75 0.58
N LYS C 391 -18.42 -28.50 -0.26
CA LYS C 391 -17.09 -28.09 -0.79
C LYS C 391 -17.24 -26.74 -1.50
N PHE C 392 -18.27 -26.58 -2.33
CA PHE C 392 -18.54 -25.31 -3.05
C PHE C 392 -18.86 -24.20 -2.03
N HIS C 393 -19.68 -24.49 -1.02
CA HIS C 393 -20.02 -23.53 0.07
C HIS C 393 -18.73 -23.05 0.73
N GLN C 394 -17.88 -24.01 1.11
CA GLN C 394 -16.49 -23.78 1.62
C GLN C 394 -15.79 -22.79 0.68
N ILE C 395 -15.76 -23.11 -0.62
CA ILE C 395 -15.09 -22.29 -1.67
C ILE C 395 -15.65 -20.86 -1.58
N GLU C 396 -16.98 -20.73 -1.59
CA GLU C 396 -17.70 -19.42 -1.59
C GLU C 396 -17.27 -18.60 -0.37
N LYS C 397 -17.29 -19.22 0.81
CA LYS C 397 -16.96 -18.56 2.10
C LYS C 397 -15.49 -18.13 2.08
N GLU C 398 -14.59 -19.04 1.67
CA GLU C 398 -13.15 -18.72 1.49
C GLU C 398 -13.04 -17.51 0.56
N PHE C 399 -13.76 -17.54 -0.57
CA PHE C 399 -13.75 -16.45 -1.57
C PHE C 399 -14.08 -15.13 -0.87
N SER C 400 -15.19 -15.11 -0.13
CA SER C 400 -15.68 -13.89 0.58
C SER C 400 -14.59 -13.41 1.55
N GLU C 401 -14.05 -14.33 2.37
CA GLU C 401 -12.94 -14.04 3.31
C GLU C 401 -11.85 -13.27 2.56
N VAL C 402 -11.36 -13.87 1.46
CA VAL C 402 -10.27 -13.32 0.61
C VAL C 402 -10.66 -11.91 0.14
N GLU C 403 -11.79 -11.77 -0.54
CA GLU C 403 -12.26 -10.49 -1.15
C GLU C 403 -12.33 -9.43 -0.05
N GLY C 404 -12.93 -9.78 1.08
CA GLY C 404 -12.99 -8.93 2.29
C GLY C 404 -11.61 -8.47 2.71
N ARG C 405 -10.66 -9.41 2.82
CA ARG C 405 -9.28 -9.11 3.24
C ARG C 405 -8.68 -8.10 2.26
N ILE C 406 -8.92 -8.29 0.95
CA ILE C 406 -8.38 -7.40 -0.11
C ILE C 406 -8.89 -5.99 0.13
N GLN C 407 -10.21 -5.87 0.34
CA GLN C 407 -10.93 -4.58 0.47
C GLN C 407 -10.51 -3.90 1.77
N ASP C 408 -10.26 -4.70 2.83
CA ASP C 408 -9.75 -4.21 4.13
C ASP C 408 -8.38 -3.56 3.89
N LEU C 409 -7.48 -4.32 3.27
CA LEU C 409 -6.13 -3.83 2.90
C LEU C 409 -6.28 -2.56 2.06
N GLU C 410 -7.20 -2.59 1.09
CA GLU C 410 -7.44 -1.46 0.14
C GLU C 410 -7.66 -0.20 0.98
N LYS C 411 -8.58 -0.29 1.93
CA LYS C 411 -8.91 0.81 2.89
C LYS C 411 -7.64 1.27 3.57
N TYR C 412 -6.85 0.33 4.11
CA TYR C 412 -5.66 0.65 4.93
C TYR C 412 -4.69 1.47 4.08
N VAL C 413 -4.38 1.02 2.87
CA VAL C 413 -3.48 1.73 1.92
C VAL C 413 -3.93 3.19 1.85
N GLU C 414 -5.21 3.37 1.50
CA GLU C 414 -5.84 4.69 1.25
C GLU C 414 -5.62 5.56 2.49
N ASP C 415 -6.03 5.07 3.65
CA ASP C 415 -5.95 5.84 4.91
C ASP C 415 -4.48 6.25 5.13
N THR C 416 -3.55 5.31 4.94
CA THR C 416 -2.11 5.56 5.12
C THR C 416 -1.74 6.77 4.26
N LYS C 417 -2.06 6.69 2.97
CA LYS C 417 -1.74 7.73 1.96
C LYS C 417 -2.11 9.11 2.52
N ILE C 418 -3.35 9.27 2.96
CA ILE C 418 -3.99 10.58 3.30
C ILE C 418 -3.23 11.22 4.43
N ASP C 419 -3.11 10.45 5.50
CA ASP C 419 -2.30 10.79 6.68
C ASP C 419 -1.00 11.40 6.18
N LEU C 420 -0.22 10.63 5.41
CA LEU C 420 1.19 10.99 5.10
C LEU C 420 1.20 12.34 4.37
N TRP C 421 0.25 12.52 3.46
CA TRP C 421 0.11 13.76 2.67
C TRP C 421 -0.27 14.90 3.60
N SER C 422 -1.19 14.67 4.52
CA SER C 422 -1.64 15.71 5.48
C SER C 422 -0.46 16.14 6.36
N TYR C 423 0.34 15.17 6.80
CA TYR C 423 1.57 15.46 7.57
C TYR C 423 2.47 16.35 6.70
N ASN C 424 2.64 16.02 5.42
CA ASN C 424 3.51 16.81 4.50
C ASN C 424 2.98 18.24 4.41
N ALA C 425 1.66 18.37 4.26
CA ALA C 425 0.97 19.66 4.08
C ALA C 425 1.20 20.50 5.33
N GLU C 426 1.03 19.91 6.50
CA GLU C 426 1.22 20.63 7.77
C GLU C 426 2.67 21.12 7.89
N LEU C 427 3.63 20.23 7.60
CA LEU C 427 5.09 20.54 7.66
C LEU C 427 5.40 21.73 6.73
N LEU C 428 4.87 21.70 5.50
CA LEU C 428 5.15 22.70 4.44
C LEU C 428 4.64 24.07 4.88
N VAL C 429 3.42 24.13 5.43
CA VAL C 429 2.78 25.38 5.93
C VAL C 429 3.67 25.94 7.02
N ALA C 430 4.10 25.07 7.92
CA ALA C 430 4.95 25.46 9.06
C ALA C 430 6.28 26.00 8.52
N LEU C 431 6.89 25.33 7.53
CA LEU C 431 8.21 25.75 6.98
C LEU C 431 8.09 27.18 6.44
N GLU C 432 7.05 27.43 5.65
CA GLU C 432 6.78 28.74 5.01
C GLU C 432 6.62 29.80 6.10
N ASN C 433 5.82 29.52 7.12
CA ASN C 433 5.51 30.49 8.19
C ASN C 433 6.78 30.80 8.97
N GLN C 434 7.59 29.78 9.29
CA GLN C 434 8.88 29.98 9.99
C GLN C 434 9.77 30.89 9.14
N HIS C 435 9.98 30.52 7.88
CA HIS C 435 10.80 31.28 6.91
C HIS C 435 10.25 32.71 6.80
N THR C 436 8.94 32.85 6.55
CA THR C 436 8.21 34.14 6.39
C THR C 436 8.49 35.03 7.60
N ILE C 437 8.30 34.50 8.81
CA ILE C 437 8.56 35.23 10.09
C ILE C 437 10.03 35.66 10.09
N ASP C 438 10.95 34.75 9.78
CA ASP C 438 12.41 35.04 9.84
C ASP C 438 12.77 36.09 8.77
N LEU C 439 12.15 35.99 7.59
CA LEU C 439 12.37 36.93 6.45
C LEU C 439 12.01 38.36 6.91
N THR C 440 10.77 38.55 7.33
CA THR C 440 10.22 39.88 7.73
C THR C 440 11.02 40.42 8.91
N ASP C 441 11.25 39.59 9.93
CA ASP C 441 11.99 39.94 11.17
C ASP C 441 13.38 40.50 10.78
N SER C 442 14.11 39.75 9.96
CA SER C 442 15.49 40.10 9.50
C SER C 442 15.44 41.45 8.77
N GLU C 443 14.51 41.60 7.83
CA GLU C 443 14.35 42.82 6.99
C GLU C 443 14.14 44.03 7.92
N MET C 444 13.23 43.93 8.88
CA MET C 444 12.92 45.02 9.84
C MET C 444 14.18 45.38 10.64
N ASN C 445 14.85 44.37 11.20
CA ASN C 445 16.01 44.54 12.11
C ASN C 445 17.12 45.26 11.35
N LYS C 446 17.44 44.78 10.14
CA LYS C 446 18.50 45.33 9.24
C LYS C 446 18.18 46.78 8.91
N LEU C 447 16.94 47.06 8.48
CA LEU C 447 16.46 48.41 8.09
C LEU C 447 16.57 49.36 9.28
N PHE C 448 16.14 48.91 10.46
CA PHE C 448 16.13 49.71 11.72
C PHE C 448 17.55 50.17 12.06
N GLU C 449 18.54 49.28 11.96
CA GLU C 449 19.94 49.60 12.35
C GLU C 449 20.61 50.41 11.23
N LYS C 450 20.20 50.20 9.96
CA LYS C 450 20.57 51.11 8.84
C LYS C 450 20.15 52.53 9.21
N THR C 451 18.90 52.67 9.69
CA THR C 451 18.33 53.96 10.19
C THR C 451 19.17 54.45 11.38
N ARG C 452 19.59 53.55 12.29
CA ARG C 452 20.41 53.91 13.49
C ARG C 452 21.73 54.54 13.06
N ARG C 453 22.40 53.96 12.05
CA ARG C 453 23.70 54.47 11.55
C ARG C 453 23.47 55.84 10.89
N GLN C 454 22.33 56.01 10.21
CA GLN C 454 21.88 57.31 9.63
C GLN C 454 21.55 58.31 10.75
N LEU C 455 20.99 57.86 11.88
CA LEU C 455 20.47 58.75 12.96
C LEU C 455 21.55 59.72 13.49
N ARG C 456 22.80 59.29 13.63
CA ARG C 456 23.90 60.14 14.15
C ARG C 456 23.57 60.69 15.55
N GLU C 457 23.01 59.84 16.43
CA GLU C 457 22.91 60.07 17.92
C GLU C 457 21.68 60.91 18.31
N ASN C 458 20.78 61.29 17.38
CA ASN C 458 19.64 62.20 17.69
C ASN C 458 18.56 61.45 18.50
N ALA C 459 18.29 60.17 18.17
CA ALA C 459 17.28 59.30 18.82
C ALA C 459 17.92 57.96 19.24
N GLU C 460 17.19 57.17 20.03
CA GLU C 460 17.65 55.87 20.60
C GLU C 460 16.46 54.91 20.70
N GLU C 461 16.65 53.63 20.37
CA GLU C 461 15.56 52.61 20.42
C GLU C 461 15.14 52.43 21.89
N MET C 462 13.84 52.39 22.14
CA MET C 462 13.23 52.20 23.49
C MET C 462 13.26 50.71 23.88
N GLY C 463 13.44 49.81 22.91
CA GLY C 463 13.60 48.35 23.11
C GLY C 463 12.58 47.50 22.36
N ASN C 464 11.63 48.12 21.65
CA ASN C 464 10.50 47.45 20.95
C ASN C 464 10.64 47.67 19.43
N GLY C 465 11.88 47.73 18.94
CA GLY C 465 12.21 48.05 17.53
C GLY C 465 11.72 49.43 17.11
N CYS C 466 11.62 50.38 18.06
CA CYS C 466 11.21 51.77 17.77
C CYS C 466 12.14 52.77 18.46
N PHE C 467 12.39 53.86 17.76
CA PHE C 467 13.23 54.97 18.23
C PHE C 467 12.39 55.95 19.05
N LYS C 468 12.73 56.07 20.34
CA LYS C 468 12.45 57.26 21.19
C LYS C 468 13.28 58.43 20.64
N ILE C 469 12.62 59.45 20.09
CA ILE C 469 13.27 60.71 19.60
C ILE C 469 13.22 61.71 20.76
N TYR C 470 14.36 62.30 21.11
CA TYR C 470 14.52 63.27 22.24
C TYR C 470 13.97 64.64 21.82
N HIS C 471 14.20 65.02 20.55
CA HIS C 471 13.80 66.32 19.96
C HIS C 471 12.55 66.17 19.09
N LYS C 472 11.95 67.30 18.69
CA LYS C 472 10.85 67.37 17.69
C LYS C 472 11.48 67.71 16.33
N CYS C 473 10.74 67.46 15.24
CA CYS C 473 11.07 67.88 13.86
C CYS C 473 9.86 67.70 12.93
N ASP C 474 9.67 68.63 11.99
CA ASP C 474 8.53 68.65 11.04
C ASP C 474 8.72 67.54 9.99
N ASN C 475 7.71 67.30 9.14
CA ASN C 475 7.60 66.16 8.20
C ASN C 475 8.82 66.11 7.26
N ALA C 476 9.50 67.24 7.03
CA ALA C 476 10.78 67.36 6.28
C ALA C 476 11.81 66.36 6.81
N CYS C 477 11.97 66.25 8.14
CA CYS C 477 12.91 65.31 8.81
C CYS C 477 12.49 63.86 8.51
N ILE C 478 11.19 63.57 8.55
CA ILE C 478 10.61 62.20 8.33
C ILE C 478 10.86 61.79 6.87
N GLU C 479 10.68 62.72 5.93
CA GLU C 479 10.99 62.53 4.47
C GLU C 479 12.48 62.23 4.29
N SER C 480 13.35 63.05 4.89
CA SER C 480 14.84 62.92 4.88
C SER C 480 15.26 61.53 5.41
N ILE C 481 14.60 61.04 6.46
CA ILE C 481 14.82 59.67 7.02
C ILE C 481 14.36 58.62 6.00
N ARG C 482 13.18 58.81 5.39
CA ARG C 482 12.54 57.89 4.39
C ARG C 482 13.43 57.69 3.16
N ASN C 483 14.18 58.72 2.75
CA ASN C 483 15.06 58.72 1.55
C ASN C 483 16.52 58.44 1.95
N GLY C 484 16.82 58.34 3.25
CA GLY C 484 18.14 58.00 3.80
C GLY C 484 19.18 59.10 3.59
N THR C 485 18.73 60.35 3.38
CA THR C 485 19.59 61.55 3.20
C THR C 485 19.37 62.48 4.41
N TYR C 486 20.18 62.30 5.46
CA TYR C 486 20.03 62.97 6.78
C TYR C 486 21.40 63.48 7.27
N ASP C 487 21.40 64.67 7.87
CA ASP C 487 22.56 65.28 8.60
C ASP C 487 22.07 65.74 9.97
N HIS C 488 22.93 65.71 11.00
CA HIS C 488 22.54 65.93 12.42
C HIS C 488 22.80 67.37 12.89
N ASP C 489 23.22 68.29 11.99
CA ASP C 489 23.66 69.67 12.36
C ASP C 489 22.50 70.45 13.00
N VAL C 490 21.27 70.25 12.52
CA VAL C 490 20.05 71.02 12.94
C VAL C 490 19.81 70.81 14.44
N TYR C 491 20.22 69.67 15.01
CA TYR C 491 19.91 69.28 16.42
C TYR C 491 21.18 69.26 17.27
N ARG C 492 22.25 69.92 16.82
CA ARG C 492 23.58 69.91 17.48
C ARG C 492 23.49 70.62 18.83
N ASP C 493 22.97 71.85 18.83
CA ASP C 493 22.86 72.75 20.01
C ASP C 493 22.03 72.06 21.10
N GLU C 494 20.84 71.54 20.73
CA GLU C 494 19.89 70.85 21.62
C GLU C 494 20.57 69.63 22.28
N ALA C 495 21.21 68.77 21.47
CA ALA C 495 21.88 67.52 21.92
C ALA C 495 23.03 67.87 22.87
N LEU C 496 23.86 68.85 22.52
CA LEU C 496 24.98 69.34 23.38
C LEU C 496 24.43 69.78 24.74
N ASN C 497 23.34 70.56 24.76
CA ASN C 497 22.69 71.08 25.99
C ASN C 497 22.21 69.89 26.85
N ASN C 498 21.56 68.90 26.23
CA ASN C 498 21.05 67.67 26.92
C ASN C 498 22.24 66.88 27.49
N ARG C 499 23.32 66.74 26.70
CA ARG C 499 24.53 65.95 27.06
C ARG C 499 25.25 66.65 28.21
#